data_5GP7
# 
_entry.id   5GP7 
# 
_audit_conform.dict_name       mmcif_pdbx.dic 
_audit_conform.dict_version    5.380 
_audit_conform.dict_location   http://mmcif.pdb.org/dictionaries/ascii/mmcif_pdbx.dic 
# 
loop_
_database_2.database_id 
_database_2.database_code 
_database_2.pdbx_database_accession 
_database_2.pdbx_DOI 
PDB   5GP7         pdb_00005gp7 10.2210/pdb5gp7/pdb 
WWPDB D_1300001218 ?            ?                   
# 
_pdbx_database_status.status_code                     REL 
_pdbx_database_status.status_code_sf                  REL 
_pdbx_database_status.status_code_mr                  ? 
_pdbx_database_status.entry_id                        5GP7 
_pdbx_database_status.recvd_initial_deposition_date   2016-08-01 
_pdbx_database_status.SG_entry                        N 
_pdbx_database_status.deposit_site                    PDBJ 
_pdbx_database_status.process_site                    PDBJ 
_pdbx_database_status.status_code_cs                  ? 
_pdbx_database_status.methods_development_category    ? 
_pdbx_database_status.pdb_format_compatible           Y 
_pdbx_database_status.status_code_nmr_data            ? 
# 
loop_
_audit_author.name 
_audit_author.pdbx_ordinal 
'Liu, J.' 1 
'Xu, D.'  2 
'Fu, T.'  3 
'Pan, L.' 4 
# 
_citation.abstract                  ? 
_citation.abstract_id_CAS           ? 
_citation.book_id_ISBN              ? 
_citation.book_publisher            ? 
_citation.book_publisher_city       ? 
_citation.book_title                ? 
_citation.coordinate_linkage        ? 
_citation.country                   US 
_citation.database_id_Medline       ? 
_citation.details                   ? 
_citation.id                        primary 
_citation.journal_abbrev            'Genes Dev.' 
_citation.journal_id_ASTM           GEDEEP 
_citation.journal_id_CSD            2056 
_citation.journal_id_ISSN           1549-5477 
_citation.journal_full              ? 
_citation.journal_issue             ? 
_citation.journal_volume            31 
_citation.language                  ? 
_citation.page_first                1024 
_citation.page_last                 1035 
_citation.title                     'USP25 regulates Wnt signaling by controlling the stability of tankyrases' 
_citation.year                      2017 
_citation.database_id_CSD           ? 
_citation.pdbx_database_id_DOI      10.1101/gad.300889.117 
_citation.pdbx_database_id_PubMed   28619731 
_citation.unpublished_flag          ? 
# 
loop_
_citation_author.citation_id 
_citation_author.name 
_citation_author.ordinal 
_citation_author.identifier_ORCID 
primary 'Xu, D.'   1 ? 
primary 'Liu, J.'  2 ? 
primary 'Fu, T.'   3 ? 
primary 'Shan, B.' 4 ? 
primary 'Qian, L.' 5 ? 
primary 'Pan, L.'  6 ? 
primary 'Yuan, J.' 7 ? 
# 
_cell.angle_alpha                  90.00 
_cell.angle_alpha_esd              ? 
_cell.angle_beta                   100.68 
_cell.angle_beta_esd               ? 
_cell.angle_gamma                  90.00 
_cell.angle_gamma_esd              ? 
_cell.entry_id                     5GP7 
_cell.details                      ? 
_cell.formula_units_Z              ? 
_cell.length_a                     35.506 
_cell.length_a_esd                 ? 
_cell.length_b                     59.242 
_cell.length_b_esd                 ? 
_cell.length_c                     39.995 
_cell.length_c_esd                 ? 
_cell.volume                       ? 
_cell.volume_esd                   ? 
_cell.Z_PDB                        2 
_cell.reciprocal_angle_alpha       ? 
_cell.reciprocal_angle_beta        ? 
_cell.reciprocal_angle_gamma       ? 
_cell.reciprocal_angle_alpha_esd   ? 
_cell.reciprocal_angle_beta_esd    ? 
_cell.reciprocal_angle_gamma_esd   ? 
_cell.reciprocal_length_a          ? 
_cell.reciprocal_length_b          ? 
_cell.reciprocal_length_c          ? 
_cell.reciprocal_length_a_esd      ? 
_cell.reciprocal_length_b_esd      ? 
_cell.reciprocal_length_c_esd      ? 
_cell.pdbx_unique_axis             ? 
# 
_symmetry.entry_id                         5GP7 
_symmetry.cell_setting                     ? 
_symmetry.Int_Tables_number                4 
_symmetry.space_group_name_Hall            ? 
_symmetry.space_group_name_H-M             'P 1 21 1' 
_symmetry.pdbx_full_space_group_name_H-M   ? 
# 
loop_
_entity.id 
_entity.type 
_entity.src_method 
_entity.pdbx_description 
_entity.formula_weight 
_entity.pdbx_number_of_molecules 
_entity.pdbx_ec 
_entity.pdbx_mutation 
_entity.pdbx_fragment 
_entity.details 
1 polymer     man Tankyrase-1                                18149.496 1   2.4.2.30 ? 'UNP residues 799-957'   ? 
2 polymer     man 'Ubiquitin carboxyl-terminal hydrolase 25' 1061.152  1   ?        ? 'UNP residues 1046-1055' ? 
3 non-polymer syn GLYCEROL                                   92.094    2   ?        ? ?                        ? 
4 water       nat water                                      18.015    245 ?        ? ?                        ? 
# 
_entity_name_com.entity_id   2 
_entity_name_com.name        USP25 
# 
loop_
_entity_poly.entity_id 
_entity_poly.type 
_entity_poly.nstd_linkage 
_entity_poly.nstd_monomer 
_entity_poly.pdbx_seq_one_letter_code 
_entity_poly.pdbx_seq_one_letter_code_can 
_entity_poly.pdbx_strand_id 
_entity_poly.pdbx_target_identifier 
1 'polypeptide(L)' no no 
;GPGSDLLRGDAALLDAAKKGCLARVQKLCTPENINCRDTQGRNSTPLHLAAGYNNLEVAEYLLEHGADVNAQDKGGLIPL
HNAASYGHVDIAALLIKYNTCVNATDKWAFTPLHEAAQKGRTQLCALLLAHGADPTMKNQEGQTPLDLATADDIRALLID
AMPENLYFQ
;
;GPGSDLLRGDAALLDAAKKGCLARVQKLCTPENINCRDTQGRNSTPLHLAAGYNNLEVAEYLLEHGADVNAQDKGGLIPL
HNAASYGHVDIAALLIKYNTCVNATDKWAFTPLHEAAQKGRTQLCALLLAHGADPTMKNQEGQTPLDLATADDIRALLID
AMPENLYFQ
;
A ? 
2 'polypeptide(L)' no no SLSRTPADGR SLSRTPADGR B ? 
# 
loop_
_entity_poly_seq.entity_id 
_entity_poly_seq.num 
_entity_poly_seq.mon_id 
_entity_poly_seq.hetero 
1 1   GLY n 
1 2   PRO n 
1 3   GLY n 
1 4   SER n 
1 5   ASP n 
1 6   LEU n 
1 7   LEU n 
1 8   ARG n 
1 9   GLY n 
1 10  ASP n 
1 11  ALA n 
1 12  ALA n 
1 13  LEU n 
1 14  LEU n 
1 15  ASP n 
1 16  ALA n 
1 17  ALA n 
1 18  LYS n 
1 19  LYS n 
1 20  GLY n 
1 21  CYS n 
1 22  LEU n 
1 23  ALA n 
1 24  ARG n 
1 25  VAL n 
1 26  GLN n 
1 27  LYS n 
1 28  LEU n 
1 29  CYS n 
1 30  THR n 
1 31  PRO n 
1 32  GLU n 
1 33  ASN n 
1 34  ILE n 
1 35  ASN n 
1 36  CYS n 
1 37  ARG n 
1 38  ASP n 
1 39  THR n 
1 40  GLN n 
1 41  GLY n 
1 42  ARG n 
1 43  ASN n 
1 44  SER n 
1 45  THR n 
1 46  PRO n 
1 47  LEU n 
1 48  HIS n 
1 49  LEU n 
1 50  ALA n 
1 51  ALA n 
1 52  GLY n 
1 53  TYR n 
1 54  ASN n 
1 55  ASN n 
1 56  LEU n 
1 57  GLU n 
1 58  VAL n 
1 59  ALA n 
1 60  GLU n 
1 61  TYR n 
1 62  LEU n 
1 63  LEU n 
1 64  GLU n 
1 65  HIS n 
1 66  GLY n 
1 67  ALA n 
1 68  ASP n 
1 69  VAL n 
1 70  ASN n 
1 71  ALA n 
1 72  GLN n 
1 73  ASP n 
1 74  LYS n 
1 75  GLY n 
1 76  GLY n 
1 77  LEU n 
1 78  ILE n 
1 79  PRO n 
1 80  LEU n 
1 81  HIS n 
1 82  ASN n 
1 83  ALA n 
1 84  ALA n 
1 85  SER n 
1 86  TYR n 
1 87  GLY n 
1 88  HIS n 
1 89  VAL n 
1 90  ASP n 
1 91  ILE n 
1 92  ALA n 
1 93  ALA n 
1 94  LEU n 
1 95  LEU n 
1 96  ILE n 
1 97  LYS n 
1 98  TYR n 
1 99  ASN n 
1 100 THR n 
1 101 CYS n 
1 102 VAL n 
1 103 ASN n 
1 104 ALA n 
1 105 THR n 
1 106 ASP n 
1 107 LYS n 
1 108 TRP n 
1 109 ALA n 
1 110 PHE n 
1 111 THR n 
1 112 PRO n 
1 113 LEU n 
1 114 HIS n 
1 115 GLU n 
1 116 ALA n 
1 117 ALA n 
1 118 GLN n 
1 119 LYS n 
1 120 GLY n 
1 121 ARG n 
1 122 THR n 
1 123 GLN n 
1 124 LEU n 
1 125 CYS n 
1 126 ALA n 
1 127 LEU n 
1 128 LEU n 
1 129 LEU n 
1 130 ALA n 
1 131 HIS n 
1 132 GLY n 
1 133 ALA n 
1 134 ASP n 
1 135 PRO n 
1 136 THR n 
1 137 MET n 
1 138 LYS n 
1 139 ASN n 
1 140 GLN n 
1 141 GLU n 
1 142 GLY n 
1 143 GLN n 
1 144 THR n 
1 145 PRO n 
1 146 LEU n 
1 147 ASP n 
1 148 LEU n 
1 149 ALA n 
1 150 THR n 
1 151 ALA n 
1 152 ASP n 
1 153 ASP n 
1 154 ILE n 
1 155 ARG n 
1 156 ALA n 
1 157 LEU n 
1 158 LEU n 
1 159 ILE n 
1 160 ASP n 
1 161 ALA n 
1 162 MET n 
1 163 PRO n 
1 164 GLU n 
1 165 ASN n 
1 166 LEU n 
1 167 TYR n 
1 168 PHE n 
1 169 GLN n 
2 1   SER n 
2 2   LEU n 
2 3   SER n 
2 4   ARG n 
2 5   THR n 
2 6   PRO n 
2 7   ALA n 
2 8   ASP n 
2 9   GLY n 
2 10  ARG n 
# 
loop_
_entity_src_gen.entity_id 
_entity_src_gen.pdbx_src_id 
_entity_src_gen.pdbx_alt_source_flag 
_entity_src_gen.pdbx_seq_type 
_entity_src_gen.pdbx_beg_seq_num 
_entity_src_gen.pdbx_end_seq_num 
_entity_src_gen.gene_src_common_name 
_entity_src_gen.gene_src_genus 
_entity_src_gen.pdbx_gene_src_gene 
_entity_src_gen.gene_src_species 
_entity_src_gen.gene_src_strain 
_entity_src_gen.gene_src_tissue 
_entity_src_gen.gene_src_tissue_fraction 
_entity_src_gen.gene_src_details 
_entity_src_gen.pdbx_gene_src_fragment 
_entity_src_gen.pdbx_gene_src_scientific_name 
_entity_src_gen.pdbx_gene_src_ncbi_taxonomy_id 
_entity_src_gen.pdbx_gene_src_variant 
_entity_src_gen.pdbx_gene_src_cell_line 
_entity_src_gen.pdbx_gene_src_atcc 
_entity_src_gen.pdbx_gene_src_organ 
_entity_src_gen.pdbx_gene_src_organelle 
_entity_src_gen.pdbx_gene_src_cell 
_entity_src_gen.pdbx_gene_src_cellular_location 
_entity_src_gen.host_org_common_name 
_entity_src_gen.pdbx_host_org_scientific_name 
_entity_src_gen.pdbx_host_org_ncbi_taxonomy_id 
_entity_src_gen.host_org_genus 
_entity_src_gen.pdbx_host_org_gene 
_entity_src_gen.pdbx_host_org_organ 
_entity_src_gen.host_org_species 
_entity_src_gen.pdbx_host_org_tissue 
_entity_src_gen.pdbx_host_org_tissue_fraction 
_entity_src_gen.pdbx_host_org_strain 
_entity_src_gen.pdbx_host_org_variant 
_entity_src_gen.pdbx_host_org_cell_line 
_entity_src_gen.pdbx_host_org_atcc 
_entity_src_gen.pdbx_host_org_culture_collection 
_entity_src_gen.pdbx_host_org_cell 
_entity_src_gen.pdbx_host_org_organelle 
_entity_src_gen.pdbx_host_org_cellular_location 
_entity_src_gen.pdbx_host_org_vector_type 
_entity_src_gen.pdbx_host_org_vector 
_entity_src_gen.host_org_details 
_entity_src_gen.expression_system_id 
_entity_src_gen.plasmid_name 
_entity_src_gen.plasmid_details 
_entity_src_gen.pdbx_description 
1 1 sample 'Biological sequence' 1 169 Human ? TNKS  ? ? ? ? ? ? 'Homo sapiens' 9606 ? ? ? ? ? ? ? ? 'Escherichia coli' 562 ? ? ? 
? ? ? ? ? ? ? ? ? ? ? ? ? ? ? ? ? ? 
2 1 sample 'Biological sequence' 1 10  Human ? USP25 ? ? ? ? ? ? 'Homo sapiens' 9606 ? ? ? ? ? ? ? ? 'Escherichia coli' 562 ? ? ? 
? ? ? ? ? ? ? ? ? ? ? ? ? ? ? ? ? ? 
# 
loop_
_struct_ref.id 
_struct_ref.db_name 
_struct_ref.db_code 
_struct_ref.pdbx_db_accession 
_struct_ref.pdbx_db_isoform 
_struct_ref.entity_id 
_struct_ref.pdbx_seq_one_letter_code 
_struct_ref.pdbx_align_begin 
1 UNP TNKS1_HUMAN O95271 ? 1 
;DLLRGDAALLDAAKKGCLARVQKLCTPENINCRDTQGRNSTPLHLAAGYNNLEVAEYLLEHGADVNAQDKGGLIPLHNAA
SYGHVDIAALLIKYNTCVNATDKWAFTPLHEAAQKGRTQLCALLLAHGADPTMKNQEGQTPLDLATADDIRALLIDAMP
;
799  
2 UNP UBP25_HUMAN Q9UHP3 ? 2 SLSRTPADGR 1046 
# 
loop_
_struct_ref_seq.align_id 
_struct_ref_seq.ref_id 
_struct_ref_seq.pdbx_PDB_id_code 
_struct_ref_seq.pdbx_strand_id 
_struct_ref_seq.seq_align_beg 
_struct_ref_seq.pdbx_seq_align_beg_ins_code 
_struct_ref_seq.seq_align_end 
_struct_ref_seq.pdbx_seq_align_end_ins_code 
_struct_ref_seq.pdbx_db_accession 
_struct_ref_seq.db_align_beg 
_struct_ref_seq.pdbx_db_align_beg_ins_code 
_struct_ref_seq.db_align_end 
_struct_ref_seq.pdbx_db_align_end_ins_code 
_struct_ref_seq.pdbx_auth_seq_align_beg 
_struct_ref_seq.pdbx_auth_seq_align_end 
1 1 5GP7 A 5 ? 163 ? O95271 799  ? 957  ? 799  957  
2 2 5GP7 B 1 ? 10  ? Q9UHP3 1046 ? 1055 ? 1046 1055 
# 
loop_
_struct_ref_seq_dif.align_id 
_struct_ref_seq_dif.pdbx_pdb_id_code 
_struct_ref_seq_dif.mon_id 
_struct_ref_seq_dif.pdbx_pdb_strand_id 
_struct_ref_seq_dif.seq_num 
_struct_ref_seq_dif.pdbx_pdb_ins_code 
_struct_ref_seq_dif.pdbx_seq_db_name 
_struct_ref_seq_dif.pdbx_seq_db_accession_code 
_struct_ref_seq_dif.db_mon_id 
_struct_ref_seq_dif.pdbx_seq_db_seq_num 
_struct_ref_seq_dif.details 
_struct_ref_seq_dif.pdbx_auth_seq_num 
_struct_ref_seq_dif.pdbx_ordinal 
1 5GP7 GLY A 1   ? UNP O95271 ? ? 'expression tag' 795 1  
1 5GP7 PRO A 2   ? UNP O95271 ? ? 'expression tag' 796 2  
1 5GP7 GLY A 3   ? UNP O95271 ? ? 'expression tag' 797 3  
1 5GP7 SER A 4   ? UNP O95271 ? ? 'expression tag' 798 4  
1 5GP7 GLU A 164 ? UNP O95271 ? ? 'expression tag' 958 5  
1 5GP7 ASN A 165 ? UNP O95271 ? ? 'expression tag' 959 6  
1 5GP7 LEU A 166 ? UNP O95271 ? ? 'expression tag' 960 7  
1 5GP7 TYR A 167 ? UNP O95271 ? ? 'expression tag' 961 8  
1 5GP7 PHE A 168 ? UNP O95271 ? ? 'expression tag' 962 9  
1 5GP7 GLN A 169 ? UNP O95271 ? ? 'expression tag' 963 10 
# 
loop_
_chem_comp.id 
_chem_comp.type 
_chem_comp.mon_nstd_flag 
_chem_comp.name 
_chem_comp.pdbx_synonyms 
_chem_comp.formula 
_chem_comp.formula_weight 
ALA 'L-peptide linking' y ALANINE         ?                               'C3 H7 N O2'     89.093  
ARG 'L-peptide linking' y ARGININE        ?                               'C6 H15 N4 O2 1' 175.209 
ASN 'L-peptide linking' y ASPARAGINE      ?                               'C4 H8 N2 O3'    132.118 
ASP 'L-peptide linking' y 'ASPARTIC ACID' ?                               'C4 H7 N O4'     133.103 
CYS 'L-peptide linking' y CYSTEINE        ?                               'C3 H7 N O2 S'   121.158 
GLN 'L-peptide linking' y GLUTAMINE       ?                               'C5 H10 N2 O3'   146.144 
GLU 'L-peptide linking' y 'GLUTAMIC ACID' ?                               'C5 H9 N O4'     147.129 
GLY 'peptide linking'   y GLYCINE         ?                               'C2 H5 N O2'     75.067  
GOL non-polymer         . GLYCEROL        'GLYCERIN; PROPANE-1,2,3-TRIOL' 'C3 H8 O3'       92.094  
HIS 'L-peptide linking' y HISTIDINE       ?                               'C6 H10 N3 O2 1' 156.162 
HOH non-polymer         . WATER           ?                               'H2 O'           18.015  
ILE 'L-peptide linking' y ISOLEUCINE      ?                               'C6 H13 N O2'    131.173 
LEU 'L-peptide linking' y LEUCINE         ?                               'C6 H13 N O2'    131.173 
LYS 'L-peptide linking' y LYSINE          ?                               'C6 H15 N2 O2 1' 147.195 
MET 'L-peptide linking' y METHIONINE      ?                               'C5 H11 N O2 S'  149.211 
PHE 'L-peptide linking' y PHENYLALANINE   ?                               'C9 H11 N O2'    165.189 
PRO 'L-peptide linking' y PROLINE         ?                               'C5 H9 N O2'     115.130 
SER 'L-peptide linking' y SERINE          ?                               'C3 H7 N O3'     105.093 
THR 'L-peptide linking' y THREONINE       ?                               'C4 H9 N O3'     119.119 
TRP 'L-peptide linking' y TRYPTOPHAN      ?                               'C11 H12 N2 O2'  204.225 
TYR 'L-peptide linking' y TYROSINE        ?                               'C9 H11 N O3'    181.189 
VAL 'L-peptide linking' y VALINE          ?                               'C5 H11 N O2'    117.146 
# 
_exptl.absorpt_coefficient_mu     ? 
_exptl.absorpt_correction_T_max   ? 
_exptl.absorpt_correction_T_min   ? 
_exptl.absorpt_correction_type    ? 
_exptl.absorpt_process_details    ? 
_exptl.entry_id                   5GP7 
_exptl.crystals_number            1 
_exptl.details                    ? 
_exptl.method                     'X-RAY DIFFRACTION' 
_exptl.method_details             ? 
# 
_exptl_crystal.colour                      ? 
_exptl_crystal.density_diffrn              ? 
_exptl_crystal.density_Matthews            2.15 
_exptl_crystal.density_method              ? 
_exptl_crystal.density_percent_sol         42.84 
_exptl_crystal.description                 ? 
_exptl_crystal.F_000                       ? 
_exptl_crystal.id                          1 
_exptl_crystal.preparation                 ? 
_exptl_crystal.size_max                    ? 
_exptl_crystal.size_mid                    ? 
_exptl_crystal.size_min                    ? 
_exptl_crystal.size_rad                    ? 
_exptl_crystal.colour_lustre               ? 
_exptl_crystal.colour_modifier             ? 
_exptl_crystal.colour_primary              ? 
_exptl_crystal.density_meas                ? 
_exptl_crystal.density_meas_esd            ? 
_exptl_crystal.density_meas_gt             ? 
_exptl_crystal.density_meas_lt             ? 
_exptl_crystal.density_meas_temp           ? 
_exptl_crystal.density_meas_temp_esd       ? 
_exptl_crystal.density_meas_temp_gt        ? 
_exptl_crystal.density_meas_temp_lt        ? 
_exptl_crystal.pdbx_crystal_image_url      ? 
_exptl_crystal.pdbx_crystal_image_format   ? 
_exptl_crystal.pdbx_mosaicity              ? 
_exptl_crystal.pdbx_mosaicity_esd          ? 
# 
_exptl_crystal_grow.apparatus       ? 
_exptl_crystal_grow.atmosphere      ? 
_exptl_crystal_grow.crystal_id      1 
_exptl_crystal_grow.details         ? 
_exptl_crystal_grow.method          'VAPOR DIFFUSION, SITTING DROP' 
_exptl_crystal_grow.method_ref      ? 
_exptl_crystal_grow.pH              7.0 
_exptl_crystal_grow.pressure        ? 
_exptl_crystal_grow.pressure_esd    ? 
_exptl_crystal_grow.seeding         ? 
_exptl_crystal_grow.seeding_ref     ? 
_exptl_crystal_grow.temp            289 
_exptl_crystal_grow.temp_details    ? 
_exptl_crystal_grow.temp_esd        ? 
_exptl_crystal_grow.time            ? 
_exptl_crystal_grow.pdbx_details    '100 mM HEPES/sodium hydroxide, 200 mM sodium chloride, 20% (w/v) PEG 6000' 
_exptl_crystal_grow.pdbx_pH_range   ? 
# 
_diffrn.ambient_environment    ? 
_diffrn.ambient_temp           100 
_diffrn.ambient_temp_details   ? 
_diffrn.ambient_temp_esd       ? 
_diffrn.crystal_id             1 
_diffrn.crystal_support        ? 
_diffrn.crystal_treatment      ? 
_diffrn.details                ? 
_diffrn.id                     1 
_diffrn.ambient_pressure       ? 
_diffrn.ambient_pressure_esd   ? 
_diffrn.ambient_pressure_gt    ? 
_diffrn.ambient_pressure_lt    ? 
_diffrn.ambient_temp_gt        ? 
_diffrn.ambient_temp_lt        ? 
# 
_diffrn_detector.details                      ? 
_diffrn_detector.detector                     PIXEL 
_diffrn_detector.diffrn_id                    1 
_diffrn_detector.type                         'DECTRIS PILATUS3 6M' 
_diffrn_detector.area_resol_mean              ? 
_diffrn_detector.dtime                        ? 
_diffrn_detector.pdbx_frames_total            ? 
_diffrn_detector.pdbx_collection_time_total   ? 
_diffrn_detector.pdbx_collection_date         2015-09-14 
# 
_diffrn_radiation.collimation                      ? 
_diffrn_radiation.diffrn_id                        1 
_diffrn_radiation.filter_edge                      ? 
_diffrn_radiation.inhomogeneity                    ? 
_diffrn_radiation.monochromator                    ? 
_diffrn_radiation.polarisn_norm                    ? 
_diffrn_radiation.polarisn_ratio                   ? 
_diffrn_radiation.probe                            ? 
_diffrn_radiation.type                             ? 
_diffrn_radiation.xray_symbol                      ? 
_diffrn_radiation.wavelength_id                    1 
_diffrn_radiation.pdbx_monochromatic_or_laue_m_l   M 
_diffrn_radiation.pdbx_wavelength_list             ? 
_diffrn_radiation.pdbx_wavelength                  ? 
_diffrn_radiation.pdbx_diffrn_protocol             'SINGLE WAVELENGTH' 
_diffrn_radiation.pdbx_analyzer                    ? 
_diffrn_radiation.pdbx_scattering_type             x-ray 
# 
_diffrn_radiation_wavelength.id           1 
_diffrn_radiation_wavelength.wavelength   0.97776 
_diffrn_radiation_wavelength.wt           1.0 
# 
_diffrn_source.current                     ? 
_diffrn_source.details                     ? 
_diffrn_source.diffrn_id                   1 
_diffrn_source.power                       ? 
_diffrn_source.size                        ? 
_diffrn_source.source                      SYNCHROTRON 
_diffrn_source.target                      ? 
_diffrn_source.type                        'SSRF BEAMLINE BL18U1' 
_diffrn_source.voltage                     ? 
_diffrn_source.take-off_angle              ? 
_diffrn_source.pdbx_wavelength_list        0.97776 
_diffrn_source.pdbx_wavelength             ? 
_diffrn_source.pdbx_synchrotron_beamline   BL18U1 
_diffrn_source.pdbx_synchrotron_site       SSRF 
# 
_reflns.B_iso_Wilson_estimate            ? 
_reflns.entry_id                         5GP7 
_reflns.data_reduction_details           ? 
_reflns.data_reduction_method            ? 
_reflns.d_resolution_high                1.5 
_reflns.d_resolution_low                 50 
_reflns.details                          ? 
_reflns.limit_h_max                      ? 
_reflns.limit_h_min                      ? 
_reflns.limit_k_max                      ? 
_reflns.limit_k_min                      ? 
_reflns.limit_l_max                      ? 
_reflns.limit_l_min                      ? 
_reflns.number_all                       ? 
_reflns.number_obs                       25690 
_reflns.observed_criterion               ? 
_reflns.observed_criterion_F_max         ? 
_reflns.observed_criterion_F_min         ? 
_reflns.observed_criterion_I_max         ? 
_reflns.observed_criterion_I_min         ? 
_reflns.observed_criterion_sigma_F       ? 
_reflns.observed_criterion_sigma_I       ? 
_reflns.percent_possible_obs             98.72 
_reflns.R_free_details                   ? 
_reflns.Rmerge_F_all                     ? 
_reflns.Rmerge_F_obs                     ? 
_reflns.Friedel_coverage                 ? 
_reflns.number_gt                        ? 
_reflns.threshold_expression             ? 
_reflns.pdbx_redundancy                  3.3 
_reflns.pdbx_Rmerge_I_obs                ? 
_reflns.pdbx_Rmerge_I_all                ? 
_reflns.pdbx_Rsym_value                  ? 
_reflns.pdbx_netI_over_av_sigmaI         ? 
_reflns.pdbx_netI_over_sigmaI            10.93 
_reflns.pdbx_res_netI_over_av_sigmaI_2   ? 
_reflns.pdbx_res_netI_over_sigmaI_2      ? 
_reflns.pdbx_chi_squared                 ? 
_reflns.pdbx_scaling_rejects             ? 
_reflns.pdbx_d_res_high_opt              ? 
_reflns.pdbx_d_res_low_opt               ? 
_reflns.pdbx_d_res_opt_method            ? 
_reflns.phase_calculation_details        ? 
_reflns.pdbx_Rrim_I_all                  ? 
_reflns.pdbx_Rpim_I_all                  ? 
_reflns.pdbx_d_opt                       ? 
_reflns.pdbx_number_measured_all         ? 
_reflns.pdbx_diffrn_id                   1 
_reflns.pdbx_ordinal                     1 
_reflns.pdbx_CC_half                     ? 
_reflns.pdbx_R_split                     ? 
# 
_reflns_shell.d_res_high                  1.50 
_reflns_shell.d_res_low                   1.53 
_reflns_shell.meanI_over_sigI_all         ? 
_reflns_shell.meanI_over_sigI_obs         ? 
_reflns_shell.number_measured_all         ? 
_reflns_shell.number_measured_obs         ? 
_reflns_shell.number_possible             ? 
_reflns_shell.number_unique_all           ? 
_reflns_shell.number_unique_obs           ? 
_reflns_shell.percent_possible_all        ? 
_reflns_shell.percent_possible_obs        ? 
_reflns_shell.Rmerge_F_all                ? 
_reflns_shell.Rmerge_F_obs                ? 
_reflns_shell.Rmerge_I_all                ? 
_reflns_shell.Rmerge_I_obs                ? 
_reflns_shell.meanI_over_sigI_gt          ? 
_reflns_shell.meanI_over_uI_all           ? 
_reflns_shell.meanI_over_uI_gt            ? 
_reflns_shell.number_measured_gt          ? 
_reflns_shell.number_unique_gt            ? 
_reflns_shell.percent_possible_gt         ? 
_reflns_shell.Rmerge_F_gt                 ? 
_reflns_shell.Rmerge_I_gt                 ? 
_reflns_shell.pdbx_redundancy             ? 
_reflns_shell.pdbx_Rsym_value             ? 
_reflns_shell.pdbx_chi_squared            ? 
_reflns_shell.pdbx_netI_over_sigmaI_all   ? 
_reflns_shell.pdbx_netI_over_sigmaI_obs   ? 
_reflns_shell.pdbx_Rrim_I_all             ? 
_reflns_shell.pdbx_Rpim_I_all             ? 
_reflns_shell.pdbx_rejects                ? 
_reflns_shell.pdbx_ordinal                1 
_reflns_shell.pdbx_diffrn_id              1 
_reflns_shell.pdbx_CC_half                ? 
_reflns_shell.pdbx_R_split                ? 
# 
_refine.aniso_B[1][1]                            ? 
_refine.aniso_B[1][2]                            ? 
_refine.aniso_B[1][3]                            ? 
_refine.aniso_B[2][2]                            ? 
_refine.aniso_B[2][3]                            ? 
_refine.aniso_B[3][3]                            ? 
_refine.B_iso_max                                ? 
_refine.B_iso_mean                               ? 
_refine.B_iso_min                                ? 
_refine.correlation_coeff_Fo_to_Fc               ? 
_refine.correlation_coeff_Fo_to_Fc_free          ? 
_refine.details                                  ? 
_refine.diff_density_max                         ? 
_refine.diff_density_max_esd                     ? 
_refine.diff_density_min                         ? 
_refine.diff_density_min_esd                     ? 
_refine.diff_density_rms                         ? 
_refine.diff_density_rms_esd                     ? 
_refine.entry_id                                 5GP7 
_refine.pdbx_refine_id                           'X-RAY DIFFRACTION' 
_refine.ls_abs_structure_details                 ? 
_refine.ls_abs_structure_Flack                   ? 
_refine.ls_abs_structure_Flack_esd               ? 
_refine.ls_abs_structure_Rogers                  ? 
_refine.ls_abs_structure_Rogers_esd              ? 
_refine.ls_d_res_high                            1.502 
_refine.ls_d_res_low                             39.303 
_refine.ls_extinction_coef                       ? 
_refine.ls_extinction_coef_esd                   ? 
_refine.ls_extinction_expression                 ? 
_refine.ls_extinction_method                     ? 
_refine.ls_goodness_of_fit_all                   ? 
_refine.ls_goodness_of_fit_all_esd               ? 
_refine.ls_goodness_of_fit_obs                   ? 
_refine.ls_goodness_of_fit_obs_esd               ? 
_refine.ls_hydrogen_treatment                    ? 
_refine.ls_matrix_type                           ? 
_refine.ls_number_constraints                    ? 
_refine.ls_number_parameters                     ? 
_refine.ls_number_reflns_all                     ? 
_refine.ls_number_reflns_obs                     25690 
_refine.ls_number_reflns_R_free                  2000 
_refine.ls_number_reflns_R_work                  ? 
_refine.ls_number_restraints                     ? 
_refine.ls_percent_reflns_obs                    98.72 
_refine.ls_percent_reflns_R_free                 7.79 
_refine.ls_R_factor_all                          ? 
_refine.ls_R_factor_obs                          0.1743 
_refine.ls_R_factor_R_free                       0.2072 
_refine.ls_R_factor_R_free_error                 ? 
_refine.ls_R_factor_R_free_error_details         ? 
_refine.ls_R_factor_R_work                       0.1715 
_refine.ls_R_Fsqd_factor_obs                     ? 
_refine.ls_R_I_factor_obs                        ? 
_refine.ls_redundancy_reflns_all                 ? 
_refine.ls_redundancy_reflns_obs                 ? 
_refine.ls_restrained_S_all                      ? 
_refine.ls_restrained_S_obs                      ? 
_refine.ls_shift_over_esd_max                    ? 
_refine.ls_shift_over_esd_mean                   ? 
_refine.ls_structure_factor_coef                 ? 
_refine.ls_weighting_details                     ? 
_refine.ls_weighting_scheme                      ? 
_refine.ls_wR_factor_all                         ? 
_refine.ls_wR_factor_obs                         ? 
_refine.ls_wR_factor_R_free                      ? 
_refine.ls_wR_factor_R_work                      ? 
_refine.occupancy_max                            ? 
_refine.occupancy_min                            ? 
_refine.solvent_model_details                    ? 
_refine.solvent_model_param_bsol                 ? 
_refine.solvent_model_param_ksol                 ? 
_refine.ls_R_factor_gt                           ? 
_refine.ls_goodness_of_fit_gt                    ? 
_refine.ls_goodness_of_fit_ref                   ? 
_refine.ls_shift_over_su_max                     ? 
_refine.ls_shift_over_su_max_lt                  ? 
_refine.ls_shift_over_su_mean                    ? 
_refine.ls_shift_over_su_mean_lt                 ? 
_refine.pdbx_ls_sigma_I                          ? 
_refine.pdbx_ls_sigma_F                          1.38 
_refine.pdbx_ls_sigma_Fsqd                       ? 
_refine.pdbx_data_cutoff_high_absF               ? 
_refine.pdbx_data_cutoff_high_rms_absF           ? 
_refine.pdbx_data_cutoff_low_absF                ? 
_refine.pdbx_isotropic_thermal_model             ? 
_refine.pdbx_ls_cross_valid_method               'FREE R-VALUE' 
_refine.pdbx_method_to_determine_struct          'MOLECULAR REPLACEMENT' 
_refine.pdbx_starting_model                      3TWU 
_refine.pdbx_stereochemistry_target_values       ? 
_refine.pdbx_R_Free_selection_details            ? 
_refine.pdbx_stereochem_target_val_spec_case     ? 
_refine.pdbx_overall_ESU_R                       ? 
_refine.pdbx_overall_ESU_R_Free                  ? 
_refine.pdbx_solvent_vdw_probe_radii             1.11 
_refine.pdbx_solvent_ion_probe_radii             ? 
_refine.pdbx_solvent_shrinkage_radii             0.90 
_refine.pdbx_real_space_R                        ? 
_refine.pdbx_density_correlation                 ? 
_refine.pdbx_pd_number_of_powder_patterns        ? 
_refine.pdbx_pd_number_of_points                 ? 
_refine.pdbx_pd_meas_number_of_points            ? 
_refine.pdbx_pd_proc_ls_prof_R_factor            ? 
_refine.pdbx_pd_proc_ls_prof_wR_factor           ? 
_refine.pdbx_pd_Marquardt_correlation_coeff      ? 
_refine.pdbx_pd_Fsqrd_R_factor                   ? 
_refine.pdbx_pd_ls_matrix_band_width             ? 
_refine.pdbx_overall_phase_error                 20.25 
_refine.pdbx_overall_SU_R_free_Cruickshank_DPI   ? 
_refine.pdbx_overall_SU_R_free_Blow_DPI          ? 
_refine.pdbx_overall_SU_R_Blow_DPI               ? 
_refine.pdbx_TLS_residual_ADP_flag               ? 
_refine.pdbx_diffrn_id                           1 
_refine.overall_SU_B                             ? 
_refine.overall_SU_ML                            0.14 
_refine.overall_SU_R_Cruickshank_DPI             ? 
_refine.overall_SU_R_free                        ? 
_refine.overall_FOM_free_R_set                   ? 
_refine.overall_FOM_work_R_set                   ? 
_refine.pdbx_average_fsc_overall                 ? 
_refine.pdbx_average_fsc_work                    ? 
_refine.pdbx_average_fsc_free                    ? 
# 
_refine_hist.pdbx_refine_id                   'X-RAY DIFFRACTION' 
_refine_hist.cycle_id                         LAST 
_refine_hist.pdbx_number_atoms_protein        1282 
_refine_hist.pdbx_number_atoms_nucleic_acid   0 
_refine_hist.pdbx_number_atoms_ligand         12 
_refine_hist.number_atoms_solvent             245 
_refine_hist.number_atoms_total               1539 
_refine_hist.d_res_high                       1.502 
_refine_hist.d_res_low                        39.303 
# 
loop_
_refine_ls_restr.pdbx_refine_id 
_refine_ls_restr.criterion 
_refine_ls_restr.dev_ideal 
_refine_ls_restr.dev_ideal_target 
_refine_ls_restr.number 
_refine_ls_restr.rejects 
_refine_ls_restr.type 
_refine_ls_restr.weight 
_refine_ls_restr.pdbx_restraint_function 
'X-RAY DIFFRACTION' ? 0.008 ? 1346 ? f_bond_d           ? ? 
'X-RAY DIFFRACTION' ? 0.956 ? 1836 ? f_angle_d          ? ? 
'X-RAY DIFFRACTION' ? 9.453 ? 836  ? f_dihedral_angle_d ? ? 
'X-RAY DIFFRACTION' ? 0.058 ? 212  ? f_chiral_restr     ? ? 
'X-RAY DIFFRACTION' ? 0.007 ? 245  ? f_plane_restr      ? ? 
# 
loop_
_refine_ls_shell.pdbx_refine_id 
_refine_ls_shell.d_res_high 
_refine_ls_shell.d_res_low 
_refine_ls_shell.number_reflns_all 
_refine_ls_shell.number_reflns_obs 
_refine_ls_shell.number_reflns_R_free 
_refine_ls_shell.number_reflns_R_work 
_refine_ls_shell.percent_reflns_obs 
_refine_ls_shell.percent_reflns_R_free 
_refine_ls_shell.R_factor_all 
_refine_ls_shell.R_factor_obs 
_refine_ls_shell.R_factor_R_free 
_refine_ls_shell.R_factor_R_free_error 
_refine_ls_shell.R_factor_R_work 
_refine_ls_shell.redundancy_reflns_all 
_refine_ls_shell.redundancy_reflns_obs 
_refine_ls_shell.wR_factor_all 
_refine_ls_shell.wR_factor_obs 
_refine_ls_shell.wR_factor_R_free 
_refine_ls_shell.wR_factor_R_work 
_refine_ls_shell.pdbx_total_number_of_bins_used 
_refine_ls_shell.pdbx_phase_error 
_refine_ls_shell.pdbx_fsc_work 
_refine_ls_shell.pdbx_fsc_free 
'X-RAY DIFFRACTION' 1.5025 1.5401  . . 131 1563 91.00  . . . 0.2527 . 0.2207 . . . . . . . . . . 
'X-RAY DIFFRACTION' 1.5401 1.5817  . . 135 1599 95.00  . . . 0.2388 . 0.2023 . . . . . . . . . . 
'X-RAY DIFFRACTION' 1.5817 1.6282  . . 145 1704 99.00  . . . 0.2176 . 0.1938 . . . . . . . . . . 
'X-RAY DIFFRACTION' 1.6282 1.6808  . . 142 1688 100.00 . . . 0.2360 . 0.1958 . . . . . . . . . . 
'X-RAY DIFFRACTION' 1.6808 1.7409  . . 145 1710 100.00 . . . 0.2495 . 0.1898 . . . . . . . . . . 
'X-RAY DIFFRACTION' 1.7409 1.8106  . . 142 1695 100.00 . . . 0.2130 . 0.1844 . . . . . . . . . . 
'X-RAY DIFFRACTION' 1.8106 1.8930  . . 144 1692 99.00  . . . 0.2519 . 0.1849 . . . . . . . . . . 
'X-RAY DIFFRACTION' 1.8930 1.9928  . . 144 1716 100.00 . . . 0.2106 . 0.1780 . . . . . . . . . . 
'X-RAY DIFFRACTION' 1.9928 2.1176  . . 145 1713 100.00 . . . 0.2030 . 0.1618 . . . . . . . . . . 
'X-RAY DIFFRACTION' 2.1176 2.2811  . . 144 1699 100.00 . . . 0.2013 . 0.1672 . . . . . . . . . . 
'X-RAY DIFFRACTION' 2.2811 2.5106  . . 146 1728 100.00 . . . 0.1894 . 0.1641 . . . . . . . . . . 
'X-RAY DIFFRACTION' 2.5106 2.8738  . . 143 1708 100.00 . . . 0.2016 . 0.1658 . . . . . . . . . . 
'X-RAY DIFFRACTION' 2.8738 3.6203  . . 146 1725 100.00 . . . 0.2002 . 0.1609 . . . . . . . . . . 
'X-RAY DIFFRACTION' 3.6203 39.3161 . . 148 1750 100.00 . . . 0.1901 . 0.1626 . . . . . . . . . . 
# 
_struct.entry_id                     5GP7 
_struct.title                        'Structural basis for the binding between Tankyrase-1 and USP25' 
_struct.pdbx_model_details           ? 
_struct.pdbx_formula_weight          ? 
_struct.pdbx_formula_weight_method   ? 
_struct.pdbx_model_type_details      ? 
_struct.pdbx_CASP_flag               N 
# 
_struct_keywords.entry_id        5GP7 
_struct_keywords.text            'Tankyrase, USP25, Ankyrin repeats, TRANSFERASE' 
_struct_keywords.pdbx_keywords   TRANSFERASE 
# 
loop_
_struct_asym.id 
_struct_asym.pdbx_blank_PDB_chainid_flag 
_struct_asym.pdbx_modified 
_struct_asym.entity_id 
_struct_asym.details 
A N N 1 ? 
B N N 2 ? 
C N N 3 ? 
D N N 3 ? 
E N N 4 ? 
F N N 4 ? 
# 
loop_
_struct_conf.conf_type_id 
_struct_conf.id 
_struct_conf.pdbx_PDB_helix_id 
_struct_conf.beg_label_comp_id 
_struct_conf.beg_label_asym_id 
_struct_conf.beg_label_seq_id 
_struct_conf.pdbx_beg_PDB_ins_code 
_struct_conf.end_label_comp_id 
_struct_conf.end_label_asym_id 
_struct_conf.end_label_seq_id 
_struct_conf.pdbx_end_PDB_ins_code 
_struct_conf.beg_auth_comp_id 
_struct_conf.beg_auth_asym_id 
_struct_conf.beg_auth_seq_id 
_struct_conf.end_auth_comp_id 
_struct_conf.end_auth_asym_id 
_struct_conf.end_auth_seq_id 
_struct_conf.pdbx_PDB_helix_class 
_struct_conf.details 
_struct_conf.pdbx_PDB_helix_length 
HELX_P HELX_P1  AA1 GLY A 1   ? GLY A 20  ? GLY A 795 GLY A 814 1 ? 20 
HELX_P HELX_P2  AA2 CYS A 21  ? CYS A 29  ? CYS A 815 CYS A 823 1 ? 9  
HELX_P HELX_P3  AA3 THR A 45  ? TYR A 53  ? THR A 839 TYR A 847 1 ? 9  
HELX_P HELX_P4  AA4 ASN A 55  ? HIS A 65  ? ASN A 849 HIS A 859 1 ? 11 
HELX_P HELX_P5  AA5 ILE A 78  ? GLY A 87  ? ILE A 872 GLY A 881 1 ? 10 
HELX_P HELX_P6  AA6 HIS A 88  ? TYR A 98  ? HIS A 882 TYR A 892 1 ? 11 
HELX_P HELX_P7  AA7 THR A 111 ? GLY A 120 ? THR A 905 GLY A 914 1 ? 10 
HELX_P HELX_P8  AA8 ARG A 121 ? HIS A 131 ? ARG A 915 HIS A 925 1 ? 11 
HELX_P HELX_P9  AA9 THR A 144 ? ALA A 149 ? THR A 938 ALA A 943 1 ? 6  
HELX_P HELX_P10 AB1 ALA A 151 ? MET A 162 ? ALA A 945 MET A 956 1 ? 12 
# 
_struct_conf_type.id          HELX_P 
_struct_conf_type.criteria    ? 
_struct_conf_type.reference   ? 
# 
loop_
_struct_site.id 
_struct_site.pdbx_evidence_code 
_struct_site.pdbx_auth_asym_id 
_struct_site.pdbx_auth_comp_id 
_struct_site.pdbx_auth_seq_id 
_struct_site.pdbx_auth_ins_code 
_struct_site.pdbx_num_residues 
_struct_site.details 
AC1 Software A GOL 1001 ? 5 'binding site for residue GOL A 1001' 
AC2 Software A GOL 1002 ? 3 'binding site for residue GOL A 1002' 
# 
loop_
_struct_site_gen.id 
_struct_site_gen.site_id 
_struct_site_gen.pdbx_num_res 
_struct_site_gen.label_comp_id 
_struct_site_gen.label_asym_id 
_struct_site_gen.label_seq_id 
_struct_site_gen.pdbx_auth_ins_code 
_struct_site_gen.auth_comp_id 
_struct_site_gen.auth_asym_id 
_struct_site_gen.auth_seq_id 
_struct_site_gen.label_atom_id 
_struct_site_gen.label_alt_id 
_struct_site_gen.symmetry 
_struct_site_gen.details 
1 AC1 5 ASP A 38 ? ASP A 832  . ? 1_555 ? 
2 AC1 5 GLN A 40 ? GLN A 834  . ? 1_555 ? 
3 AC1 5 GLY A 41 ? GLY A 835  . ? 1_555 ? 
4 AC1 5 HOH E .  ? HOH A 1244 . ? 1_555 ? 
5 AC1 5 HOH F .  ? HOH B 1109 . ? 1_555 ? 
6 AC2 3 PRO A 31 ? PRO A 825  . ? 1_555 ? 
7 AC2 3 HOH E .  ? HOH A 1113 . ? 1_555 ? 
8 AC2 3 HOH E .  ? HOH A 1239 . ? 1_555 ? 
# 
_atom_sites.entry_id                    5GP7 
_atom_sites.fract_transf_matrix[1][1]   0.00573600 
_atom_sites.fract_transf_matrix[1][2]   0.02504707 
_atom_sites.fract_transf_matrix[1][3]   0.01269405 
_atom_sites.fract_transf_matrix[2][1]   -0.00994068 
_atom_sites.fract_transf_matrix[2][2]   -0.00428731 
_atom_sites.fract_transf_matrix[2][3]   0.01295130 
_atom_sites.fract_transf_matrix[3][1]   0.02052194 
_atom_sites.fract_transf_matrix[3][2]   -0.00624228 
_atom_sites.fract_transf_matrix[3][3]   0.01368507 
_atom_sites.fract_transf_vector[1]      0.919431 
_atom_sites.fract_transf_vector[2]      0.605812 
_atom_sites.fract_transf_vector[3]      0.844107 
# 
loop_
_atom_type.symbol 
C 
N 
O 
S 
# 
loop_
_atom_site.group_PDB 
_atom_site.id 
_atom_site.type_symbol 
_atom_site.label_atom_id 
_atom_site.label_alt_id 
_atom_site.label_comp_id 
_atom_site.label_asym_id 
_atom_site.label_entity_id 
_atom_site.label_seq_id 
_atom_site.pdbx_PDB_ins_code 
_atom_site.Cartn_x 
_atom_site.Cartn_y 
_atom_site.Cartn_z 
_atom_site.occupancy 
_atom_site.B_iso_or_equiv 
_atom_site.pdbx_formal_charge 
_atom_site.auth_seq_id 
_atom_site.auth_comp_id 
_atom_site.auth_asym_id 
_atom_site.auth_atom_id 
_atom_site.pdbx_PDB_model_num 
ATOM   1    N N   . GLY A 1 1   ? 15.827  -28.067 -8.564  1.00 28.81 ?  795  GLY A N   1 
ATOM   2    C CA  . GLY A 1 1   ? 16.237  -27.472 -9.824  1.00 26.58 ?  795  GLY A CA  1 
ATOM   3    C C   . GLY A 1 1   ? 16.047  -25.970 -9.806  1.00 25.47 ?  795  GLY A C   1 
ATOM   4    O O   . GLY A 1 1   ? 15.561  -25.430 -8.809  1.00 24.01 ?  795  GLY A O   1 
ATOM   5    N N   . PRO A 1 2   ? 16.409  -25.300 -10.904 1.00 28.70 ?  796  PRO A N   1 
ATOM   6    C CA  . PRO A 1 2   ? 16.260  -23.836 -10.940 1.00 26.93 ?  796  PRO A CA  1 
ATOM   7    C C   . PRO A 1 2   ? 14.838  -23.380 -10.687 1.00 26.46 ?  796  PRO A C   1 
ATOM   8    O O   . PRO A 1 2   ? 14.634  -22.318 -10.082 1.00 24.23 ?  796  PRO A O   1 
ATOM   9    C CB  . PRO A 1 2   ? 16.730  -23.469 -12.357 1.00 31.07 ?  796  PRO A CB  1 
ATOM   10   C CG  . PRO A 1 2   ? 16.516  -24.718 -13.161 1.00 31.32 ?  796  PRO A CG  1 
ATOM   11   C CD  . PRO A 1 2   ? 16.823  -25.846 -12.208 1.00 31.60 ?  796  PRO A CD  1 
ATOM   12   N N   . GLY A 1 3   ? 13.845  -24.162 -11.114 1.00 20.30 ?  797  GLY A N   1 
ATOM   13   C CA  . GLY A 1 3   ? 12.463  -23.765 -10.906 1.00 22.08 ?  797  GLY A CA  1 
ATOM   14   C C   . GLY A 1 3   ? 12.081  -23.735 -9.440  1.00 20.47 ?  797  GLY A C   1 
ATOM   15   O O   . GLY A 1 3   ? 11.525  -22.742 -8.951  1.00 16.05 ?  797  GLY A O   1 
ATOM   16   N N   . SER A 1 4   ? 12.350  -24.828 -8.719  1.00 17.69 ?  798  SER A N   1 
ATOM   17   C CA  . SER A 1 4   ? 12.011  -24.839 -7.301  1.00 18.35 ?  798  SER A CA  1 
ATOM   18   C C   . SER A 1 4   ? 12.882  -23.869 -6.509  1.00 17.71 ?  798  SER A C   1 
ATOM   19   O O   . SER A 1 4   ? 12.417  -23.311 -5.511  1.00 19.04 ?  798  SER A O   1 
ATOM   20   C CB  . SER A 1 4   ? 12.100  -26.263 -6.732  1.00 21.35 ?  798  SER A CB  1 
ATOM   21   O OG  . SER A 1 4   ? 13.385  -26.829 -6.909  1.00 25.79 ?  798  SER A OG  1 
ATOM   22   N N   . ASP A 1 5   ? 14.125  -23.634 -6.955  1.00 18.31 ?  799  ASP A N   1 
ATOM   23   C CA  . ASP A 1 5   ? 14.961  -22.604 -6.341  1.00 22.73 ?  799  ASP A CA  1 
ATOM   24   C C   . ASP A 1 5   ? 14.282  -21.244 -6.416  1.00 16.85 ?  799  ASP A C   1 
ATOM   25   O O   . ASP A 1 5   ? 14.217  -20.511 -5.419  1.00 20.14 ?  799  ASP A O   1 
ATOM   26   C CB  . ASP A 1 5   ? 16.331  -22.526 -7.028  1.00 21.22 ?  799  ASP A CB  1 
ATOM   27   C CG  . ASP A 1 5   ? 17.238  -23.709 -6.710  1.00 27.55 ?  799  ASP A CG  1 
ATOM   28   O OD1 . ASP A 1 5   ? 16.971  -24.445 -5.741  1.00 30.14 ?  799  ASP A OD1 1 
ATOM   29   O OD2 . ASP A 1 5   ? 18.244  -23.875 -7.440  1.00 29.29 -1 799  ASP A OD2 1 
ATOM   30   N N   . LEU A 1 6   ? 13.784  -20.880 -7.600  1.00 18.98 ?  800  LEU A N   1 
ATOM   31   C CA  . LEU A 1 6   ? 13.118  -19.590 -7.753  1.00 17.75 ?  800  LEU A CA  1 
ATOM   32   C C   . LEU A 1 6   ? 11.863  -19.514 -6.899  1.00 21.86 ?  800  LEU A C   1 
ATOM   33   O O   . LEU A 1 6   ? 11.569  -18.470 -6.305  1.00 21.18 ?  800  LEU A O   1 
ATOM   34   C CB  . LEU A 1 6   ? 12.775  -19.345 -9.224  1.00 21.69 ?  800  LEU A CB  1 
ATOM   35   C CG  . LEU A 1 6   ? 13.953  -18.976 -10.121 1.00 22.95 ?  800  LEU A CG  1 
ATOM   36   C CD1 . LEU A 1 6   ? 13.557  -19.052 -11.593 1.00 29.81 ?  800  LEU A CD1 1 
ATOM   37   C CD2 . LEU A 1 6   ? 14.472  -17.587 -9.772  1.00 23.42 ?  800  LEU A CD2 1 
ATOM   38   N N   . LEU A 1 7   ? 11.117  -20.617 -6.815  1.00 18.34 ?  801  LEU A N   1 
ATOM   39   C CA  . LEU A 1 7   ? 9.921   -20.647 -5.977  1.00 21.01 ?  801  LEU A CA  1 
ATOM   40   C C   . LEU A 1 7   ? 10.275  -20.425 -4.513  1.00 16.51 ?  801  LEU A C   1 
ATOM   41   O O   . LEU A 1 7   ? 9.634   -19.621 -3.821  1.00 20.51 ?  801  LEU A O   1 
ATOM   42   C CB  . LEU A 1 7   ? 9.189   -21.978 -6.151  1.00 24.49 ?  801  LEU A CB  1 
ATOM   43   C CG  . LEU A 1 7   ? 8.498   -22.281 -7.480  1.00 28.44 ?  801  LEU A CG  1 
ATOM   44   C CD1 . LEU A 1 7   ? 7.884   -23.674 -7.426  1.00 26.92 ?  801  LEU A CD1 1 
ATOM   45   C CD2 . LEU A 1 7   ? 7.435   -21.242 -7.761  1.00 30.58 ?  801  LEU A CD2 1 
ATOM   46   N N   . ARG A 1 8   ? 11.281  -21.143 -4.014  1.00 16.43 ?  802  ARG A N   1 
ATOM   47   C CA  . ARG A 1 8   ? 11.695  -20.955 -2.628  1.00 14.84 ?  802  ARG A CA  1 
ATOM   48   C C   . ARG A 1 8   ? 12.146  -19.520 -2.387  1.00 16.51 ?  802  ARG A C   1 
ATOM   49   O O   . ARG A 1 8   ? 11.822  -18.930 -1.345  1.00 15.09 ?  802  ARG A O   1 
ATOM   50   C CB  . ARG A 1 8   ? 12.815  -21.933 -2.265  1.00 20.44 ?  802  ARG A CB  1 
ATOM   51   C CG  . ARG A 1 8   ? 12.330  -23.316 -1.829  1.00 28.95 ?  802  ARG A CG  1 
ATOM   52   C CD  . ARG A 1 8   ? 13.487  -24.266 -1.525  1.00 30.92 ?  802  ARG A CD  1 
ATOM   53   N NE  . ARG A 1 8   ? 14.272  -24.588 -2.715  1.00 27.87 ?  802  ARG A NE  1 
ATOM   54   C CZ  . ARG A 1 8   ? 14.027  -25.621 -3.514  1.00 29.45 ?  802  ARG A CZ  1 
ATOM   55   N NH1 . ARG A 1 8   ? 13.019  -26.441 -3.254  1.00 26.90 1  802  ARG A NH1 1 
ATOM   56   N NH2 . ARG A 1 8   ? 14.789  -25.834 -4.577  1.00 25.10 ?  802  ARG A NH2 1 
ATOM   57   N N   . GLY A 1 9   ? 12.885  -18.944 -3.340  1.00 16.55 ?  803  GLY A N   1 
ATOM   58   C CA  . GLY A 1 9   ? 13.408  -17.598 -3.155  1.00 15.80 ?  803  GLY A CA  1 
ATOM   59   C C   . GLY A 1 9   ? 12.314  -16.546 -3.120  1.00 15.95 ?  803  GLY A C   1 
ATOM   60   O O   . GLY A 1 9   ? 12.330  -15.650 -2.265  1.00 15.71 ?  803  GLY A O   1 
ATOM   61   N N   . ASP A 1 10  ? 11.364  -16.624 -4.061  1.00 14.78 ?  804  ASP A N   1 
ATOM   62   C CA  . ASP A 1 10  ? 10.216  -15.715 -4.061  1.00 13.48 ?  804  ASP A CA  1 
ATOM   63   C C   . ASP A 1 10  ? 9.488   -15.747 -2.720  1.00 15.85 ?  804  ASP A C   1 
ATOM   64   O O   . ASP A 1 10  ? 9.202   -14.703 -2.120  1.00 15.77 ?  804  ASP A O   1 
ATOM   65   C CB  . ASP A 1 10  ? 9.228   -16.087 -5.179  1.00 16.95 ?  804  ASP A CB  1 
ATOM   66   C CG  . ASP A 1 10  ? 9.730   -15.758 -6.579  1.00 23.30 ?  804  ASP A CG  1 
ATOM   67   O OD1 . ASP A 1 10  ? 10.793  -15.132 -6.732  1.00 21.30 ?  804  ASP A OD1 1 
ATOM   68   O OD2 . ASP A 1 10  ? 9.034   -16.147 -7.545  1.00 29.13 -1 804  ASP A OD2 1 
ATOM   69   N N   . ALA A 1 11  ? 9.158   -16.948 -2.243  1.00 14.30 ?  805  ALA A N   1 
ATOM   70   C CA  . ALA A 1 11  ? 8.383   -17.067 -1.012  1.00 13.27 ?  805  ALA A CA  1 
ATOM   71   C C   . ALA A 1 11  ? 9.151   -16.509 0.179   1.00 13.03 ?  805  ALA A C   1 
ATOM   72   O O   . ALA A 1 11  ? 8.569   -15.861 1.064   1.00 13.94 ?  805  ALA A O   1 
ATOM   73   C CB  . ALA A 1 11  ? 8.003   -18.528 -0.767  1.00 15.73 ?  805  ALA A CB  1 
ATOM   74   N N   . ALA A 1 12  ? 10.461  -16.768 0.230   1.00 13.79 ?  806  ALA A N   1 
ATOM   75   C CA  . ALA A 1 12  ? 11.264  -16.265 1.333   1.00 12.58 ?  806  ALA A CA  1 
ATOM   76   C C   . ALA A 1 12  ? 11.388  -14.748 1.279   1.00 13.74 ?  806  ALA A C   1 
ATOM   77   O O   . ALA A 1 12  ? 11.408  -14.090 2.326   1.00 11.94 ?  806  ALA A O   1 
ATOM   78   C CB  . ALA A 1 12  ? 12.646  -16.930 1.328   1.00 14.91 ?  806  ALA A CB  1 
ATOM   79   N N   . LEU A 1 13  ? 11.471  -14.170 0.079   1.00 14.57 ?  807  LEU A N   1 
ATOM   80   C CA  . LEU A 1 13  ? 11.551  -12.715 -0.009  1.00 9.85  ?  807  LEU A CA  1 
ATOM   81   C C   . LEU A 1 13  ? 10.246  -12.072 0.452   1.00 11.09 ?  807  LEU A C   1 
ATOM   82   O O   . LEU A 1 13  ? 10.264  -11.086 1.205   1.00 12.04 ?  807  LEU A O   1 
ATOM   83   C CB  . LEU A 1 13  ? 11.888  -12.285 -1.433  1.00 11.49 ?  807  LEU A CB  1 
ATOM   84   C CG  . LEU A 1 13  ? 11.828  -10.773 -1.733  1.00 11.94 ?  807  LEU A CG  1 
ATOM   85   C CD1 . LEU A 1 13  ? 12.825  -9.969  -0.859  1.00 11.11 ?  807  LEU A CD1 1 
ATOM   86   C CD2 . LEU A 1 13  ? 12.035  -10.462 -3.225  1.00 12.58 ?  807  LEU A CD2 1 
ATOM   87   N N   . LEU A 1 14  ? 9.103   -12.628 0.030   1.00 10.11 ?  808  LEU A N   1 
ATOM   88   C CA  . LEU A 1 14  ? 7.825   -12.073 0.474   1.00 10.60 ?  808  LEU A CA  1 
ATOM   89   C C   . LEU A 1 14  ? 7.701   -12.162 1.985   1.00 12.17 ?  808  LEU A C   1 
ATOM   90   O O   . LEU A 1 14  ? 7.284   -11.200 2.637   1.00 11.37 ?  808  LEU A O   1 
ATOM   91   C CB  . LEU A 1 14  ? 6.658   -12.801 -0.198  1.00 11.60 ?  808  LEU A CB  1 
ATOM   92   C CG  . LEU A 1 14  ? 6.524   -12.557 -1.700  1.00 10.29 ?  808  LEU A CG  1 
ATOM   93   C CD1 . LEU A 1 14  ? 5.780   -13.707 -2.355  1.00 12.05 ?  808  LEU A CD1 1 
ATOM   94   C CD2 . LEU A 1 14  ? 5.796   -11.250 -1.958  1.00 11.95 ?  808  LEU A CD2 1 
ATOM   95   N N   . ASP A 1 15  ? 8.083   -13.309 2.565   1.00 12.11 ?  809  ASP A N   1 
ATOM   96   C CA  . ASP A 1 15  ? 7.989   -13.448 4.014   1.00 12.32 ?  809  ASP A CA  1 
ATOM   97   C C   . ASP A 1 15  ? 8.885   -12.439 4.726   1.00 10.60 ?  809  ASP A C   1 
ATOM   98   O O   . ASP A 1 15  ? 8.485   -11.838 5.732   1.00 11.82 ?  809  ASP A O   1 
ATOM   99   C CB  . ASP A 1 15  ? 8.353   -14.875 4.427   1.00 15.02 ?  809  ASP A CB  1 
ATOM   100  C CG  . ASP A 1 15  ? 8.503   -15.019 5.924   1.00 18.01 ?  809  ASP A CG  1 
ATOM   101  O OD1 . ASP A 1 15  ? 7.465   -15.035 6.616   1.00 19.33 ?  809  ASP A OD1 1 
ATOM   102  O OD2 . ASP A 1 15  ? 9.658   -15.099 6.408   1.00 21.57 -1 809  ASP A OD2 1 
ATOM   103  N N   . ALA A 1 16  ? 10.110  -12.245 4.220   1.00 11.44 ?  810  ALA A N   1 
ATOM   104  C CA  . ALA A 1 16  ? 11.028  -11.307 4.847   1.00 10.26 ?  810  ALA A CA  1 
ATOM   105  C C   . ALA A 1 16  ? 10.511  -9.882  4.766   1.00 10.53 ?  810  ALA A C   1 
ATOM   106  O O   . ALA A 1 16  ? 10.716  -9.081  5.688   1.00 10.16 ?  810  ALA A O   1 
ATOM   107  C CB  . ALA A 1 16  ? 12.407  -11.411 4.189   1.00 10.85 ?  810  ALA A CB  1 
ATOM   108  N N   . ALA A 1 17  ? 9.819   -9.542  3.677   1.00 10.36 ?  811  ALA A N   1 
ATOM   109  C CA  . ALA A 1 17  ? 9.278   -8.197  3.541   1.00 10.68 ?  811  ALA A CA  1 
ATOM   110  C C   . ALA A 1 17  ? 8.110   -7.971  4.489   1.00 9.88  ?  811  ALA A C   1 
ATOM   111  O O   . ALA A 1 17  ? 7.946   -6.872  5.022   1.00 12.74 ?  811  ALA A O   1 
ATOM   112  C CB  . ALA A 1 17  ? 8.842   -7.971  2.095   1.00 10.80 ?  811  ALA A CB  1 
ATOM   113  N N   . LYS A 1 18  ? 7.308   -9.007  4.714   1.00 10.66 ?  812  LYS A N   1 
ATOM   114  C CA  . LYS A 1 18  ? 6.239   -8.944  5.716   1.00 11.74 ?  812  LYS A CA  1 
ATOM   115  C C   . LYS A 1 18  ? 6.799   -8.841  7.132   1.00 15.62 ?  812  LYS A C   1 
ATOM   116  O O   . LYS A 1 18  ? 6.306   -8.048  7.939   1.00 14.35 ?  812  LYS A O   1 
ATOM   117  C CB  . LYS A 1 18  ? 5.340   -10.172 5.588   1.00 12.67 ?  812  LYS A CB  1 
ATOM   118  C CG  . LYS A 1 18  ? 4.289   -10.345 6.700   1.00 15.49 ?  812  LYS A CG  1 
ATOM   119  C CD  . LYS A 1 18  ? 3.437   -11.574 6.440   1.00 17.98 ?  812  LYS A CD  1 
ATOM   120  C CE  . LYS A 1 18  ? 2.456   -11.829 7.582   1.00 23.75 ?  812  LYS A CE  1 
ATOM   121  N NZ  . LYS A 1 18  ? 1.574   -13.003 7.318   1.00 36.06 1  812  LYS A NZ  1 
ATOM   122  N N   . LYS A 1 19  ? 7.828   -9.635  7.453   1.00 12.23 ?  813  LYS A N   1 
ATOM   123  C CA  . LYS A 1 19  ? 8.364   -9.650  8.810   1.00 13.91 ?  813  LYS A CA  1 
ATOM   124  C C   . LYS A 1 19  ? 9.281   -8.478  9.085   1.00 13.37 ?  813  LYS A C   1 
ATOM   125  O O   . LYS A 1 19  ? 9.542   -8.174  10.257  1.00 16.66 ?  813  LYS A O   1 
ATOM   126  C CB  . LYS A 1 19  ? 9.127   -10.942 9.069   1.00 11.51 ?  813  LYS A CB  1 
ATOM   127  C CG  . LYS A 1 19  ? 8.291   -12.205 8.942   1.00 16.04 ?  813  LYS A CG  1 
ATOM   128  C CD  . LYS A 1 19  ? 7.289   -12.373 10.081  1.00 25.11 ?  813  LYS A CD  1 
ATOM   129  C CE  . LYS A 1 19  ? 6.238   -13.431 9.741   1.00 26.96 ?  813  LYS A CE  1 
ATOM   130  N NZ  . LYS A 1 19  ? 6.807   -14.762 9.361   1.00 26.53 1  813  LYS A NZ  1 
ATOM   131  N N   . GLY A 1 20  ? 9.773   -7.811  8.045   1.00 9.96  ?  814  GLY A N   1 
ATOM   132  C CA  . GLY A 1 20  ? 10.685  -6.699  8.200   1.00 9.03  ?  814  GLY A CA  1 
ATOM   133  C C   . GLY A 1 20  ? 12.131  -7.090  8.409   1.00 7.93  ?  814  GLY A C   1 
ATOM   134  O O   . GLY A 1 20  ? 12.905  -6.297  8.949   1.00 10.09 ?  814  GLY A O   1 
ATOM   135  N N   . CYS A 1 21  ? 12.535  -8.271  7.947   1.00 9.26  ?  815  CYS A N   1 
ATOM   136  C CA  . CYS A 1 21  ? 13.905  -8.756  8.133   1.00 9.19  ?  815  CYS A CA  1 
ATOM   137  C C   . CYS A 1 21  ? 14.767  -8.286  6.967   1.00 8.60  ?  815  CYS A C   1 
ATOM   138  O O   . CYS A 1 21  ? 14.849  -8.939  5.922   1.00 10.04 ?  815  CYS A O   1 
ATOM   139  C CB  . CYS A 1 21  ? 13.908  -10.267 8.240   1.00 9.42  ?  815  CYS A CB  1 
ATOM   140  S SG  . CYS A 1 21  ? 15.561  -10.959 8.486   1.00 10.44 ?  815  CYS A SG  1 
ATOM   141  N N   . LEU A 1 22  ? 15.412  -7.137  7.154   1.00 8.89  ?  816  LEU A N   1 
ATOM   142  C CA  . LEU A 1 22  ? 16.166  -6.514  6.071   1.00 10.38 ?  816  LEU A CA  1 
ATOM   143  C C   . LEU A 1 22  ? 17.346  -7.376  5.632   1.00 9.75  ?  816  LEU A C   1 
ATOM   144  O O   . LEU A 1 22  ? 17.664  -7.433  4.443   1.00 11.06 ?  816  LEU A O   1 
ATOM   145  C CB  . LEU A 1 22  ? 16.650  -5.130  6.488   1.00 10.26 ?  816  LEU A CB  1 
ATOM   146  C CG  . LEU A 1 22  ? 17.491  -4.389  5.438   1.00 10.98 ?  816  LEU A CG  1 
ATOM   147  C CD1 . LEU A 1 22  ? 16.721  -4.253  4.126   1.00 15.55 ?  816  LEU A CD1 1 
ATOM   148  C CD2 . LEU A 1 22  ? 17.916  -3.019  5.956   1.00 16.60 ?  816  LEU A CD2 1 
ATOM   149  N N   . ALA A 1 23  ? 18.025  -8.044  6.571   1.00 9.82  ?  817  ALA A N   1 
ATOM   150  C CA  . ALA A 1 23  ? 19.162  -8.869  6.173   1.00 12.21 ?  817  ALA A CA  1 
ATOM   151  C C   . ALA A 1 23  ? 18.743  -9.940  5.171   1.00 10.91 ?  817  ALA A C   1 
ATOM   152  O O   . ALA A 1 23  ? 19.479  -10.220 4.216   1.00 11.27 ?  817  ALA A O   1 
ATOM   153  C CB  . ALA A 1 23  ? 19.820  -9.505  7.402   1.00 12.75 ?  817  ALA A CB  1 
ATOM   154  N N   . ARG A 1 24  ? 17.573  -10.562 5.371   1.00 9.20  ?  818  ARG A N   1 
ATOM   155  C CA  A ARG A 1 24  ? 17.119  -11.581 4.428   0.68 9.36  ?  818  ARG A CA  1 
ATOM   156  C CA  B ARG A 1 24  ? 17.118  -11.580 4.429   0.32 9.42  ?  818  ARG A CA  1 
ATOM   157  C C   . ARG A 1 24  ? 16.675  -10.954 3.115   1.00 10.68 ?  818  ARG A C   1 
ATOM   158  O O   . ARG A 1 24  ? 16.924  -11.517 2.042   1.00 10.72 ?  818  ARG A O   1 
ATOM   159  C CB  A ARG A 1 24  ? 15.990  -12.410 5.044   0.68 11.59 ?  818  ARG A CB  1 
ATOM   160  C CB  B ARG A 1 24  ? 15.990  -12.408 5.046   0.32 11.63 ?  818  ARG A CB  1 
ATOM   161  C CG  . ARG A 1 24  ? 16.472  -13.436 6.058   1.00 16.32 ?  818  ARG A CG  1 
ATOM   162  C CD  . ARG A 1 24  ? 15.318  -14.186 6.689   1.00 24.30 ?  818  ARG A CD  1 
ATOM   163  N NE  . ARG A 1 24  ? 14.596  -15.014 5.729   1.00 24.21 ?  818  ARG A NE  1 
ATOM   164  C CZ  . ARG A 1 24  ? 14.926  -16.265 5.434   1.00 28.64 ?  818  ARG A CZ  1 
ATOM   165  N NH1 . ARG A 1 24  ? 15.983  -16.824 6.019   1.00 28.57 1  818  ARG A NH1 1 
ATOM   166  N NH2 . ARG A 1 24  ? 14.209  -16.955 4.558   1.00 24.63 ?  818  ARG A NH2 1 
ATOM   167  N N   . VAL A 1 25  ? 16.016  -9.787  3.177   1.00 9.25  ?  819  VAL A N   1 
ATOM   168  C CA  . VAL A 1 25  ? 15.652  -9.076  1.951   1.00 10.59 ?  819  VAL A CA  1 
ATOM   169  C C   . VAL A 1 25  ? 16.895  -8.791  1.110   1.00 11.05 ?  819  VAL A C   1 
ATOM   170  O O   . VAL A 1 25  ? 16.909  -9.022  -0.109  1.00 10.43 ?  819  VAL A O   1 
ATOM   171  C CB  . VAL A 1 25  ? 14.881  -7.784  2.282   1.00 10.62 ?  819  VAL A CB  1 
ATOM   172  C CG1 . VAL A 1 25  ? 14.691  -6.928  1.020   1.00 12.42 ?  819  VAL A CG1 1 
ATOM   173  C CG2 . VAL A 1 25  ? 13.529  -8.131  2.884   1.00 10.65 ?  819  VAL A CG2 1 
ATOM   174  N N   . GLN A 1 26  ? 17.961  -8.285  1.740   1.00 9.86  ?  820  GLN A N   1 
ATOM   175  C CA  A GLN A 1 26  ? 19.176  -7.958  0.992   0.56 10.06 ?  820  GLN A CA  1 
ATOM   176  C CA  B GLN A 1 26  ? 19.176  -7.960  0.994   0.44 10.09 ?  820  GLN A CA  1 
ATOM   177  C C   . GLN A 1 26  ? 19.752  -9.193  0.312   1.00 10.81 ?  820  GLN A C   1 
ATOM   178  O O   . GLN A 1 26  ? 20.209  -9.123  -0.835  1.00 11.02 ?  820  GLN A O   1 
ATOM   179  C CB  A GLN A 1 26  ? 20.231  -7.326  1.909   0.56 15.53 ?  820  GLN A CB  1 
ATOM   180  C CB  B GLN A 1 26  ? 20.219  -7.346  1.925   0.44 15.52 ?  820  GLN A CB  1 
ATOM   181  C CG  A GLN A 1 26  ? 19.912  -5.914  2.352   0.56 16.50 ?  820  GLN A CG  1 
ATOM   182  C CG  B GLN A 1 26  ? 19.815  -6.031  2.528   0.44 16.38 ?  820  GLN A CG  1 
ATOM   183  C CD  A GLN A 1 26  ? 21.098  -5.157  2.958   0.56 20.55 ?  820  GLN A CD  1 
ATOM   184  C CD  B GLN A 1 26  ? 20.775  -5.572  3.607   0.44 19.71 ?  820  GLN A CD  1 
ATOM   185  O OE1 A GLN A 1 26  ? 20.969  -4.557  4.024   0.56 23.46 ?  820  GLN A OE1 1 
ATOM   186  O OE1 B GLN A 1 26  ? 21.464  -6.385  4.232   0.44 17.69 ?  820  GLN A OE1 1 
ATOM   187  N NE2 A GLN A 1 26  ? 22.238  -5.152  2.270   0.56 16.53 ?  820  GLN A NE2 1 
ATOM   188  N NE2 B GLN A 1 26  ? 20.834  -4.261  3.824   0.44 21.95 ?  820  GLN A NE2 1 
ATOM   189  N N   . LYS A 1 27  ? 19.728  -10.332 1.010   1.00 9.84  ?  821  LYS A N   1 
ATOM   190  C CA  A LYS A 1 27  ? 20.335  -11.545 0.471   0.59 11.47 ?  821  LYS A CA  1 
ATOM   191  C CA  B LYS A 1 27  ? 20.317  -11.567 0.500   0.41 11.48 ?  821  LYS A CA  1 
ATOM   192  C C   . LYS A 1 27  ? 19.528  -12.122 -0.682  1.00 10.67 ?  821  LYS A C   1 
ATOM   193  O O   . LYS A 1 27  ? 20.110  -12.584 -1.678  1.00 10.65 ?  821  LYS A O   1 
ATOM   194  C CB  A LYS A 1 27  ? 20.483  -12.588 1.575   0.59 10.81 ?  821  LYS A CB  1 
ATOM   195  C CB  B LYS A 1 27  ? 20.363  -12.581 1.644   0.41 10.87 ?  821  LYS A CB  1 
ATOM   196  C CG  A LYS A 1 27  ? 21.582  -12.263 2.537   0.59 11.93 ?  821  LYS A CG  1 
ATOM   197  C CG  B LYS A 1 27  ? 20.942  -13.925 1.320   0.41 16.49 ?  821  LYS A CG  1 
ATOM   198  C CD  A LYS A 1 27  ? 21.575  -13.200 3.714   0.59 18.14 ?  821  LYS A CD  1 
ATOM   199  C CD  B LYS A 1 27  ? 20.915  -14.827 2.545   0.41 16.92 ?  821  LYS A CD  1 
ATOM   200  C CE  A LYS A 1 27  ? 22.775  -12.933 4.583   0.59 19.86 ?  821  LYS A CE  1 
ATOM   201  C CE  B LYS A 1 27  ? 21.720  -16.097 2.302   0.41 19.11 ?  821  LYS A CE  1 
ATOM   202  N NZ  A LYS A 1 27  ? 24.031  -13.296 3.876   0.59 21.49 1  821  LYS A NZ  1 
ATOM   203  N NZ  B LYS A 1 27  ? 23.161  -15.761 2.108   0.41 18.50 1  821  LYS A NZ  1 
ATOM   204  N N   . LEU A 1 28  ? 18.198  -12.108 -0.575  1.00 10.23 ?  822  LEU A N   1 
ATOM   205  C CA  . LEU A 1 28  ? 17.321  -12.845 -1.477  1.00 9.55  ?  822  LEU A CA  1 
ATOM   206  C C   . LEU A 1 28  ? 16.812  -12.031 -2.650  1.00 10.70 ?  822  LEU A C   1 
ATOM   207  O O   . LEU A 1 28  ? 16.356  -12.625 -3.639  1.00 11.12 ?  822  LEU A O   1 
ATOM   208  C CB  . LEU A 1 28  ? 16.104  -13.363 -0.698  1.00 12.66 ?  822  LEU A CB  1 
ATOM   209  C CG  . LEU A 1 28  ? 16.489  -14.291 0.450   1.00 13.33 ?  822  LEU A CG  1 
ATOM   210  C CD1 . LEU A 1 28  ? 15.259  -14.576 1.334   1.00 21.14 ?  822  LEU A CD1 1 
ATOM   211  C CD2 . LEU A 1 28  ? 17.130  -15.559 -0.061  1.00 19.70 ?  822  LEU A CD2 1 
ATOM   212  N N   . CYS A 1 29  ? 16.841  -10.706 -2.551  1.00 10.57 ?  823  CYS A N   1 
ATOM   213  C CA  A CYS A 1 29  ? 16.327  -9.896  -3.635  0.66 10.28 ?  823  CYS A CA  1 
ATOM   214  C CA  B CYS A 1 29  ? 16.387  -9.814  -3.617  0.34 10.40 ?  823  CYS A CA  1 
ATOM   215  C C   . CYS A 1 29  ? 17.182  -10.054 -4.888  1.00 12.43 ?  823  CYS A C   1 
ATOM   216  O O   . CYS A 1 29  ? 18.404  -10.200 -4.831  1.00 12.07 ?  823  CYS A O   1 
ATOM   217  C CB  A CYS A 1 29  ? 16.269  -8.437  -3.216  0.66 17.21 ?  823  CYS A CB  1 
ATOM   218  C CB  B CYS A 1 29  ? 16.595  -8.349  -3.211  0.34 16.67 ?  823  CYS A CB  1 
ATOM   219  S SG  A CYS A 1 29  ? 15.056  -7.536  -4.136  0.66 16.39 ?  823  CYS A SG  1 
ATOM   220  S SG  B CYS A 1 29  ? 15.224  -7.431  -2.488  0.34 12.03 ?  823  CYS A SG  1 
ATOM   221  N N   . THR A 1 30  ? 16.506  -10.051 -6.028  1.00 11.34 ?  824  THR A N   1 
ATOM   222  C CA  . THR A 1 30  ? 17.140  -10.038 -7.335  1.00 11.34 ?  824  THR A CA  1 
ATOM   223  C C   . THR A 1 30  ? 16.378  -9.050  -8.200  1.00 13.13 ?  824  THR A C   1 
ATOM   224  O O   . THR A 1 30  ? 15.211  -8.753  -7.933  1.00 12.83 ?  824  THR A O   1 
ATOM   225  C CB  . THR A 1 30  ? 17.136  -11.411 -8.029  1.00 11.51 ?  824  THR A CB  1 
ATOM   226  O OG1 . THR A 1 30  ? 15.803  -11.744 -8.413  1.00 12.76 ?  824  THR A OG1 1 
ATOM   227  C CG2 . THR A 1 30  ? 17.720  -12.504 -7.138  1.00 13.54 ?  824  THR A CG2 1 
ATOM   228  N N   . PRO A 1 31  ? 16.991  -8.561  -9.271  1.00 14.98 ?  825  PRO A N   1 
ATOM   229  C CA  . PRO A 1 31  ? 16.239  -7.662  -10.153 1.00 17.39 ?  825  PRO A CA  1 
ATOM   230  C C   . PRO A 1 31  ? 15.043  -8.350  -10.780 1.00 18.25 ?  825  PRO A C   1 
ATOM   231  O O   . PRO A 1 31  ? 14.083  -7.669  -11.167 1.00 20.30 ?  825  PRO A O   1 
ATOM   232  C CB  . PRO A 1 31  ? 17.291  -7.231  -11.179 1.00 15.36 ?  825  PRO A CB  1 
ATOM   233  C CG  . PRO A 1 31  ? 18.603  -7.395  -10.405 1.00 18.29 ?  825  PRO A CG  1 
ATOM   234  C CD  . PRO A 1 31  ? 18.418  -8.630  -9.626  1.00 15.61 ?  825  PRO A CD  1 
ATOM   235  N N   . GLU A 1 32  ? 15.030  -9.682  -10.810 1.00 15.67 ?  826  GLU A N   1 
ATOM   236  C CA  . GLU A 1 32  ? 13.933  -10.444 -11.386 1.00 16.69 ?  826  GLU A CA  1 
ATOM   237  C C   . GLU A 1 32  ? 12.805  -10.749 -10.400 1.00 16.92 ?  826  GLU A C   1 
ATOM   238  O O   . GLU A 1 32  ? 11.666  -10.949 -10.841 1.00 18.59 ?  826  GLU A O   1 
ATOM   239  C CB  . GLU A 1 32  ? 14.450  -11.759 -11.982 1.00 25.54 ?  826  GLU A CB  1 
ATOM   240  C CG  . GLU A 1 32  ? 15.455  -11.593 -13.124 1.00 28.91 ?  826  GLU A CG  1 
ATOM   241  C CD  . GLU A 1 32  ? 16.874  -11.312 -12.649 1.00 36.01 ?  826  GLU A CD  1 
ATOM   242  O OE1 . GLU A 1 32  ? 17.225  -11.712 -11.515 1.00 29.30 ?  826  GLU A OE1 1 
ATOM   243  O OE2 . GLU A 1 32  ? 17.646  -10.690 -13.416 1.00 38.78 -1 826  GLU A OE2 1 
ATOM   244  N N   . ASN A 1 33  ? 13.060  -10.798 -9.086  1.00 11.00 ?  827  ASN A N   1 
ATOM   245  C CA  . ASN A 1 33  ? 11.994  -11.107 -8.137  1.00 9.87  ?  827  ASN A CA  1 
ATOM   246  C C   . ASN A 1 33  ? 11.548  -9.906  -7.311  1.00 9.84  ?  827  ASN A C   1 
ATOM   247  O O   . ASN A 1 33  ? 10.693  -10.064 -6.439  1.00 10.87 ?  827  ASN A O   1 
ATOM   248  C CB  . ASN A 1 33  ? 12.390  -12.268 -7.196  1.00 14.57 ?  827  ASN A CB  1 
ATOM   249  C CG  . ASN A 1 33  ? 13.475  -11.898 -6.175  1.00 11.36 ?  827  ASN A CG  1 
ATOM   250  O OD1 . ASN A 1 33  ? 13.796  -10.736 -5.978  1.00 9.56  ?  827  ASN A OD1 1 
ATOM   251  N ND2 . ASN A 1 33  ? 14.050  -12.914 -5.529  1.00 9.93  ?  827  ASN A ND2 1 
ATOM   252  N N   . ILE A 1 34  ? 12.091  -8.714  -7.566  1.00 11.72 ?  828  ILE A N   1 
ATOM   253  C CA  . ILE A 1 34  ? 11.787  -7.564  -6.712  1.00 11.40 ?  828  ILE A CA  1 
ATOM   254  C C   . ILE A 1 34  ? 10.292  -7.266  -6.681  1.00 10.47 ?  828  ILE A C   1 
ATOM   255  O O   . ILE A 1 34  ? 9.761   -6.819  -5.655  1.00 10.83 ?  828  ILE A O   1 
ATOM   256  C CB  . ILE A 1 34  ? 12.606  -6.333  -7.166  1.00 11.34 ?  828  ILE A CB  1 
ATOM   257  C CG1 . ILE A 1 34  ? 12.296  -5.116  -6.301  1.00 16.88 ?  828  ILE A CG1 1 
ATOM   258  C CG2 . ILE A 1 34  ? 12.319  -5.980  -8.604  1.00 13.57 ?  828  ILE A CG2 1 
ATOM   259  C CD1 . ILE A 1 34  ? 12.946  -5.128  -5.001  1.00 22.30 ?  828  ILE A CD1 1 
ATOM   260  N N   . ASN A 1 35  ? 9.583   -7.530  -7.778  1.00 9.36  ?  829  ASN A N   1 
ATOM   261  C CA  . ASN A 1 35  ? 8.135   -7.364  -7.855  1.00 10.39 ?  829  ASN A CA  1 
ATOM   262  C C   . ASN A 1 35  ? 7.410   -8.703  -7.981  1.00 10.19 ?  829  ASN A C   1 
ATOM   263  O O   . ASN A 1 35  ? 6.344   -8.772  -8.599  1.00 14.86 ?  829  ASN A O   1 
ATOM   264  C CB  . ASN A 1 35  ? 7.755   -6.464  -9.031  1.00 11.97 ?  829  ASN A CB  1 
ATOM   265  C CG  . ASN A 1 35  ? 8.362   -5.082  -8.930  1.00 14.26 ?  829  ASN A CG  1 
ATOM   266  O OD1 . ASN A 1 35  ? 8.211   -4.401  -7.925  1.00 13.39 ?  829  ASN A OD1 1 
ATOM   267  N ND2 . ASN A 1 35  ? 9.086   -4.677  -9.961  1.00 16.42 ?  829  ASN A ND2 1 
ATOM   268  N N   . CYS A 1 36  ? 7.955   -9.765  -7.390  1.00 10.56 ?  830  CYS A N   1 
ATOM   269  C CA  . CYS A 1 36  ? 7.278   -11.059 -7.376  1.00 8.83  ?  830  CYS A CA  1 
ATOM   270  C C   . CYS A 1 36  ? 5.979   -10.969 -6.561  1.00 12.53 ?  830  CYS A C   1 
ATOM   271  O O   . CYS A 1 36  ? 5.709   -9.983  -5.866  1.00 13.32 ?  830  CYS A O   1 
ATOM   272  C CB  . CYS A 1 36  ? 8.204   -12.142 -6.820  1.00 10.81 ?  830  CYS A CB  1 
ATOM   273  S SG  . CYS A 1 36  ? 8.505   -12.085 -5.035  1.00 13.56 ?  830  CYS A SG  1 
ATOM   274  N N   . ARG A 1 37  ? 5.143   -12.008 -6.660  1.00 15.93 ?  831  ARG A N   1 
ATOM   275  C CA  . ARG A 1 37  ? 3.789   -11.902 -6.130  1.00 16.27 ?  831  ARG A CA  1 
ATOM   276  C C   . ARG A 1 37  ? 3.411   -13.069 -5.230  1.00 13.68 ?  831  ARG A C   1 
ATOM   277  O O   . ARG A 1 37  ? 3.748   -14.226 -5.498  1.00 17.22 ?  831  ARG A O   1 
ATOM   278  C CB  . ARG A 1 37  ? 2.775   -11.774 -7.263  1.00 18.35 ?  831  ARG A CB  1 
ATOM   279  C CG  . ARG A 1 37  ? 2.860   -10.410 -7.902  1.00 23.29 ?  831  ARG A CG  1 
ATOM   280  C CD  . ARG A 1 37  ? 1.903   -10.240 -9.031  1.00 28.79 ?  831  ARG A CD  1 
ATOM   281  N NE  . ARG A 1 37  ? 2.188   -8.987  -9.717  1.00 33.82 ?  831  ARG A NE  1 
ATOM   282  C CZ  . ARG A 1 37  ? 1.690   -7.816  -9.343  1.00 25.89 ?  831  ARG A CZ  1 
ATOM   283  N NH1 . ARG A 1 37  ? 0.883   -7.753  -8.289  1.00 23.21 1  831  ARG A NH1 1 
ATOM   284  N NH2 . ARG A 1 37  ? 2.000   -6.719  -10.023 1.00 22.60 ?  831  ARG A NH2 1 
ATOM   285  N N   . ASP A 1 38  ? 2.659   -12.748 -4.182  1.00 12.85 ?  832  ASP A N   1 
ATOM   286  C CA  . ASP A 1 38  ? 2.094   -13.743 -3.279  1.00 13.24 ?  832  ASP A CA  1 
ATOM   287  C C   . ASP A 1 38  ? 0.843   -14.316 -3.946  1.00 14.87 ?  832  ASP A C   1 
ATOM   288  O O   . ASP A 1 38  ? -0.296  -13.942 -3.646  1.00 14.51 ?  832  ASP A O   1 
ATOM   289  C CB  . ASP A 1 38  ? 1.802   -13.102 -1.929  1.00 15.09 ?  832  ASP A CB  1 
ATOM   290  C CG  . ASP A 1 38  ? 1.169   -14.057 -0.944  1.00 19.85 ?  832  ASP A CG  1 
ATOM   291  O OD1 . ASP A 1 38  ? 1.251   -15.291 -1.142  1.00 20.98 ?  832  ASP A OD1 1 
ATOM   292  O OD2 . ASP A 1 38  ? 0.576   -13.560 0.033   1.00 21.48 -1 832  ASP A OD2 1 
ATOM   293  N N   . THR A 1 39  ? 1.077   -15.252 -4.870  1.00 14.89 ?  833  THR A N   1 
ATOM   294  C CA  . THR A 1 39  ? 0.004   -15.748 -5.729  1.00 16.44 ?  833  THR A CA  1 
ATOM   295  C C   . THR A 1 39  ? -1.057  -16.516 -4.959  1.00 15.61 ?  833  THR A C   1 
ATOM   296  O O   . THR A 1 39  ? -2.201  -16.594 -5.420  1.00 16.84 ?  833  THR A O   1 
ATOM   297  C CB  . THR A 1 39  ? 0.591   -16.637 -6.823  1.00 19.20 ?  833  THR A CB  1 
ATOM   298  O OG1 . THR A 1 39  ? 1.338   -17.691 -6.207  1.00 24.98 ?  833  THR A OG1 1 
ATOM   299  C CG2 . THR A 1 39  ? 1.523   -15.823 -7.703  1.00 20.04 ?  833  THR A CG2 1 
ATOM   300  N N   . GLN A 1 40  ? -0.718  -17.049 -3.787  1.00 16.88 ?  834  GLN A N   1 
ATOM   301  C CA  . GLN A 1 40  ? -1.669  -17.807 -2.987  1.00 20.41 ?  834  GLN A CA  1 
ATOM   302  C C   . GLN A 1 40  ? -2.571  -16.929 -2.136  1.00 20.37 ?  834  GLN A C   1 
ATOM   303  O O   . GLN A 1 40  ? -3.523  -17.450 -1.546  1.00 21.27 ?  834  GLN A O   1 
ATOM   304  C CB  . GLN A 1 40  ? -0.933  -18.800 -2.082  1.00 17.57 ?  834  GLN A CB  1 
ATOM   305  C CG  . GLN A 1 40  ? -0.430  -20.023 -2.827  1.00 32.81 ?  834  GLN A CG  1 
ATOM   306  C CD  . GLN A 1 40  ? 0.693   -19.713 -3.804  1.00 30.88 ?  834  GLN A CD  1 
ATOM   307  N N   . GLY A 1 41  ? -2.295  -15.629 -2.050  1.00 16.58 ?  835  GLY A N   1 
ATOM   308  C CA  . GLY A 1 41  ? -3.132  -14.723 -1.292  1.00 15.89 ?  835  GLY A CA  1 
ATOM   309  C C   . GLY A 1 41  ? -3.723  -13.620 -2.148  1.00 17.33 ?  835  GLY A C   1 
ATOM   310  O O   . GLY A 1 41  ? -4.548  -13.891 -3.027  1.00 21.44 ?  835  GLY A O   1 
ATOM   311  N N   . ARG A 1 42  ? -3.295  -12.372 -1.918  1.00 14.79 ?  836  ARG A N   1 
ATOM   312  C CA  . ARG A 1 42  ? -3.806  -11.206 -2.632  1.00 15.04 ?  836  ARG A CA  1 
ATOM   313  C C   . ARG A 1 42  ? -2.970  -10.813 -3.849  1.00 12.90 ?  836  ARG A C   1 
ATOM   314  O O   . ARG A 1 42  ? -3.244  -9.763  -4.446  1.00 12.22 ?  836  ARG A O   1 
ATOM   315  C CB  . ARG A 1 42  ? -3.872  -9.984  -1.701  1.00 18.80 ?  836  ARG A CB  1 
ATOM   316  C CG  . ARG A 1 42  ? -4.926  -10.022 -0.633  1.00 25.46 ?  836  ARG A CG  1 
ATOM   317  C CD  . ARG A 1 42  ? -5.081  -8.638  -0.014  1.00 18.80 ?  836  ARG A CD  1 
ATOM   318  N NE  . ARG A 1 42  ? -5.417  -7.624  -1.014  1.00 19.78 ?  836  ARG A NE  1 
ATOM   319  C CZ  . ARG A 1 42  ? -6.647  -7.188  -1.273  1.00 20.71 ?  836  ARG A CZ  1 
ATOM   320  N NH1 . ARG A 1 42  ? -7.680  -7.667  -0.594  1.00 27.53 1  836  ARG A NH1 1 
ATOM   321  N NH2 . ARG A 1 42  ? -6.848  -6.270  -2.210  1.00 19.41 ?  836  ARG A NH2 1 
ATOM   322  N N   . ASN A 1 43  ? -1.944  -11.593 -4.208  1.00 14.19 ?  837  ASN A N   1 
ATOM   323  C CA  . ASN A 1 43  ? -1.041  -11.248 -5.312  1.00 13.70 ?  837  ASN A CA  1 
ATOM   324  C C   . ASN A 1 43  ? -0.251  -9.970  -4.988  1.00 12.50 ?  837  ASN A C   1 
ATOM   325  O O   . ASN A 1 43  ? 0.078   -9.181  -5.882  1.00 15.62 ?  837  ASN A O   1 
ATOM   326  C CB  . ASN A 1 43  ? -1.816  -11.118 -6.640  1.00 14.31 ?  837  ASN A CB  1 
ATOM   327  C CG  . ASN A 1 43  ? -1.090  -11.730 -7.852  1.00 19.14 ?  837  ASN A CG  1 
ATOM   328  O OD1 . ASN A 1 43  ? -0.320  -12.685 -7.744  1.00 20.10 ?  837  ASN A OD1 1 
ATOM   329  N ND2 . ASN A 1 43  ? -1.361  -11.168 -9.025  1.00 24.39 ?  837  ASN A ND2 1 
ATOM   330  N N   . SER A 1 44  ? 0.018   -9.756  -3.701  1.00 15.29 ?  838  SER A N   1 
ATOM   331  C CA  . SER A 1 44  ? 0.831   -8.645  -3.197  1.00 12.24 ?  838  SER A CA  1 
ATOM   332  C C   . SER A 1 44  ? 2.293   -8.800  -3.609  1.00 10.55 ?  838  SER A C   1 
ATOM   333  O O   . SER A 1 44  ? 2.820   -9.916  -3.669  1.00 11.43 ?  838  SER A O   1 
ATOM   334  C CB  . SER A 1 44  ? 0.785   -8.612  -1.659  1.00 15.18 ?  838  SER A CB  1 
ATOM   335  O OG  . SER A 1 44  ? -0.373  -8.002  -1.102  1.00 17.84 ?  838  SER A OG  1 
ATOM   336  N N   . THR A 1 45  ? 2.971   -7.659  -3.818  1.00 8.12  ?  839  THR A N   1 
ATOM   337  C CA  . THR A 1 45  ? 4.424   -7.627  -4.015  1.00 10.58 ?  839  THR A CA  1 
ATOM   338  C C   . THR A 1 45  ? 5.132   -7.447  -2.684  1.00 8.80  ?  839  THR A C   1 
ATOM   339  O O   . THR A 1 45  ? 4.513   -7.095  -1.669  1.00 7.67  ?  839  THR A O   1 
ATOM   340  C CB  . THR A 1 45  ? 4.819   -6.480  -4.944  1.00 10.52 ?  839  THR A CB  1 
ATOM   341  O OG1 . THR A 1 45  ? 4.503   -5.229  -4.319  1.00 8.87  ?  839  THR A OG1 1 
ATOM   342  C CG2 . THR A 1 45  ? 4.147   -6.585  -6.316  1.00 10.38 ?  839  THR A CG2 1 
ATOM   343  N N   . PRO A 1 46  ? 6.450   -7.660  -2.640  1.00 7.85  ?  840  PRO A N   1 
ATOM   344  C CA  . PRO A 1 46  ? 7.182   -7.335  -1.404  1.00 7.40  ?  840  PRO A CA  1 
ATOM   345  C C   . PRO A 1 46  ? 6.929   -5.913  -0.914  1.00 8.81  ?  840  PRO A C   1 
ATOM   346  O O   . PRO A 1 46  ? 6.825   -5.704  0.303   1.00 8.54  ?  840  PRO A O   1 
ATOM   347  C CB  . PRO A 1 46  ? 8.652   -7.572  -1.795  1.00 7.38  ?  840  PRO A CB  1 
ATOM   348  C CG  . PRO A 1 46  ? 8.552   -8.677  -2.884  1.00 8.56  ?  840  PRO A CG  1 
ATOM   349  C CD  . PRO A 1 46  ? 7.313   -8.300  -3.657  1.00 9.53  ?  840  PRO A CD  1 
ATOM   350  N N   . LEU A 1 47  ? 6.807   -4.932  -1.811  1.00 7.70  ?  841  LEU A N   1 
ATOM   351  C CA  . LEU A 1 47  ? 6.571   -3.556  -1.356  1.00 7.99  ?  841  LEU A CA  1 
ATOM   352  C C   . LEU A 1 47  ? 5.173   -3.394  -0.748  1.00 7.62  ?  841  LEU A C   1 
ATOM   353  O O   . LEU A 1 47  ? 5.007   -2.662  0.242   1.00 8.49  ?  841  LEU A O   1 
ATOM   354  C CB  . LEU A 1 47  ? 6.801   -2.571  -2.496  1.00 10.50 ?  841  LEU A CB  1 
ATOM   355  C CG  . LEU A 1 47  ? 6.645   -1.079  -2.151  1.00 9.39  ?  841  LEU A CG  1 
ATOM   356  C CD1 . LEU A 1 47  ? 7.672   -0.621  -1.095  1.00 10.34 ?  841  LEU A CD1 1 
ATOM   357  C CD2 . LEU A 1 47  ? 6.810   -0.249  -3.414  1.00 9.14  ?  841  LEU A CD2 1 
ATOM   358  N N   . HIS A 1 48  ? 4.154   -4.080  -1.292  1.00 7.18  ?  842  HIS A N   1 
ATOM   359  C CA  . HIS A 1 48  ? 2.847   -4.073  -0.619  1.00 8.78  ?  842  HIS A CA  1 
ATOM   360  C C   . HIS A 1 48  ? 2.971   -4.543  0.823   1.00 10.51 ?  842  HIS A C   1 
ATOM   361  O O   . HIS A 1 48  ? 2.341   -3.981  1.729   1.00 8.84  ?  842  HIS A O   1 
ATOM   362  C CB  . HIS A 1 48  ? 1.841   -5.004  -1.316  1.00 7.58  ?  842  HIS A CB  1 
ATOM   363  C CG  . HIS A 1 48  ? 1.244   -4.479  -2.590  1.00 8.07  ?  842  HIS A CG  1 
ATOM   364  N ND1 . HIS A 1 48  ? 1.757   -4.801  -3.828  1.00 10.21 ?  842  HIS A ND1 1 
ATOM   365  C CD2 . HIS A 1 48  ? 0.150   -3.714  -2.825  1.00 8.32  ?  842  HIS A CD2 1 
ATOM   366  C CE1 . HIS A 1 48  ? 1.016   -4.246  -4.772  1.00 9.27  ?  842  HIS A CE1 1 
ATOM   367  N NE2 . HIS A 1 48  ? 0.024   -3.592  -4.191  1.00 8.54  ?  842  HIS A NE2 1 
ATOM   368  N N   . LEU A 1 49  ? 3.731   -5.620  1.043   1.00 8.67  ?  843  LEU A N   1 
ATOM   369  C CA  . LEU A 1 49  ? 3.823   -6.214  2.369   1.00 9.12  ?  843  LEU A CA  1 
ATOM   370  C C   . LEU A 1 49  ? 4.624   -5.322  3.308   1.00 12.02 ?  843  LEU A C   1 
ATOM   371  O O   . LEU A 1 49  ? 4.223   -5.098  4.460   1.00 11.17 ?  843  LEU A O   1 
ATOM   372  C CB  . LEU A 1 49  ? 4.441   -7.610  2.279   1.00 10.45 ?  843  LEU A CB  1 
ATOM   373  C CG  . LEU A 1 49  ? 3.659   -8.577  1.384   1.00 10.26 ?  843  LEU A CG  1 
ATOM   374  C CD1 . LEU A 1 49  ? 4.425   -9.889  1.283   1.00 11.99 ?  843  LEU A CD1 1 
ATOM   375  C CD2 . LEU A 1 49  ? 2.258   -8.838  1.919   1.00 12.18 ?  843  LEU A CD2 1 
ATOM   376  N N   . ALA A 1 50  ? 5.745   -4.783  2.831   1.00 9.87  ?  844  ALA A N   1 
ATOM   377  C CA  . ALA A 1 50  ? 6.516   -3.861  3.661   1.00 9.04  ?  844  ALA A CA  1 
ATOM   378  C C   . ALA A 1 50  ? 5.700   -2.627  4.025   1.00 9.38  ?  844  ALA A C   1 
ATOM   379  O O   . ALA A 1 50  ? 5.814   -2.103  5.144   1.00 12.91 ?  844  ALA A O   1 
ATOM   380  C CB  . ALA A 1 50  ? 7.810   -3.474  2.941   1.00 9.80  ?  844  ALA A CB  1 
ATOM   381  N N   . ALA A 1 51  ? 4.860   -2.152  3.105   1.00 9.63  ?  845  ALA A N   1 
ATOM   382  C CA  . ALA A 1 51  ? 4.041   -0.974  3.377   1.00 9.47  ?  845  ALA A CA  1 
ATOM   383  C C   . ALA A 1 51  ? 2.951   -1.302  4.383   1.00 9.05  ?  845  ALA A C   1 
ATOM   384  O O   . ALA A 1 51  ? 2.721   -0.542  5.339   1.00 11.76 ?  845  ALA A O   1 
ATOM   385  C CB  . ALA A 1 51  ? 3.423   -0.454  2.082   1.00 10.30 ?  845  ALA A CB  1 
ATOM   386  N N   . GLY A 1 52  ? 2.268   -2.431  4.177   1.00 9.05  ?  846  GLY A N   1 
ATOM   387  C CA  . GLY A 1 52  ? 1.150   -2.804  5.028   1.00 10.71 ?  846  GLY A CA  1 
ATOM   388  C C   . GLY A 1 52  ? 1.565   -3.162  6.436   1.00 12.30 ?  846  GLY A C   1 
ATOM   389  O O   . GLY A 1 52  ? 0.814   -2.913  7.386   1.00 11.48 ?  846  GLY A O   1 
ATOM   390  N N   . TYR A 1 53  ? 2.743   -3.768  6.591   1.00 10.96 ?  847  TYR A N   1 
ATOM   391  C CA  . TYR A 1 53  ? 3.243   -4.207  7.888   1.00 11.53 ?  847  TYR A CA  1 
ATOM   392  C C   . TYR A 1 53  ? 4.235   -3.227  8.510   1.00 12.69 ?  847  TYR A C   1 
ATOM   393  O O   . TYR A 1 53  ? 4.903   -3.582  9.490   1.00 15.78 ?  847  TYR A O   1 
ATOM   394  C CB  . TYR A 1 53  ? 3.857   -5.603  7.751   1.00 12.35 ?  847  TYR A CB  1 
ATOM   395  C CG  . TYR A 1 53  ? 2.808   -6.655  7.511   1.00 11.17 ?  847  TYR A CG  1 
ATOM   396  C CD1 . TYR A 1 53  ? 2.053   -7.174  8.573   1.00 16.24 ?  847  TYR A CD1 1 
ATOM   397  C CD2 . TYR A 1 53  ? 2.514   -7.109  6.221   1.00 13.28 ?  847  TYR A CD2 1 
ATOM   398  C CE1 . TYR A 1 53  ? 1.075   -8.125  8.361   1.00 16.41 ?  847  TYR A CE1 1 
ATOM   399  C CE2 . TYR A 1 53  ? 1.542   -8.068  6.008   1.00 13.57 ?  847  TYR A CE2 1 
ATOM   400  C CZ  . TYR A 1 53  ? 0.819   -8.570  7.081   1.00 19.91 ?  847  TYR A CZ  1 
ATOM   401  O OH  . TYR A 1 53  ? -0.166  -9.513  6.889   1.00 18.56 ?  847  TYR A OH  1 
ATOM   402  N N   . ASN A 1 54  ? 4.360   -2.023  7.951   1.00 12.08 ?  848  ASN A N   1 
ATOM   403  C CA  . ASN A 1 54  ? 5.077   -0.889  8.555   1.00 11.17 ?  848  ASN A CA  1 
ATOM   404  C C   . ASN A 1 54  ? 6.565   -1.166  8.732   1.00 15.36 ?  848  ASN A C   1 
ATOM   405  O O   . ASN A 1 54  ? 7.135   -0.995  9.818   1.00 14.45 ?  848  ASN A O   1 
ATOM   406  C CB  . ASN A 1 54  ? 4.463   -0.494  9.895   1.00 13.78 ?  848  ASN A CB  1 
ATOM   407  C CG  . ASN A 1 54  ? 4.941   0.859   10.360  1.00 13.85 ?  848  ASN A CG  1 
ATOM   408  O OD1 . ASN A 1 54  ? 5.425   1.681   9.575   1.00 15.30 ?  848  ASN A OD1 1 
ATOM   409  N ND2 . ASN A 1 54  ? 4.796   1.111   11.653  1.00 18.50 ?  848  ASN A ND2 1 
ATOM   410  N N   . ASN A 1 55  ? 7.211   -1.567  7.643   1.00 15.16 ?  849  ASN A N   1 
ATOM   411  C CA  . ASN A 1 55  ? 8.654   -1.828  7.625   1.00 14.85 ?  849  ASN A CA  1 
ATOM   412  C C   . ASN A 1 55  ? 9.324   -0.775  6.730   1.00 17.16 ?  849  ASN A C   1 
ATOM   413  O O   . ASN A 1 55  ? 9.569   -1.009  5.551   1.00 15.13 ?  849  ASN A O   1 
ATOM   414  C CB  . ASN A 1 55  ? 8.883   -3.313  7.141   1.00 14.96 ?  849  ASN A CB  1 
ATOM   415  C CG  . ASN A 1 55  ? 8.228   -4.346  8.067   1.00 14.72 ?  849  ASN A CG  1 
ATOM   416  O OD1 . ASN A 1 55  ? 8.310   -4.231  9.295   1.00 17.99 ?  849  ASN A OD1 1 
ATOM   417  N ND2 . ASN A 1 55  ? 7.567   -5.348  7.491   1.00 13.91 ?  849  ASN A ND2 1 
ATOM   418  N N   . LEU A 1 56  ? 9.636   0.402   7.310   1.00 15.18 ?  850  LEU A N   1 
ATOM   419  C CA  . LEU A 1 56  ? 10.023  1.575   6.515   1.00 13.93 ?  850  LEU A CA  1 
ATOM   420  C C   . LEU A 1 56  ? 11.338  1.351   5.772   1.00 16.49 ?  850  LEU A C   1 
ATOM   421  O O   . LEU A 1 56  ? 11.470  1.706   4.593   1.00 17.59 ?  850  LEU A O   1 
ATOM   422  C CB  . LEU A 1 56  ? 10.133  2.824   7.410   1.00 16.80 ?  850  LEU A CB  1 
ATOM   423  C CG  . LEU A 1 56  ? 10.624  4.131   6.762   1.00 15.99 ?  850  LEU A CG  1 
ATOM   424  C CD1 . LEU A 1 56  ? 9.625   4.685   5.758   1.00 20.83 ?  850  LEU A CD1 1 
ATOM   425  C CD2 . LEU A 1 56  ? 10.995  5.232   7.782   1.00 18.88 ?  850  LEU A CD2 1 
ATOM   426  N N   . GLU A 1 57  ? 12.342  0.824   6.464   1.00 23.31 ?  851  GLU A N   1 
ATOM   427  C CA  . GLU A 1 57  ? 13.639  0.697   5.818   1.00 20.63 ?  851  GLU A CA  1 
ATOM   428  C C   . GLU A 1 57  ? 13.650  -0.446  4.807   1.00 15.35 ?  851  GLU A C   1 
ATOM   429  O O   . GLU A 1 57  ? 14.299  -0.311  3.764   1.00 17.26 ?  851  GLU A O   1 
ATOM   430  C CB  . GLU A 1 57  ? 14.748  0.545   6.857   1.00 21.21 ?  851  GLU A CB  1 
ATOM   431  C CG  . GLU A 1 57  ? 14.850  1.712   7.881   1.00 27.33 ?  851  GLU A CG  1 
ATOM   432  C CD  . GLU A 1 57  ? 14.897  3.112   7.264   1.00 34.18 ?  851  GLU A CD  1 
ATOM   433  O OE1 . GLU A 1 57  ? 15.348  3.266   6.111   1.00 34.14 ?  851  GLU A OE1 1 
ATOM   434  O OE2 . GLU A 1 57  ? 14.476  4.076   7.950   1.00 29.99 -1 851  GLU A OE2 1 
ATOM   435  N N   . VAL A 1 58  ? 12.933  -1.553  5.070   1.00 15.76 ?  852  VAL A N   1 
ATOM   436  C CA  . VAL A 1 58  ? 12.723  -2.553  4.014   1.00 13.62 ?  852  VAL A CA  1 
ATOM   437  C C   . VAL A 1 58  ? 12.006  -1.922  2.832   1.00 13.52 ?  852  VAL A C   1 
ATOM   438  O O   . VAL A 1 58  ? 12.365  -2.147  1.674   1.00 9.46  ?  852  VAL A O   1 
ATOM   439  C CB  . VAL A 1 58  ? 11.945  -3.777  4.524   1.00 13.79 ?  852  VAL A CB  1 
ATOM   440  C CG1 . VAL A 1 58  ? 11.494  -4.640  3.335   1.00 11.78 ?  852  VAL A CG1 1 
ATOM   441  C CG2 . VAL A 1 58  ? 12.793  -4.612  5.478   1.00 20.44 ?  852  VAL A CG2 1 
ATOM   442  N N   . ALA A 1 59  ? 10.984  -1.107  3.098   1.00 13.62 ?  853  ALA A N   1 
ATOM   443  C CA  . ALA A 1 59  ? 10.295  -0.446  2.002   1.00 9.77  ?  853  ALA A CA  1 
ATOM   444  C C   . ALA A 1 59  ? 11.240  0.435   1.185   1.00 8.28  ?  853  ALA A C   1 
ATOM   445  O O   . ALA A 1 59  ? 11.205  0.399   -0.048  1.00 10.87 ?  853  ALA A O   1 
ATOM   446  C CB  . ALA A 1 59  ? 9.102   0.358   2.535   1.00 12.56 ?  853  ALA A CB  1 
ATOM   447  N N   . GLU A 1 60  ? 12.078  1.262   1.843   1.00 15.02 ?  854  GLU A N   1 
ATOM   448  C CA  . GLU A 1 60  ? 12.969  2.098   1.029   1.00 13.42 ?  854  GLU A CA  1 
ATOM   449  C C   . GLU A 1 60  ? 14.030  1.250   0.339   1.00 9.59  ?  854  GLU A C   1 
ATOM   450  O O   . GLU A 1 60  ? 14.361  1.510   -0.818  1.00 13.31 ?  854  GLU A O   1 
ATOM   451  C CB  . GLU A 1 60  ? 13.653  3.228   1.817   1.00 21.31 ?  854  GLU A CB  1 
ATOM   452  C CG  . GLU A 1 60  ? 14.445  4.155   0.838   1.00 21.91 ?  854  GLU A CG  1 
ATOM   453  C CD  . GLU A 1 60  ? 14.788  5.563   1.353   1.00 24.45 ?  854  GLU A CD  1 
ATOM   454  O OE1 . GLU A 1 60  ? 14.867  5.766   2.593   1.00 22.14 ?  854  GLU A OE1 1 
ATOM   455  O OE2 . GLU A 1 60  ? 15.004  6.457   0.483   1.00 24.41 -1 854  GLU A OE2 1 
ATOM   456  N N   . TYR A 1 61  ? 14.522  0.197   1.008   1.00 10.22 ?  855  TYR A N   1 
ATOM   457  C CA  . TYR A 1 61  ? 15.445  -0.715  0.326   1.00 9.37  ?  855  TYR A CA  1 
ATOM   458  C C   . TYR A 1 61  ? 14.820  -1.245  -0.960  1.00 9.23  ?  855  TYR A C   1 
ATOM   459  O O   . TYR A 1 61  ? 15.440  -1.243  -2.030  1.00 9.72  ?  855  TYR A O   1 
ATOM   460  C CB  . TYR A 1 61  ? 15.831  -1.883  1.234   1.00 9.62  ?  855  TYR A CB  1 
ATOM   461  C CG  . TYR A 1 61  ? 16.957  -2.736  0.676   1.00 9.25  ?  855  TYR A CG  1 
ATOM   462  C CD1 . TYR A 1 61  ? 16.712  -3.813  -0.167  1.00 11.39 ?  855  TYR A CD1 1 
ATOM   463  C CD2 . TYR A 1 61  ? 18.267  -2.439  0.995   1.00 10.94 ?  855  TYR A CD2 1 
ATOM   464  C CE1 . TYR A 1 61  ? 17.792  -4.588  -0.677  1.00 8.63  ?  855  TYR A CE1 1 
ATOM   465  C CE2 . TYR A 1 61  ? 19.318  -3.178  0.494   1.00 14.69 ?  855  TYR A CE2 1 
ATOM   466  C CZ  . TYR A 1 61  ? 19.073  -4.242  -0.341  1.00 12.30 ?  855  TYR A CZ  1 
ATOM   467  O OH  . TYR A 1 61  ? 20.159  -4.959  -0.803  1.00 15.53 ?  855  TYR A OH  1 
ATOM   468  N N   . LEU A 1 62  ? 13.567  -1.697  -0.872  1.00 9.31  ?  856  LEU A N   1 
ATOM   469  C CA  . LEU A 1 62  ? 12.896  -2.212  -2.058  1.00 8.10  ?  856  LEU A CA  1 
ATOM   470  C C   . LEU A 1 62  ? 12.767  -1.129  -3.125  1.00 8.43  ?  856  LEU A C   1 
ATOM   471  O O   . LEU A 1 62  ? 13.023  -1.386  -4.308  1.00 10.35 ?  856  LEU A O   1 
ATOM   472  C CB  . LEU A 1 62  ? 11.523  -2.787  -1.678  1.00 7.10  ?  856  LEU A CB  1 
ATOM   473  C CG  . LEU A 1 62  ? 11.545  -4.062  -0.828  1.00 8.21  ?  856  LEU A CG  1 
ATOM   474  C CD1 . LEU A 1 62  ? 10.146  -4.371  -0.319  1.00 9.54  ?  856  LEU A CD1 1 
ATOM   475  C CD2 . LEU A 1 62  ? 12.073  -5.232  -1.636  1.00 9.29  ?  856  LEU A CD2 1 
ATOM   476  N N   . LEU A 1 63  ? 12.420  0.094   -2.715  1.00 13.02 ?  857  LEU A N   1 
ATOM   477  C CA  . LEU A 1 63  ? 12.304  1.193   -3.676  1.00 14.25 ?  857  LEU A CA  1 
ATOM   478  C C   . LEU A 1 63  ? 13.647  1.516   -4.328  1.00 13.51 ?  857  LEU A C   1 
ATOM   479  O O   . LEU A 1 63  ? 13.716  1.793   -5.535  1.00 16.63 ?  857  LEU A O   1 
ATOM   480  C CB  . LEU A 1 63  ? 11.737  2.425   -2.977  1.00 15.01 ?  857  LEU A CB  1 
ATOM   481  C CG  . LEU A 1 63  ? 10.238  2.303   -2.701  1.00 17.96 ?  857  LEU A CG  1 
ATOM   482  C CD1 . LEU A 1 63  ? 9.829   3.274   -1.618  1.00 19.05 ?  857  LEU A CD1 1 
ATOM   483  C CD2 . LEU A 1 63  ? 9.454   2.536   -3.977  1.00 20.35 ?  857  LEU A CD2 1 
ATOM   484  N N   . GLU A 1 64  ? 14.725  1.452   -3.552  1.00 15.52 ?  858  GLU A N   1 
ATOM   485  C CA  . GLU A 1 64  ? 16.065  1.712   -4.076  1.00 16.04 ?  858  GLU A CA  1 
ATOM   486  C C   . GLU A 1 64  ? 16.581  0.601   -4.972  1.00 20.29 ?  858  GLU A C   1 
ATOM   487  O O   . GLU A 1 64  ? 17.615  0.782   -5.628  1.00 19.64 ?  858  GLU A O   1 
ATOM   488  C CB  . GLU A 1 64  ? 17.033  1.930   -2.912  1.00 14.75 ?  858  GLU A CB  1 
ATOM   489  C CG  . GLU A 1 64  ? 16.760  3.234   -2.179  1.00 20.66 ?  858  GLU A CG  1 
ATOM   490  C CD  . GLU A 1 64  ? 17.645  3.428   -0.978  1.00 22.29 ?  858  GLU A CD  1 
ATOM   491  O OE1 . GLU A 1 64  ? 17.757  2.496   -0.158  1.00 23.23 ?  858  GLU A OE1 1 
ATOM   492  O OE2 . GLU A 1 64  ? 18.242  4.519   -0.856  1.00 35.15 -1 858  GLU A OE2 1 
ATOM   493  N N   . HIS A 1 65  ? 15.908  -0.548  -5.015  1.00 13.19 ?  859  HIS A N   1 
ATOM   494  C CA  . HIS A 1 65  ? 16.334  -1.653  -5.861  1.00 14.13 ?  859  HIS A CA  1 
ATOM   495  C C   . HIS A 1 65  ? 15.315  -1.949  -6.959  1.00 12.92 ?  859  HIS A C   1 
ATOM   496  O O   . HIS A 1 65  ? 15.324  -3.042  -7.533  1.00 20.71 ?  859  HIS A O   1 
ATOM   497  C CB  . HIS A 1 65  ? 16.628  -2.884  -5.005  1.00 12.07 ?  859  HIS A CB  1 
ATOM   498  C CG  . HIS A 1 65  ? 17.853  -2.718  -4.160  1.00 9.03  ?  859  HIS A CG  1 
ATOM   499  N ND1 . HIS A 1 65  ? 17.853  -1.949  -3.015  1.00 10.73 ?  859  HIS A ND1 1 
ATOM   500  C CD2 . HIS A 1 65  ? 19.123  -3.164  -4.314  1.00 12.12 ?  859  HIS A CD2 1 
ATOM   501  C CE1 . HIS A 1 65  ? 19.068  -1.929  -2.498  1.00 10.97 ?  859  HIS A CE1 1 
ATOM   502  N NE2 . HIS A 1 65  ? 19.858  -2.666  -3.264  1.00 13.01 ?  859  HIS A NE2 1 
ATOM   503  N N   . GLY A 1 66  ? 14.428  -0.999  -7.231  1.00 19.22 ?  860  GLY A N   1 
ATOM   504  C CA  . GLY A 1 66  ? 13.561  -1.058  -8.387  1.00 23.03 ?  860  GLY A CA  1 
ATOM   505  C C   . GLY A 1 66  ? 12.147  -1.548  -8.153  1.00 16.50 ?  860  GLY A C   1 
ATOM   506  O O   . GLY A 1 66  ? 11.467  -1.886  -9.124  1.00 18.49 ?  860  GLY A O   1 
ATOM   507  N N   . ALA A 1 67  ? 11.689  -1.617  -6.912  1.00 12.95 ?  861  ALA A N   1 
ATOM   508  C CA  . ALA A 1 67  ? 10.311  -2.008  -6.689  1.00 9.95  ?  861  ALA A CA  1 
ATOM   509  C C   . ALA A 1 67  ? 9.352   -1.033  -7.364  1.00 11.58 ?  861  ALA A C   1 
ATOM   510  O O   . ALA A 1 67  ? 9.578   0.183   -7.384  1.00 14.35 ?  861  ALA A O   1 
ATOM   511  C CB  . ALA A 1 67  ? 10.025  -2.085  -5.194  1.00 11.39 ?  861  ALA A CB  1 
ATOM   512  N N   . ASP A 1 68  ? 8.252   -1.572  -7.882  1.00 12.25 ?  862  ASP A N   1 
ATOM   513  C CA  . ASP A 1 68  ? 7.267   -0.785  -8.621  1.00 10.57 ?  862  ASP A CA  1 
ATOM   514  C C   . ASP A 1 68  ? 6.304   -0.131  -7.636  1.00 9.85  ?  862  ASP A C   1 
ATOM   515  O O   . ASP A 1 68  ? 5.458   -0.802  -7.026  1.00 11.80 ?  862  ASP A O   1 
ATOM   516  C CB  . ASP A 1 68  ? 6.530   -1.681  -9.612  1.00 10.94 ?  862  ASP A CB  1 
ATOM   517  C CG  . ASP A 1 68  ? 5.523   -0.926  -10.452 1.00 15.13 ?  862  ASP A CG  1 
ATOM   518  O OD1 . ASP A 1 68  ? 5.434   0.314   -10.341 1.00 13.24 ?  862  ASP A OD1 1 
ATOM   519  O OD2 . ASP A 1 68  ? 4.828   -1.610  -11.243 1.00 21.26 -1 862  ASP A OD2 1 
ATOM   520  N N   . VAL A 1 69  ? 6.424   1.191   -7.506  1.00 11.04 ?  863  VAL A N   1 
ATOM   521  C CA  . VAL A 1 69  ? 5.634   1.921   -6.537  1.00 13.17 ?  863  VAL A CA  1 
ATOM   522  C C   . VAL A 1 69  ? 4.154   1.895   -6.903  1.00 15.60 ?  863  VAL A C   1 
ATOM   523  O O   . VAL A 1 69  ? 3.304   2.134   -6.035  1.00 22.34 ?  863  VAL A O   1 
ATOM   524  C CB  . VAL A 1 69  ? 6.219   3.349   -6.451  1.00 18.94 ?  863  VAL A CB  1 
ATOM   525  C CG1 . VAL A 1 69  ? 5.615   4.269   -7.527  1.00 15.09 ?  863  VAL A CG1 1 
ATOM   526  C CG2 . VAL A 1 69  ? 6.178   3.912   -5.051  1.00 19.62 ?  863  VAL A CG2 1 
ATOM   527  N N   . ASN A 1 70  ? 3.809   1.579   -8.160  1.00 12.02 ?  864  ASN A N   1 
ATOM   528  C CA  . ASN A 1 70  ? 2.424   1.504   -8.606  1.00 19.62 ?  864  ASN A CA  1 
ATOM   529  C C   . ASN A 1 70  ? 1.981   0.081   -8.967  1.00 13.45 ?  864  ASN A C   1 
ATOM   530  O O   . ASN A 1 70  ? 0.972   -0.092  -9.653  1.00 15.94 ?  864  ASN A O   1 
ATOM   531  C CB  . ASN A 1 70  ? 2.204   2.453   -9.780  1.00 25.30 ?  864  ASN A CB  1 
ATOM   532  C CG  . ASN A 1 70  ? 2.446   3.901   -9.404  1.00 22.26 ?  864  ASN A CG  1 
ATOM   533  O OD1 . ASN A 1 70  ? 2.050   4.364   -8.323  1.00 31.54 ?  864  ASN A OD1 1 
ATOM   534  N ND2 . ASN A 1 70  ? 3.118   4.624   -10.284 1.00 32.11 ?  864  ASN A ND2 1 
ATOM   535  N N   . ALA A 1 71  ? 2.679   -0.946  -8.474  1.00 12.66 ?  865  ALA A N   1 
ATOM   536  C CA  . ALA A 1 71  ? 2.202   -2.316  -8.657  1.00 9.85  ?  865  ALA A CA  1 
ATOM   537  C C   . ALA A 1 71  ? 0.842   -2.518  -7.996  1.00 11.00 ?  865  ALA A C   1 
ATOM   538  O O   . ALA A 1 71  ? 0.605   -2.046  -6.884  1.00 11.35 ?  865  ALA A O   1 
ATOM   539  C CB  . ALA A 1 71  ? 3.196   -3.313  -8.061  1.00 11.51 ?  865  ALA A CB  1 
ATOM   540  N N   . GLN A 1 72  ? -0.043  -3.260  -8.672  1.00 12.33 ?  866  GLN A N   1 
ATOM   541  C CA  . GLN A 1 72  ? -1.399  -3.492  -8.179  1.00 9.97  ?  866  GLN A CA  1 
ATOM   542  C C   . GLN A 1 72  ? -1.577  -4.930  -7.729  1.00 12.21 ?  866  GLN A C   1 
ATOM   543  O O   . GLN A 1 72  ? -1.186  -5.862  -8.445  1.00 13.88 ?  866  GLN A O   1 
ATOM   544  C CB  . GLN A 1 72  ? -2.456  -3.171  -9.250  1.00 11.57 ?  866  GLN A CB  1 
ATOM   545  C CG  . GLN A 1 72  ? -2.558  -1.689  -9.589  1.00 12.62 ?  866  GLN A CG  1 
ATOM   546  C CD  . GLN A 1 72  ? -3.705  -1.384  -10.556 1.00 17.79 ?  866  GLN A CD  1 
ATOM   547  O OE1 . GLN A 1 72  ? -4.759  -2.035  -10.532 1.00 19.66 ?  866  GLN A OE1 1 
ATOM   548  N NE2 . GLN A 1 72  ? -3.488  -0.415  -11.430 1.00 22.36 ?  866  GLN A NE2 1 
ATOM   549  N N   . ASP A 1 73  ? -2.184  -5.121  -6.560  1.00 10.35 ?  867  ASP A N   1 
ATOM   550  C CA  . ASP A 1 73  ? -2.542  -6.465  -6.126  1.00 9.88  ?  867  ASP A CA  1 
ATOM   551  C C   . ASP A 1 73  ? -3.844  -6.870  -6.828  1.00 11.31 ?  867  ASP A C   1 
ATOM   552  O O   . ASP A 1 73  ? -4.344  -6.169  -7.715  1.00 11.77 ?  867  ASP A O   1 
ATOM   553  C CB  . ASP A 1 73  ? -2.583  -6.570  -4.589  1.00 13.20 ?  867  ASP A CB  1 
ATOM   554  C CG  . ASP A 1 73  ? -3.806  -5.895  -3.944  1.00 11.94 ?  867  ASP A CG  1 
ATOM   555  O OD1 . ASP A 1 73  ? -4.717  -5.431  -4.652  1.00 11.26 ?  867  ASP A OD1 1 
ATOM   556  O OD2 . ASP A 1 73  ? -3.860  -5.833  -2.701  1.00 12.45 -1 867  ASP A OD2 1 
ATOM   557  N N   . LYS A 1 74  ? -4.410  -8.015  -6.439  1.00 11.44 ?  868  LYS A N   1 
ATOM   558  C CA  . LYS A 1 74  ? -5.539  -8.556  -7.194  1.00 13.58 ?  868  LYS A CA  1 
ATOM   559  C C   . LYS A 1 74  ? -6.797  -7.721  -7.025  1.00 17.28 ?  868  LYS A C   1 
ATOM   560  O O   . LYS A 1 74  ? -7.739  -7.872  -7.814  1.00 18.99 ?  868  LYS A O   1 
ATOM   561  C CB  . LYS A 1 74  ? -5.810  -10.001 -6.784  1.00 18.48 ?  868  LYS A CB  1 
ATOM   562  C CG  . LYS A 1 74  ? -6.543  -10.173 -5.482  1.00 17.14 ?  868  LYS A CG  1 
ATOM   563  C CD  . LYS A 1 74  ? -6.813  -11.656 -5.250  1.00 17.67 ?  868  LYS A CD  1 
ATOM   564  C CE  . LYS A 1 74  ? -7.725  -11.889 -4.059  1.00 20.96 ?  868  LYS A CE  1 
ATOM   565  N NZ  . LYS A 1 74  ? -7.618  -13.313 -3.588  1.00 28.62 1  868  LYS A NZ  1 
ATOM   566  N N   . GLY A 1 75  ? -6.837  -6.852  -6.019  1.00 10.76 ?  869  GLY A N   1 
ATOM   567  C CA  . GLY A 1 75  ? -7.920  -5.902  -5.854  1.00 13.10 ?  869  GLY A CA  1 
ATOM   568  C C   . GLY A 1 75  ? -7.650  -4.528  -6.420  1.00 12.22 ?  869  GLY A C   1 
ATOM   569  O O   . GLY A 1 75  ? -8.463  -3.623  -6.199  1.00 13.49 ?  869  GLY A O   1 
ATOM   570  N N   . GLY A 1 76  ? -6.542  -4.336  -7.128  1.00 8.99  ?  870  GLY A N   1 
ATOM   571  C CA  . GLY A 1 76  ? -6.160  -3.029  -7.623  1.00 10.10 ?  870  GLY A CA  1 
ATOM   572  C C   . GLY A 1 76  ? -5.457  -2.126  -6.631  1.00 10.09 ?  870  GLY A C   1 
ATOM   573  O O   . GLY A 1 76  ? -5.222  -0.952  -6.954  1.00 10.20 ?  870  GLY A O   1 
ATOM   574  N N   . LEU A 1 77  ? -5.090  -2.625  -5.450  1.00 8.64  ?  871  LEU A N   1 
ATOM   575  C CA  . LEU A 1 77  ? -4.408  -1.778  -4.482  1.00 10.22 ?  871  LEU A CA  1 
ATOM   576  C C   . LEU A 1 77  ? -2.968  -1.566  -4.897  1.00 10.09 ?  871  LEU A C   1 
ATOM   577  O O   . LEU A 1 77  ? -2.302  -2.500  -5.347  1.00 9.80  ?  871  LEU A O   1 
ATOM   578  C CB  . LEU A 1 77  ? -4.400  -2.408  -3.092  1.00 10.29 ?  871  LEU A CB  1 
ATOM   579  C CG  . LEU A 1 77  ? -5.736  -2.698  -2.420  1.00 12.44 ?  871  LEU A CG  1 
ATOM   580  C CD1 . LEU A 1 77  ? -5.475  -3.262  -1.020  1.00 11.71 ?  871  LEU A CD1 1 
ATOM   581  C CD2 . LEU A 1 77  ? -6.612  -1.468  -2.343  1.00 14.02 ?  871  LEU A CD2 1 
ATOM   582  N N   . ILE A 1 78  ? -2.480  -0.346  -4.700  1.00 7.74  ?  872  ILE A N   1 
ATOM   583  C CA  . ILE A 1 78  ? -1.043  -0.093  -4.791  1.00 8.01  ?  872  ILE A CA  1 
ATOM   584  C C   . ILE A 1 78  ? -0.522  -0.021  -3.359  1.00 9.28  ?  872  ILE A C   1 
ATOM   585  O O   . ILE A 1 78  ? -1.320  0.084   -2.422  1.00 8.82  ?  872  ILE A O   1 
ATOM   586  C CB  . ILE A 1 78  ? -0.727  1.192   -5.583  1.00 9.89  ?  872  ILE A CB  1 
ATOM   587  C CG1 . ILE A 1 78  ? -1.336  2.433   -4.925  1.00 12.92 ?  872  ILE A CG1 1 
ATOM   588  C CG2 . ILE A 1 78  ? -1.143  1.041   -7.048  1.00 10.26 ?  872  ILE A CG2 1 
ATOM   589  C CD1 . ILE A 1 78  ? -0.733  3.720   -5.473  1.00 15.03 ?  872  ILE A CD1 1 
ATOM   590  N N   . PRO A 1 79  ? 0.791   -0.097  -3.126  1.00 7.95  ?  873  PRO A N   1 
ATOM   591  C CA  . PRO A 1 79  ? 1.266   -0.097  -1.725  1.00 7.78  ?  873  PRO A CA  1 
ATOM   592  C C   . PRO A 1 79  ? 0.818   1.107   -0.902  1.00 9.38  ?  873  PRO A C   1 
ATOM   593  O O   . PRO A 1 79  ? 0.637   0.966   0.316   1.00 9.67  ?  873  PRO A O   1 
ATOM   594  C CB  . PRO A 1 79  ? 2.788   -0.145  -1.891  1.00 10.33 ?  873  PRO A CB  1 
ATOM   595  C CG  . PRO A 1 79  ? 2.974   -0.904  -3.197  1.00 10.27 ?  873  PRO A CG  1 
ATOM   596  C CD  . PRO A 1 79  ? 1.869   -0.411  -4.087  1.00 10.29 ?  873  PRO A CD  1 
ATOM   597  N N   . LEU A 1 80  ? 0.597   2.276   -1.516  1.00 9.90  ?  874  LEU A N   1 
ATOM   598  C CA  . LEU A 1 80  ? 0.066   3.396   -0.744  1.00 8.49  ?  874  LEU A CA  1 
ATOM   599  C C   . LEU A 1 80  ? -1.304  3.078   -0.149  1.00 9.58  ?  874  LEU A C   1 
ATOM   600  O O   . LEU A 1 80  ? -1.626  3.577   0.931   1.00 8.61  ?  874  LEU A O   1 
ATOM   601  C CB  . LEU A 1 80  ? -0.005  4.662   -1.611  1.00 9.59  ?  874  LEU A CB  1 
ATOM   602  C CG  . LEU A 1 80  ? -0.498  5.942   -0.917  1.00 10.74 ?  874  LEU A CG  1 
ATOM   603  C CD1 . LEU A 1 80  ? 0.313   6.270   0.350   1.00 12.32 ?  874  LEU A CD1 1 
ATOM   604  C CD2 . LEU A 1 80  ? -0.486  7.135   -1.886  1.00 12.21 ?  874  LEU A CD2 1 
ATOM   605  N N   . HIS A 1 81  ? -2.124  2.249   -0.820  1.00 8.45  ?  875  HIS A N   1 
ATOM   606  C CA  . HIS A 1 81  ? -3.399  1.834   -0.211  1.00 7.17  ?  875  HIS A CA  1 
ATOM   607  C C   . HIS A 1 81  ? -3.168  1.060   1.077   1.00 10.46 ?  875  HIS A C   1 
ATOM   608  O O   . HIS A 1 81  ? -3.898  1.242   2.063   1.00 9.83  ?  875  HIS A O   1 
ATOM   609  C CB  . HIS A 1 81  ? -4.219  0.945   -1.165  1.00 7.47  ?  875  HIS A CB  1 
ATOM   610  C CG  . HIS A 1 81  ? -4.916  1.668   -2.289  1.00 8.06  ?  875  HIS A CG  1 
ATOM   611  N ND1 . HIS A 1 81  ? -4.422  1.682   -3.580  1.00 9.10  ?  875  HIS A ND1 1 
ATOM   612  C CD2 . HIS A 1 81  ? -6.106  2.316   -2.334  1.00 8.37  ?  875  HIS A CD2 1 
ATOM   613  C CE1 . HIS A 1 81  ? -5.255  2.356   -4.361  1.00 9.98  ?  875  HIS A CE1 1 
ATOM   614  N NE2 . HIS A 1 81  ? -6.287  2.747   -3.630  1.00 10.34 ?  875  HIS A NE2 1 
ATOM   615  N N   . ASN A 1 82  ? -2.171  0.164   1.079   1.00 8.72  ?  876  ASN A N   1 
ATOM   616  C CA  . ASN A 1 82  ? -1.890  -0.622  2.280   1.00 7.74  ?  876  ASN A CA  1 
ATOM   617  C C   . ASN A 1 82  ? -1.443  0.277   3.420   1.00 7.44  ?  876  ASN A C   1 
ATOM   618  O O   . ASN A 1 82  ? -1.880  0.108   4.572   1.00 9.86  ?  876  ASN A O   1 
ATOM   619  C CB  . ASN A 1 82  ? -0.801  -1.663  1.991   1.00 7.09  ?  876  ASN A CB  1 
ATOM   620  C CG  . ASN A 1 82  ? -1.163  -2.597  0.858   1.00 10.58 ?  876  ASN A CG  1 
ATOM   621  O OD1 . ASN A 1 82  ? -1.262  -2.165  -0.282  1.00 10.94 ?  876  ASN A OD1 1 
ATOM   622  N ND2 . ASN A 1 82  ? -1.343  -3.873  1.155   1.00 12.07 ?  876  ASN A ND2 1 
ATOM   623  N N   . ALA A 1 83  ? -0.546  1.224   3.134   1.00 9.22  ?  877  ALA A N   1 
ATOM   624  C CA  . ALA A 1 83  ? -0.123  2.154   4.177   1.00 9.82  ?  877  ALA A CA  1 
ATOM   625  C C   . ALA A 1 83  ? -1.297  2.983   4.689   1.00 10.36 ?  877  ALA A C   1 
ATOM   626  O O   . ALA A 1 83  ? -1.409  3.236   5.898   1.00 11.60 ?  877  ALA A O   1 
ATOM   627  C CB  . ALA A 1 83  ? 0.983   3.065   3.648   1.00 12.95 ?  877  ALA A CB  1 
ATOM   628  N N   . ALA A 1 84  ? -2.179  3.418   3.784   1.00 10.52 ?  878  ALA A N   1 
ATOM   629  C CA  . ALA A 1 84  ? -3.343  4.208   4.190   1.00 10.14 ?  878  ALA A CA  1 
ATOM   630  C C   . ALA A 1 84  ? -4.279  3.391   5.070   1.00 9.97  ?  878  ALA A C   1 
ATOM   631  O O   . ALA A 1 84  ? -4.774  3.884   6.097   1.00 11.08 ?  878  ALA A O   1 
ATOM   632  C CB  . ALA A 1 84  ? -4.094  4.717   2.958   1.00 13.37 ?  878  ALA A CB  1 
ATOM   633  N N   . SER A 1 85  ? -4.527  2.136   4.695   1.00 10.21 ?  879  SER A N   1 
ATOM   634  C CA  . SER A 1 85  ? -5.451  1.292   5.448   1.00 8.42  ?  879  SER A CA  1 
ATOM   635  C C   . SER A 1 85  ? -5.033  1.149   6.905   1.00 11.36 ?  879  SER A C   1 
ATOM   636  O O   . SER A 1 85  ? -5.884  1.135   7.809   1.00 10.87 ?  879  SER A O   1 
ATOM   637  C CB  . SER A 1 85  ? -5.542  -0.087  4.788   1.00 10.81 ?  879  SER A CB  1 
ATOM   638  O OG  . SER A 1 85  ? -6.686  -0.801  5.243   1.00 13.73 ?  879  SER A OG  1 
ATOM   639  N N   . TYR A 1 86  ? -3.731  1.028   7.153   1.00 10.15 ?  880  TYR A N   1 
ATOM   640  C CA  . TYR A 1 86  ? -3.239  0.685   8.483   1.00 10.32 ?  880  TYR A CA  1 
ATOM   641  C C   . TYR A 1 86  ? -2.582  1.868   9.183   1.00 11.75 ?  880  TYR A C   1 
ATOM   642  O O   . TYR A 1 86  ? -2.092  1.713   10.318  1.00 15.11 ?  880  TYR A O   1 
ATOM   643  C CB  . TYR A 1 86  ? -2.293  -0.528  8.383   1.00 10.84 ?  880  TYR A CB  1 
ATOM   644  C CG  . TYR A 1 86  ? -3.053  -1.767  7.936   1.00 8.67  ?  880  TYR A CG  1 
ATOM   645  C CD1 . TYR A 1 86  ? -3.991  -2.365  8.783   1.00 12.29 ?  880  TYR A CD1 1 
ATOM   646  C CD2 . TYR A 1 86  ? -2.908  -2.305  6.656   1.00 11.16 ?  880  TYR A CD2 1 
ATOM   647  C CE1 . TYR A 1 86  ? -4.707  -3.466  8.394   1.00 12.01 ?  880  TYR A CE1 1 
ATOM   648  C CE2 . TYR A 1 86  ? -3.624  -3.416  6.262   1.00 10.64 ?  880  TYR A CE2 1 
ATOM   649  C CZ  . TYR A 1 86  ? -4.533  -3.989  7.131   1.00 11.55 ?  880  TYR A CZ  1 
ATOM   650  O OH  . TYR A 1 86  ? -5.256  -5.087  6.748   1.00 15.59 ?  880  TYR A OH  1 
ATOM   651  N N   . GLY A 1 87  ? -2.585  3.044   8.555   1.00 11.52 ?  881  GLY A N   1 
ATOM   652  C CA  . GLY A 1 87  ? -2.142  4.270   9.202   1.00 14.58 ?  881  GLY A CA  1 
ATOM   653  C C   . GLY A 1 87  ? -0.647  4.455   9.316   1.00 17.90 ?  881  GLY A C   1 
ATOM   654  O O   . GLY A 1 87  ? -0.182  5.097   10.255  1.00 15.90 ?  881  GLY A O   1 
ATOM   655  N N   . HIS A 1 88  ? 0.124   3.948   8.367   1.00 13.39 ?  882  HIS A N   1 
ATOM   656  C CA  . HIS A 1 88  ? 1.581   4.002   8.469   1.00 12.97 ?  882  HIS A CA  1 
ATOM   657  C C   . HIS A 1 88  ? 2.068   5.276   7.785   1.00 14.32 ?  882  HIS A C   1 
ATOM   658  O O   . HIS A 1 88  ? 2.369   5.301   6.586   1.00 13.98 ?  882  HIS A O   1 
ATOM   659  C CB  . HIS A 1 88  ? 2.180   2.725   7.890   1.00 15.16 ?  882  HIS A CB  1 
ATOM   660  C CG  . HIS A 1 88  ? 1.703   1.474   8.572   1.00 12.66 ?  882  HIS A CG  1 
ATOM   661  N ND1 . HIS A 1 88  ? 1.464   1.402   9.932   1.00 12.89 ?  882  HIS A ND1 1 
ATOM   662  C CD2 . HIS A 1 88  ? 1.390   0.254   8.077   1.00 9.86  ?  882  HIS A CD2 1 
ATOM   663  C CE1 . HIS A 1 88  ? 1.058   0.186   10.241  1.00 10.16 ?  882  HIS A CE1 1 
ATOM   664  N NE2 . HIS A 1 88  ? 0.993   -0.530  9.128   1.00 11.99 ?  882  HIS A NE2 1 
ATOM   665  N N   . VAL A 1 89  ? 2.165   6.352   8.579   1.00 14.73 ?  883  VAL A N   1 
ATOM   666  C CA  . VAL A 1 89  ? 2.429   7.692   8.054   1.00 14.03 ?  883  VAL A CA  1 
ATOM   667  C C   . VAL A 1 89  ? 3.777   7.756   7.334   1.00 13.08 ?  883  VAL A C   1 
ATOM   668  O O   . VAL A 1 89  ? 3.881   8.296   6.224   1.00 16.41 ?  883  VAL A O   1 
ATOM   669  C CB  . VAL A 1 89  ? 2.360   8.726   9.197   1.00 17.39 ?  883  VAL A CB  1 
ATOM   670  C CG1 . VAL A 1 89  ? 2.888   10.069  8.737   1.00 28.75 ?  883  VAL A CG1 1 
ATOM   671  C CG2 . VAL A 1 89  ? 0.927   8.851   9.707   1.00 21.92 ?  883  VAL A CG2 1 
ATOM   672  N N   . ASP A 1 90  ? 4.835   7.245   7.972   1.00 16.61 ?  884  ASP A N   1 
ATOM   673  C CA  . ASP A 1 90  ? 6.172   7.373   7.392   1.00 17.32 ?  884  ASP A CA  1 
ATOM   674  C C   . ASP A 1 90  ? 6.279   6.597   6.089   1.00 14.68 ?  884  ASP A C   1 
ATOM   675  O O   . ASP A 1 90  ? 6.918   7.057   5.132   1.00 14.93 ?  884  ASP A O   1 
ATOM   676  C CB  . ASP A 1 90  ? 7.230   6.884   8.375   1.00 16.06 ?  884  ASP A CB  1 
ATOM   677  C CG  . ASP A 1 90  ? 7.437   7.837   9.533   1.00 29.52 ?  884  ASP A CG  1 
ATOM   678  O OD1 . ASP A 1 90  ? 7.269   9.056   9.333   1.00 32.54 ?  884  ASP A OD1 1 
ATOM   679  O OD2 . ASP A 1 90  ? 7.773   7.358   10.638  1.00 39.45 -1 884  ASP A OD2 1 
ATOM   680  N N   . ILE A 1 91  ? 5.650   5.417   6.040   1.00 14.26 ?  885  ILE A N   1 
ATOM   681  C CA  . ILE A 1 91  ? 5.596   4.633   4.806   1.00 13.67 ?  885  ILE A CA  1 
ATOM   682  C C   . ILE A 1 91  ? 4.915   5.427   3.701   1.00 14.17 ?  885  ILE A C   1 
ATOM   683  O O   . ILE A 1 91  ? 5.419   5.537   2.574   1.00 12.35 ?  885  ILE A O   1 
ATOM   684  C CB  . ILE A 1 91  ? 4.852   3.310   5.043   1.00 14.37 ?  885  ILE A CB  1 
ATOM   685  C CG1 . ILE A 1 91  ? 5.497   2.476   6.146   1.00 18.00 ?  885  ILE A CG1 1 
ATOM   686  C CG2 . ILE A 1 91  ? 4.717   2.550   3.731   1.00 21.68 ?  885  ILE A CG2 1 
ATOM   687  C CD1 . ILE A 1 91  ? 6.726   1.765   5.736   1.00 15.17 ?  885  ILE A CD1 1 
ATOM   688  N N   . ALA A 1 92  ? 3.739   5.983   4.001   1.00 13.24 ?  886  ALA A N   1 
ATOM   689  C CA  . ALA A 1 92  ? 3.018   6.732   2.990   1.00 13.49 ?  886  ALA A CA  1 
ATOM   690  C C   . ALA A 1 92  ? 3.834   7.924   2.498   1.00 12.66 ?  886  ALA A C   1 
ATOM   691  O O   . ALA A 1 92  ? 3.880   8.201   1.296   1.00 14.24 ?  886  ALA A O   1 
ATOM   692  C CB  . ALA A 1 92  ? 1.654   7.171   3.537   1.00 14.48 ?  886  ALA A CB  1 
ATOM   693  N N   . ALA A 1 93  ? 4.482   8.650   3.415   1.00 15.58 ?  887  ALA A N   1 
ATOM   694  C CA  . ALA A 1 93  ? 5.324   9.777   3.013   1.00 17.59 ?  887  ALA A CA  1 
ATOM   695  C C   . ALA A 1 93  ? 6.469   9.327   2.110   1.00 13.42 ?  887  ALA A C   1 
ATOM   696  O O   . ALA A 1 93  ? 6.808   10.006  1.134   1.00 12.85 ?  887  ALA A O   1 
ATOM   697  C CB  . ALA A 1 93  ? 5.877   10.473  4.256   1.00 18.61 ?  887  ALA A CB  1 
ATOM   698  N N   . LEU A 1 94  ? 7.087   8.193   2.437   1.00 14.83 ?  888  LEU A N   1 
ATOM   699  C CA  . LEU A 1 94  ? 8.144   7.651   1.590   1.00 10.95 ?  888  LEU A CA  1 
ATOM   700  C C   . LEU A 1 94  ? 7.623   7.269   0.210   1.00 13.65 ?  888  LEU A C   1 
ATOM   701  O O   . LEU A 1 94  ? 8.264   7.568   -0.806  1.00 13.87 ?  888  LEU A O   1 
ATOM   702  C CB  . LEU A 1 94  ? 8.769   6.436   2.257   1.00 14.73 ?  888  LEU A CB  1 
ATOM   703  C CG  . LEU A 1 94  ? 9.939   5.891   1.454   1.00 19.57 ?  888  LEU A CG  1 
ATOM   704  C CD1 . LEU A 1 94  ? 11.163  6.751   1.719   1.00 19.66 ?  888  LEU A CD1 1 
ATOM   705  C CD2 . LEU A 1 94  ? 10.176  4.434   1.822   1.00 21.23 ?  888  LEU A CD2 1 
ATOM   706  N N   . LEU A 1 95  ? 6.467   6.599   0.149   1.00 12.80 ?  889  LEU A N   1 
ATOM   707  C CA  . LEU A 1 95  ? 5.918   6.226   -1.148  1.00 10.57 ?  889  LEU A CA  1 
ATOM   708  C C   . LEU A 1 95  ? 5.632   7.460   -1.987  1.00 12.66 ?  889  LEU A C   1 
ATOM   709  O O   . LEU A 1 95  ? 5.863   7.465   -3.198  1.00 12.95 ?  889  LEU A O   1 
ATOM   710  C CB  . LEU A 1 95  ? 4.647   5.381   -0.965  1.00 11.08 ?  889  LEU A CB  1 
ATOM   711  C CG  . LEU A 1 95  ? 4.884   4.003   -0.344  1.00 9.71  ?  889  LEU A CG  1 
ATOM   712  C CD1 . LEU A 1 95  ? 3.563   3.335   0.074   1.00 10.56 ?  889  LEU A CD1 1 
ATOM   713  C CD2 . LEU A 1 95  ? 5.599   3.110   -1.353  1.00 11.55 ?  889  LEU A CD2 1 
ATOM   714  N N   . ILE A 1 96  ? 5.161   8.534   -1.347  1.00 14.11 ?  890  ILE A N   1 
ATOM   715  C CA  . ILE A 1 96  ? 4.883   9.772   -2.064  1.00 14.17 ?  890  ILE A CA  1 
ATOM   716  C C   . ILE A 1 96  ? 6.180   10.392  -2.577  1.00 14.28 ?  890  ILE A C   1 
ATOM   717  O O   . ILE A 1 96  ? 6.232   10.911  -3.703  1.00 14.65 ?  890  ILE A O   1 
ATOM   718  C CB  . ILE A 1 96  ? 4.084   10.719  -1.151  1.00 16.23 ?  890  ILE A CB  1 
ATOM   719  C CG1 . ILE A 1 96  ? 2.677   10.140  -0.939  1.00 17.83 ?  890  ILE A CG1 1 
ATOM   720  C CG2 . ILE A 1 96  ? 4.002   12.122  -1.742  1.00 19.14 ?  890  ILE A CG2 1 
ATOM   721  C CD1 . ILE A 1 96  ? 1.882   10.797  0.206   1.00 16.96 ?  890  ILE A CD1 1 
ATOM   722  N N   . LYS A 1 97  ? 7.249   10.316  -1.776  1.00 13.74 ?  891  LYS A N   1 
ATOM   723  C CA  . LYS A 1 97  ? 8.554   10.801  -2.226  1.00 14.95 ?  891  LYS A CA  1 
ATOM   724  C C   . LYS A 1 97  ? 9.050   10.029  -3.440  1.00 18.17 ?  891  LYS A C   1 
ATOM   725  O O   . LYS A 1 97  ? 9.752   10.593  -4.293  1.00 16.12 ?  891  LYS A O   1 
ATOM   726  C CB  . LYS A 1 97  ? 9.571   10.702  -1.091  1.00 16.82 ?  891  LYS A CB  1 
ATOM   727  C CG  . LYS A 1 97  ? 9.572   11.893  -0.168  1.00 25.50 ?  891  LYS A CG  1 
ATOM   728  C CD  . LYS A 1 97  ? 10.831  11.908  0.689   1.00 23.23 ?  891  LYS A CD  1 
ATOM   729  C CE  . LYS A 1 97  ? 10.812  13.084  1.658   1.00 35.99 ?  891  LYS A CE  1 
ATOM   730  N NZ  . LYS A 1 97  ? 10.662  14.383  0.942   1.00 33.37 1  891  LYS A NZ  1 
ATOM   731  N N   . TYR A 1 98  ? 8.688   8.745   -3.554  1.00 13.26 ?  892  TYR A N   1 
ATOM   732  C CA  . TYR A 1 98  ? 9.069   7.955   -4.719  1.00 13.12 ?  892  TYR A CA  1 
ATOM   733  C C   . TYR A 1 98  ? 8.005   7.990   -5.823  1.00 14.67 ?  892  TYR A C   1 
ATOM   734  O O   . TYR A 1 98  ? 7.921   7.060   -6.632  1.00 17.45 ?  892  TYR A O   1 
ATOM   735  C CB  . TYR A 1 98  ? 9.412   6.515   -4.294  1.00 14.76 ?  892  TYR A CB  1 
ATOM   736  C CG  . TYR A 1 98  ? 10.829  6.388   -3.740  1.00 13.59 ?  892  TYR A CG  1 
ATOM   737  C CD1 . TYR A 1 98  ? 11.120  6.765   -2.438  1.00 15.92 ?  892  TYR A CD1 1 
ATOM   738  C CD2 . TYR A 1 98  ? 11.874  5.930   -4.537  1.00 12.99 ?  892  TYR A CD2 1 
ATOM   739  C CE1 . TYR A 1 98  ? 12.408  6.675   -1.919  1.00 16.51 ?  892  TYR A CE1 1 
ATOM   740  C CE2 . TYR A 1 98  ? 13.172  5.844   -4.030  1.00 15.49 ?  892  TYR A CE2 1 
ATOM   741  C CZ  . TYR A 1 98  ? 13.429  6.224   -2.720  1.00 17.08 ?  892  TYR A CZ  1 
ATOM   742  O OH  . TYR A 1 98  ? 14.708  6.150   -2.190  1.00 19.12 ?  892  TYR A OH  1 
ATOM   743  N N   . ASN A 1 99  ? 7.188   9.048   -5.851  1.00 13.51 ?  893  ASN A N   1 
ATOM   744  C CA  . ASN A 1 99  ? 6.365   9.427   -7.000  1.00 12.94 ?  893  ASN A CA  1 
ATOM   745  C C   . ASN A 1 99  ? 5.148   8.526   -7.184  1.00 15.79 ?  893  ASN A C   1 
ATOM   746  O O   . ASN A 1 99  ? 4.647   8.364   -8.302  1.00 17.36 ?  893  ASN A O   1 
ATOM   747  C CB  . ASN A 1 99  ? 7.210   9.494   -8.274  1.00 17.12 ?  893  ASN A CB  1 
ATOM   748  C CG  . ASN A 1 99  ? 8.329   10.524  -8.158  1.00 29.42 ?  893  ASN A CG  1 
ATOM   749  O OD1 . ASN A 1 99  ? 9.510   10.206  -8.334  1.00 39.97 ?  893  ASN A OD1 1 
ATOM   750  N ND2 . ASN A 1 99  ? 7.961   11.760  -7.823  1.00 31.08 ?  893  ASN A ND2 1 
ATOM   751  N N   . THR A 1 100 ? 4.639   7.972   -6.087  1.00 13.63 ?  894  THR A N   1 
ATOM   752  C CA  A THR A 1 100 ? 3.362   7.263   -6.093  0.49 11.46 ?  894  THR A CA  1 
ATOM   753  C CA  B THR A 1 100 ? 3.387   7.246   -6.183  0.51 11.51 ?  894  THR A CA  1 
ATOM   754  C C   . THR A 1 100 ? 2.240   8.203   -6.498  1.00 12.52 ?  894  THR A C   1 
ATOM   755  O O   . THR A 1 100 ? 2.278   9.397   -6.196  1.00 15.59 ?  894  THR A O   1 
ATOM   756  C CB  A THR A 1 100 ? 3.064   6.701   -4.701  0.49 10.70 ?  894  THR A CB  1 
ATOM   757  C CB  B THR A 1 100 ? 3.108   6.475   -4.898  0.51 10.67 ?  894  THR A CB  1 
ATOM   758  O OG1 A THR A 1 100 ? 4.012   5.690   -4.377  0.49 11.54 ?  894  THR A OG1 1 
ATOM   759  O OG1 B THR A 1 100 ? 2.135   5.455   -5.164  0.51 11.05 ?  894  THR A OG1 1 
ATOM   760  C CG2 A THR A 1 100 ? 1.678   6.090   -4.628  0.49 10.76 ?  894  THR A CG2 1 
ATOM   761  C CG2 B THR A 1 100 ? 2.570   7.400   -3.832  0.51 12.07 ?  894  THR A CG2 1 
ATOM   762  N N   . CYS A 1 101 ? 1.223   7.660   -7.159  1.00 16.09 ?  895  CYS A N   1 
ATOM   763  C CA  . CYS A 1 101 ? 0.029   8.433   -7.472  1.00 16.63 ?  895  CYS A CA  1 
ATOM   764  C C   . CYS A 1 101 ? -0.873  8.499   -6.241  1.00 12.25 ?  895  CYS A C   1 
ATOM   765  O O   . CYS A 1 101 ? -1.492  7.499   -5.859  1.00 15.25 ?  895  CYS A O   1 
ATOM   766  C CB  . CYS A 1 101 ? -0.709  7.813   -8.651  1.00 19.15 ?  895  CYS A CB  1 
ATOM   767  S SG  . CYS A 1 101 ? -2.142  8.783   -9.151  1.00 33.51 ?  895  CYS A SG  1 
ATOM   768  N N   . VAL A 1 102 ? -0.990  9.693   -5.653  1.00 12.64 ?  896  VAL A N   1 
ATOM   769  C CA  . VAL A 1 102 ? -1.774  9.868   -4.431  1.00 10.85 ?  896  VAL A CA  1 
ATOM   770  C C   . VAL A 1 102 ? -3.255  9.567   -4.656  1.00 11.17 ?  896  VAL A C   1 
ATOM   771  O O   . VAL A 1 102 ? -3.946  9.133   -3.727  1.00 11.65 ?  896  VAL A O   1 
ATOM   772  C CB  . VAL A 1 102 ? -1.546  11.289  -3.873  1.00 15.97 ?  896  VAL A CB  1 
ATOM   773  C CG1 . VAL A 1 102 ? -2.473  11.597  -2.731  1.00 19.64 ?  896  VAL A CG1 1 
ATOM   774  C CG2 . VAL A 1 102 ? -0.105  11.450  -3.419  1.00 20.09 ?  896  VAL A CG2 1 
ATOM   775  N N   . ASN A 1 103 ? -3.765  9.755   -5.878  1.00 10.58 ?  897  ASN A N   1 
ATOM   776  C CA  . ASN A 1 103 ? -5.175  9.529   -6.179  1.00 11.53 ?  897  ASN A CA  1 
ATOM   777  C C   . ASN A 1 103 ? -5.403  8.239   -6.982  1.00 12.92 ?  897  ASN A C   1 
ATOM   778  O O   . ASN A 1 103 ? -6.390  8.117   -7.708  1.00 12.39 ?  897  ASN A O   1 
ATOM   779  C CB  . ASN A 1 103 ? -5.752  10.743  -6.921  1.00 12.08 ?  897  ASN A CB  1 
ATOM   780  C CG  . ASN A 1 103 ? -5.893  11.954  -6.025  1.00 14.19 ?  897  ASN A CG  1 
ATOM   781  O OD1 . ASN A 1 103 ? -6.501  11.873  -4.951  1.00 14.60 ?  897  ASN A OD1 1 
ATOM   782  N ND2 . ASN A 1 103 ? -5.319  13.082  -6.448  1.00 16.30 ?  897  ASN A ND2 1 
ATOM   783  N N   . ALA A 1 104 ? -4.504  7.263   -6.839  1.00 10.55 ?  898  ALA A N   1 
ATOM   784  C CA  . ALA A 1 104 ? -4.670  5.959   -7.483  1.00 9.89  ?  898  ALA A CA  1 
ATOM   785  C C   . ALA A 1 104 ? -5.989  5.307   -7.068  1.00 10.21 ?  898  ALA A C   1 
ATOM   786  O O   . ALA A 1 104 ? -6.435  5.451   -5.931  1.00 10.15 ?  898  ALA A O   1 
ATOM   787  C CB  . ALA A 1 104 ? -3.508  5.056   -7.089  1.00 11.43 ?  898  ALA A CB  1 
ATOM   788  N N   . THR A 1 105 ? -6.614  4.576   -7.992  1.00 8.82  ?  899  THR A N   1 
ATOM   789  C CA  . THR A 1 105 ? -7.897  3.934   -7.725  1.00 9.27  ?  899  THR A CA  1 
ATOM   790  C C   . THR A 1 105 ? -7.783  2.427   -7.893  1.00 9.75  ?  899  THR A C   1 
ATOM   791  O O   . THR A 1 105 ? -7.148  1.939   -8.844  1.00 11.60 ?  899  THR A O   1 
ATOM   792  C CB  . THR A 1 105 ? -9.009  4.491   -8.634  1.00 11.79 ?  899  THR A CB  1 
ATOM   793  O OG1 . THR A 1 105 ? -8.565  4.463   -9.999  1.00 13.35 ?  899  THR A OG1 1 
ATOM   794  C CG2 . THR A 1 105 ? -9.318  5.928   -8.257  1.00 13.56 ?  899  THR A CG2 1 
ATOM   795  N N   . ASP A 1 106 ? -8.386  1.689   -6.955  1.00 9.95  ?  900  ASP A N   1 
ATOM   796  C CA  . ASP A 1 106 ? -8.396  0.232   -6.987  1.00 10.26 ?  900  ASP A CA  1 
ATOM   797  C C   . ASP A 1 106 ? -9.582  -0.248  -7.831  1.00 11.56 ?  900  ASP A C   1 
ATOM   798  O O   . ASP A 1 106 ? -10.239 0.539   -8.520  1.00 10.45 ?  900  ASP A O   1 
ATOM   799  C CB  . ASP A 1 106 ? -8.367  -0.335  -5.553  1.00 10.59 ?  900  ASP A CB  1 
ATOM   800  C CG  . ASP A 1 106 ? -9.743  -0.370  -4.860  1.00 13.29 ?  900  ASP A CG  1 
ATOM   801  O OD1 . ASP A 1 106 ? -10.714 0.251   -5.342  1.00 10.18 ?  900  ASP A OD1 1 
ATOM   802  O OD2 . ASP A 1 106 ? -9.857  -1.030  -3.791  1.00 12.17 -1 900  ASP A OD2 1 
ATOM   803  N N   . LYS A 1 107 ? -9.867  -1.549  -7.766  1.00 11.88 ?  901  LYS A N   1 
ATOM   804  C CA  . LYS A 1 107 ? -10.885 -2.146  -8.625  1.00 13.41 ?  901  LYS A CA  1 
ATOM   805  C C   . LYS A 1 107 ? -12.280 -1.593  -8.334  1.00 12.83 ?  901  LYS A C   1 
ATOM   806  O O   . LYS A 1 107 ? -13.128 -1.566  -9.236  1.00 16.61 ?  901  LYS A O   1 
ATOM   807  C CB  . LYS A 1 107 ? -10.820 -3.669  -8.460  1.00 20.27 ?  901  LYS A CB  1 
ATOM   808  C CG  . LYS A 1 107 ? -12.118 -4.447  -8.589  1.00 27.91 ?  901  LYS A CG  1 
ATOM   809  C CD  . LYS A 1 107 ? -11.864 -5.926  -8.268  1.00 27.11 ?  901  LYS A CD  1 
ATOM   810  C CE  . LYS A 1 107 ? -13.115 -6.772  -8.457  1.00 32.82 ?  901  LYS A CE  1 
ATOM   811  N NZ  . LYS A 1 107 ? -12.799 -8.218  -8.268  1.00 32.06 1  901  LYS A NZ  1 
ATOM   812  N N   . TRP A 1 108 ? -12.530 -1.122  -7.106  1.00 10.65 ?  902  TRP A N   1 
ATOM   813  C CA  . TRP A 1 108 ? -13.790 -0.491  -6.724  1.00 11.45 ?  902  TRP A CA  1 
ATOM   814  C C   . TRP A 1 108 ? -13.698 1.025   -6.756  1.00 10.34 ?  902  TRP A C   1 
ATOM   815  O O   . TRP A 1 108 ? -14.583 1.698   -6.224  1.00 10.55 ?  902  TRP A O   1 
ATOM   816  C CB  . TRP A 1 108 ? -14.206 -0.940  -5.320  1.00 14.75 ?  902  TRP A CB  1 
ATOM   817  C CG  . TRP A 1 108 ? -14.593 -2.391  -5.254  1.00 19.56 ?  902  TRP A CG  1 
ATOM   818  C CD1 . TRP A 1 108 ? -15.851 -2.909  -5.355  1.00 27.25 ?  902  TRP A CD1 1 
ATOM   819  C CD2 . TRP A 1 108 ? -13.711 -3.509  -5.082  1.00 17.38 ?  902  TRP A CD2 1 
ATOM   820  N NE1 . TRP A 1 108 ? -15.808 -4.280  -5.258  1.00 35.25 ?  902  TRP A NE1 1 
ATOM   821  C CE2 . TRP A 1 108 ? -14.505 -4.672  -5.087  1.00 23.46 ?  902  TRP A CE2 1 
ATOM   822  C CE3 . TRP A 1 108 ? -12.331 -3.636  -4.931  1.00 20.51 ?  902  TRP A CE3 1 
ATOM   823  C CZ2 . TRP A 1 108 ? -13.963 -5.947  -4.944  1.00 31.05 ?  902  TRP A CZ2 1 
ATOM   824  C CZ3 . TRP A 1 108 ? -11.793 -4.905  -4.783  1.00 23.29 ?  902  TRP A CZ3 1 
ATOM   825  C CH2 . TRP A 1 108 ? -12.608 -6.043  -4.796  1.00 28.33 ?  902  TRP A CH2 1 
ATOM   826  N N   . ALA A 1 109 ? -12.634 1.561   -7.355  1.00 8.42  ?  903  ALA A N   1 
ATOM   827  C CA  . ALA A 1 109 ? -12.338 2.988   -7.436  1.00 8.52  ?  903  ALA A CA  1 
ATOM   828  C C   . ALA A 1 109 ? -12.146 3.636   -6.072  1.00 9.83  ?  903  ALA A C   1 
ATOM   829  O O   . ALA A 1 109 ? -12.357 4.840   -5.935  1.00 10.28 ?  903  ALA A O   1 
ATOM   830  C CB  . ALA A 1 109 ? -13.411 3.747   -8.223  1.00 10.05 ?  903  ALA A CB  1 
ATOM   831  N N   . PHE A 1 110 ? -11.706 2.870   -5.067  1.00 9.19  ?  904  PHE A N   1 
ATOM   832  C CA  . PHE A 1 110 ? -11.260 3.456   -3.801  1.00 7.92  ?  904  PHE A CA  1 
ATOM   833  C C   . PHE A 1 110 ? -9.878  4.066   -4.001  1.00 10.92 ?  904  PHE A C   1 
ATOM   834  O O   . PHE A 1 110 ? -8.985  3.406   -4.540  1.00 9.86  ?  904  PHE A O   1 
ATOM   835  C CB  . PHE A 1 110 ? -11.113 2.399   -2.701  1.00 9.14  ?  904  PHE A CB  1 
ATOM   836  C CG  . PHE A 1 110 ? -12.387 2.017   -1.983  1.00 9.77  ?  904  PHE A CG  1 
ATOM   837  C CD1 . PHE A 1 110 ? -13.497 1.534   -2.667  1.00 12.14 ?  904  PHE A CD1 1 
ATOM   838  C CD2 . PHE A 1 110 ? -12.444 2.085   -0.592  1.00 11.12 ?  904  PHE A CD2 1 
ATOM   839  C CE1 . PHE A 1 110 ? -14.649 1.145   -1.970  1.00 11.01 ?  904  PHE A CE1 1 
ATOM   840  C CE2 . PHE A 1 110 ? -13.592 1.690   0.096   1.00 11.79 ?  904  PHE A CE2 1 
ATOM   841  C CZ  . PHE A 1 110 ? -14.681 1.230   -0.587  1.00 11.47 ?  904  PHE A CZ  1 
ATOM   842  N N   . THR A 1 111 ? -9.682  5.273   -3.498  1.00 8.20  ?  905  THR A N   1 
ATOM   843  C CA  . THR A 1 111 ? -8.366  5.898   -3.426  1.00 7.85  ?  905  THR A CA  1 
ATOM   844  C C   . THR A 1 111 ? -7.747  5.625   -2.066  1.00 8.17  ?  905  THR A C   1 
ATOM   845  O O   . THR A 1 111 ? -8.428  5.152   -1.148  1.00 6.86  ?  905  THR A O   1 
ATOM   846  C CB  . THR A 1 111 ? -8.472  7.407   -3.622  1.00 12.34 ?  905  THR A CB  1 
ATOM   847  O OG1 . THR A 1 111 ? -9.220  7.960   -2.524  1.00 10.15 ?  905  THR A OG1 1 
ATOM   848  C CG2 . THR A 1 111 ? -9.096  7.755   -4.972  1.00 10.01 ?  905  THR A CG2 1 
ATOM   849  N N   . PRO A 1 112 ? -6.456  5.928   -1.885  1.00 8.24  ?  906  PRO A N   1 
ATOM   850  C CA  . PRO A 1 112 ? -5.884  5.843   -0.532  1.00 8.34  ?  906  PRO A CA  1 
ATOM   851  C C   . PRO A 1 112 ? -6.611  6.717   0.476   1.00 9.01  ?  906  PRO A C   1 
ATOM   852  O O   . PRO A 1 112 ? -6.739  6.317   1.639   1.00 7.86  ?  906  PRO A O   1 
ATOM   853  C CB  . PRO A 1 112 ? -4.424  6.266   -0.744  1.00 9.27  ?  906  PRO A CB  1 
ATOM   854  C CG  . PRO A 1 112 ? -4.133  5.769   -2.174  1.00 9.32  ?  906  PRO A CG  1 
ATOM   855  C CD  . PRO A 1 112 ? -5.406  6.100   -2.911  1.00 9.32  ?  906  PRO A CD  1 
ATOM   856  N N   . LEU A 1 113 ? -7.170  7.855   0.054   1.00 8.44  ?  907  LEU A N   1 
ATOM   857  C CA  . LEU A 1 113 ? -7.942  8.682   0.983   1.00 8.13  ?  907  LEU A CA  1 
ATOM   858  C C   . LEU A 1 113 ? -9.260  8.011   1.369   1.00 9.26  ?  907  LEU A C   1 
ATOM   859  O O   . LEU A 1 113 ? -9.681  8.107   2.528   1.00 8.96  ?  907  LEU A O   1 
ATOM   860  C CB  . LEU A 1 113 ? -8.191  10.077  0.382   1.00 8.13  ?  907  LEU A CB  1 
ATOM   861  C CG  . LEU A 1 113 ? -8.865  11.106  1.298   1.00 10.46 ?  907  LEU A CG  1 
ATOM   862  C CD1 . LEU A 1 113 ? -8.075  11.368  2.558   1.00 11.62 ?  907  LEU A CD1 1 
ATOM   863  C CD2 . LEU A 1 113 ? -9.111  12.387  0.521   1.00 10.30 ?  907  LEU A CD2 1 
ATOM   864  N N   . HIS A 1 114 ? -9.922  7.306   0.438   1.00 6.99  ?  908  HIS A N   1 
ATOM   865  C CA  . HIS A 1 114 ? -11.076 6.498   0.844   1.00 7.52  ?  908  HIS A CA  1 
ATOM   866  C C   . HIS A 1 114 ? -10.678 5.519   1.930   1.00 7.73  ?  908  HIS A C   1 
ATOM   867  O O   . HIS A 1 114 ? -11.397 5.328   2.918   1.00 8.23  ?  908  HIS A O   1 
ATOM   868  C CB  . HIS A 1 114 ? -11.625 5.689   -0.333  1.00 7.98  ?  908  HIS A CB  1 
ATOM   869  C CG  . HIS A 1 114 ? -12.451 6.474   -1.306  1.00 7.85  ?  908  HIS A CG  1 
ATOM   870  N ND1 . HIS A 1 114 ? -11.959 6.891   -2.529  1.00 8.65  ?  908  HIS A ND1 1 
ATOM   871  C CD2 . HIS A 1 114 ? -13.747 6.855   -1.272  1.00 8.81  ?  908  HIS A CD2 1 
ATOM   872  C CE1 . HIS A 1 114 ? -12.916 7.518   -3.191  1.00 10.51 ?  908  HIS A CE1 1 
ATOM   873  N NE2 . HIS A 1 114 ? -14.005 7.519   -2.446  1.00 9.72  ?  908  HIS A NE2 1 
ATOM   874  N N   . GLU A 1 115 ? -9.538  4.851   1.731   1.00 7.00  ?  909  GLU A N   1 
ATOM   875  C CA  . GLU A 1 115 ? -9.095  3.819   2.656   1.00 9.26  ?  909  GLU A CA  1 
ATOM   876  C C   . GLU A 1 115 ? -8.786  4.402   4.033   1.00 8.55  ?  909  GLU A C   1 
ATOM   877  O O   . GLU A 1 115 ? -9.286  3.907   5.051   1.00 10.92 ?  909  GLU A O   1 
ATOM   878  C CB  . GLU A 1 115 ? -7.878  3.118   2.061   1.00 14.67 ?  909  GLU A CB  1 
ATOM   879  C CG  . GLU A 1 115 ? -7.504  1.850   2.748   1.00 18.33 ?  909  GLU A CG  1 
ATOM   880  C CD  . GLU A 1 115 ? -8.566  0.750   2.648   1.00 16.75 ?  909  GLU A CD  1 
ATOM   881  O OE1 . GLU A 1 115 ? -9.373  0.740   1.697   1.00 19.69 ?  909  GLU A OE1 1 
ATOM   882  O OE2 . GLU A 1 115 ? -8.576  -0.135  3.523   1.00 24.49 -1 909  GLU A OE2 1 
ATOM   883  N N   . ALA A 1 116 ? -7.962  5.455   4.086   1.00 8.85  ?  910  ALA A N   1 
ATOM   884  C CA  . ALA A 1 116 ? -7.640  6.097   5.364   1.00 8.77  ?  910  ALA A CA  1 
ATOM   885  C C   . ALA A 1 116 ? -8.882  6.646   6.050   1.00 8.67  ?  910  ALA A C   1 
ATOM   886  O O   . ALA A 1 116 ? -9.002  6.567   7.281   1.00 10.19 ?  910  ALA A O   1 
ATOM   887  C CB  . ALA A 1 116 ? -6.627  7.224   5.154   1.00 8.37  ?  910  ALA A CB  1 
ATOM   888  N N   . ALA A 1 117 ? -9.790  7.253   5.286   1.00 8.26  ?  911  ALA A N   1 
ATOM   889  C CA  . ALA A 1 117 ? -11.008 7.797   5.887   1.00 7.82  ?  911  ALA A CA  1 
ATOM   890  C C   . ALA A 1 117 ? -11.868 6.692   6.479   1.00 8.48  ?  911  ALA A C   1 
ATOM   891  O O   . ALA A 1 117 ? -12.374 6.823   7.602   1.00 10.20 ?  911  ALA A O   1 
ATOM   892  C CB  . ALA A 1 117 ? -11.808 8.594   4.851   1.00 9.19  ?  911  ALA A CB  1 
ATOM   893  N N   . GLN A 1 118 ? -12.061 5.600   5.733   1.00 8.15  ?  912  GLN A N   1 
ATOM   894  C CA  . GLN A 1 118 ? -12.902 4.514   6.228   1.00 8.82  ?  912  GLN A CA  1 
ATOM   895  C C   . GLN A 1 118 ? -12.283 3.863   7.453   1.00 10.14 ?  912  GLN A C   1 
ATOM   896  O O   . GLN A 1 118 ? -12.994 3.518   8.401   1.00 11.12 ?  912  GLN A O   1 
ATOM   897  C CB  . GLN A 1 118 ? -13.122 3.488   5.119   1.00 9.37  ?  912  GLN A CB  1 
ATOM   898  C CG  . GLN A 1 118 ? -14.030 2.337   5.517   1.00 10.46 ?  912  GLN A CG  1 
ATOM   899  C CD  . GLN A 1 118 ? -14.379 1.463   4.342   1.00 12.63 ?  912  GLN A CD  1 
ATOM   900  O OE1 . GLN A 1 118 ? -13.506 0.840   3.741   1.00 16.47 ?  912  GLN A OE1 1 
ATOM   901  N NE2 . GLN A 1 118 ? -15.660 1.428   3.987   1.00 15.03 ?  912  GLN A NE2 1 
ATOM   902  N N   . LYS A 1 119 ? -10.960 3.709   7.466   1.00 9.72  ?  913  LYS A N   1 
ATOM   903  C CA  . LYS A 1 119 ? -10.311 2.994   8.558   1.00 8.59  ?  913  LYS A CA  1 
ATOM   904  C C   . LYS A 1 119 ? -9.930  3.896   9.730   1.00 10.87 ?  913  LYS A C   1 
ATOM   905  O O   . LYS A 1 119 ? -9.327  3.405   10.694  1.00 12.28 ?  913  LYS A O   1 
ATOM   906  C CB  . LYS A 1 119 ? -9.067  2.254   8.043   1.00 12.76 ?  913  LYS A CB  1 
ATOM   907  C CG  . LYS A 1 119 ? -9.317  1.210   6.928   1.00 16.63 ?  913  LYS A CG  1 
ATOM   908  C CD  . LYS A 1 119 ? -10.489 0.296   7.181   1.00 29.06 ?  913  LYS A CD  1 
ATOM   909  C CE  . LYS A 1 119 ? -10.593 -0.805  6.112   1.00 28.54 ?  913  LYS A CE  1 
ATOM   910  N NZ  . LYS A 1 119 ? -10.891 -0.351  4.705   1.00 24.01 1  913  LYS A NZ  1 
ATOM   911  N N   . GLY A 1 120 ? -10.270 5.180   9.693   1.00 9.89  ?  914  GLY A N   1 
ATOM   912  C CA  . GLY A 1 120 ? -10.055 6.044   10.843  1.00 10.82 ?  914  GLY A CA  1 
ATOM   913  C C   . GLY A 1 120 ? -8.648  6.577   11.013  1.00 13.13 ?  914  GLY A C   1 
ATOM   914  O O   . GLY A 1 120 ? -8.246  6.910   12.137  1.00 14.43 ?  914  GLY A O   1 
ATOM   915  N N   . ARG A 1 121 ? -7.878  6.680   9.928   1.00 10.40 ?  915  ARG A N   1 
ATOM   916  C CA  . ARG A 1 121 ? -6.466  7.033   10.021  1.00 10.47 ?  915  ARG A CA  1 
ATOM   917  C C   . ARG A 1 121 ? -6.303  8.536   9.784   1.00 10.93 ?  915  ARG A C   1 
ATOM   918  O O   . ARG A 1 121 ? -6.027  8.995   8.681   1.00 12.10 ?  915  ARG A O   1 
ATOM   919  C CB  . ARG A 1 121 ? -5.662  6.194   9.030   1.00 8.95  ?  915  ARG A CB  1 
ATOM   920  C CG  . ARG A 1 121 ? -5.956  4.695   9.081   1.00 11.08 ?  915  ARG A CG  1 
ATOM   921  C CD  . ARG A 1 121 ? -5.737  4.076   10.481  1.00 10.71 ?  915  ARG A CD  1 
ATOM   922  N NE  . ARG A 1 121 ? -5.787  2.615   10.410  1.00 10.32 ?  915  ARG A NE  1 
ATOM   923  C CZ  . ARG A 1 121 ? -5.509  1.790   11.418  1.00 11.35 ?  915  ARG A CZ  1 
ATOM   924  N NH1 . ARG A 1 121 ? -5.166  2.263   12.606  1.00 11.79 1  915  ARG A NH1 1 
ATOM   925  N NH2 . ARG A 1 121 ? -5.574  0.482   11.234  1.00 13.12 ?  915  ARG A NH2 1 
ATOM   926  N N   . THR A 1 122 ? -6.477  9.320   10.863  1.00 10.84 ?  916  THR A N   1 
ATOM   927  C CA  . THR A 1 122 ? -6.605  10.772  10.729  1.00 10.27 ?  916  THR A CA  1 
ATOM   928  C C   . THR A 1 122 ? -5.340  11.432  10.172  1.00 10.79 ?  916  THR A C   1 
ATOM   929  O O   . THR A 1 122 ? -5.416  12.246  9.247   1.00 12.96 ?  916  THR A O   1 
ATOM   930  C CB  . THR A 1 122 ? -6.958  11.379  12.083  1.00 13.09 ?  916  THR A CB  1 
ATOM   931  O OG1 . THR A 1 122 ? -8.054  10.636  12.634  1.00 13.56 ?  916  THR A OG1 1 
ATOM   932  C CG2 . THR A 1 122 ? -7.368  12.836  11.908  1.00 16.69 ?  916  THR A CG2 1 
ATOM   933  N N   . GLN A 1 123 ? -4.174  11.126  10.741  1.00 13.92 ?  917  GLN A N   1 
ATOM   934  C CA  . GLN A 1 123 ? -2.957  11.791  10.265  1.00 12.06 ?  917  GLN A CA  1 
ATOM   935  C C   . GLN A 1 123 ? -2.630  11.394  8.835   1.00 12.05 ?  917  GLN A C   1 
ATOM   936  O O   . GLN A 1 123 ? -2.125  12.223  8.066   1.00 14.46 ?  917  GLN A O   1 
ATOM   937  C CB  . GLN A 1 123 ? -1.768  11.494  11.172  1.00 15.25 ?  917  GLN A CB  1 
ATOM   938  C CG  . GLN A 1 123 ? -1.889  12.136  12.553  1.00 21.82 ?  917  GLN A CG  1 
ATOM   939  C CD  . GLN A 1 123 ? -0.880  11.573  13.528  1.00 39.26 ?  917  GLN A CD  1 
ATOM   940  O OE1 . GLN A 1 123 ? 0.201   11.136  13.131  1.00 32.82 ?  917  GLN A OE1 1 
ATOM   941  N NE2 . GLN A 1 123 ? -1.236  11.559  14.810  1.00 32.92 ?  917  GLN A NE2 1 
ATOM   942  N N   . LEU A 1 124 ? -2.962  10.155  8.451   1.00 11.55 ?  918  LEU A N   1 
ATOM   943  C CA  . LEU A 1 124 ? -2.783  9.724   7.070   1.00 14.20 ?  918  LEU A CA  1 
ATOM   944  C C   . LEU A 1 124 ? -3.707  10.502  6.138   1.00 12.42 ?  918  LEU A C   1 
ATOM   945  O O   . LEU A 1 124 ? -3.295  10.927  5.051   1.00 12.59 ?  918  LEU A O   1 
ATOM   946  C CB  . LEU A 1 124 ? -3.040  8.222   6.967   1.00 14.21 ?  918  LEU A CB  1 
ATOM   947  C CG  . LEU A 1 124 ? -2.092  7.353   6.118   1.00 17.71 ?  918  LEU A CG  1 
ATOM   948  C CD1 . LEU A 1 124 ? -2.205  7.692   4.635   1.00 17.84 ?  918  LEU A CD1 1 
ATOM   949  C CD2 . LEU A 1 124 ? -0.675  7.509   6.588   1.00 20.57 ?  918  LEU A CD2 1 
ATOM   950  N N   . CYS A 1 125 ? -4.959  10.713  6.550   1.00 10.65 ?  919  CYS A N   1 
ATOM   951  C CA  . CYS A 1 125 ? -5.847  11.573  5.773   1.00 10.23 ?  919  CYS A CA  1 
ATOM   952  C C   . CYS A 1 125 ? -5.228  12.950  5.564   1.00 10.45 ?  919  CYS A C   1 
ATOM   953  O O   . CYS A 1 125 ? -5.231  13.480  4.448   1.00 11.36 ?  919  CYS A O   1 
ATOM   954  C CB  . CYS A 1 125 ? -7.206  11.717  6.466   1.00 9.93  ?  919  CYS A CB  1 
ATOM   955  S SG  . CYS A 1 125 ? -8.270  10.264  6.372   1.00 12.62 ?  919  CYS A SG  1 
ATOM   956  N N   . ALA A 1 126 ? -4.718  13.564  6.640   1.00 12.79 ?  920  ALA A N   1 
ATOM   957  C CA  . ALA A 1 126 ? -4.168  14.909  6.495   1.00 11.99 ?  920  ALA A CA  1 
ATOM   958  C C   . ALA A 1 126 ? -2.954  14.913  5.570   1.00 11.83 ?  920  ALA A C   1 
ATOM   959  O O   . ALA A 1 126 ? -2.823  15.802  4.722   1.00 15.23 ?  920  ALA A O   1 
ATOM   960  C CB  . ALA A 1 126 ? -3.805  15.493  7.861   1.00 16.60 ?  920  ALA A CB  1 
ATOM   961  N N   . LEU A 1 127 ? -2.078  13.911  5.705   1.00 11.82 ?  921  LEU A N   1 
ATOM   962  C CA  . LEU A 1 127 ? -0.915  13.795  4.821   1.00 14.28 ?  921  LEU A CA  1 
ATOM   963  C C   . LEU A 1 127 ? -1.341  13.682  3.365   1.00 14.99 ?  921  LEU A C   1 
ATOM   964  O O   . LEU A 1 127 ? -0.792  14.354  2.482   1.00 12.22 ?  921  LEU A O   1 
ATOM   965  C CB  . LEU A 1 127 ? -0.083  12.580  5.219   1.00 12.11 ?  921  LEU A CB  1 
ATOM   966  C CG  . LEU A 1 127 ? 1.027   12.101  4.263   1.00 18.34 ?  921  LEU A CG  1 
ATOM   967  C CD1 . LEU A 1 127 ? 2.146   13.127  4.137   1.00 23.56 ?  921  LEU A CD1 1 
ATOM   968  C CD2 . LEU A 1 127 ? 1.595   10.777  4.738   1.00 27.66 ?  921  LEU A CD2 1 
ATOM   969  N N   . LEU A 1 128 ? -2.308  12.808  3.091   1.00 11.77 ?  922  LEU A N   1 
ATOM   970  C CA  . LEU A 1 128 ? -2.741  12.640  1.710   1.00 10.49 ?  922  LEU A CA  1 
ATOM   971  C C   . LEU A 1 128 ? -3.301  13.942  1.158   1.00 11.82 ?  922  LEU A C   1 
ATOM   972  O O   . LEU A 1 128 ? -3.002  14.319  0.019   1.00 12.88 ?  922  LEU A O   1 
ATOM   973  C CB  . LEU A 1 128 ? -3.769  11.511  1.606   1.00 10.50 ?  922  LEU A CB  1 
ATOM   974  C CG  . LEU A 1 128 ? -3.256  10.089  1.850   1.00 10.25 ?  922  LEU A CG  1 
ATOM   975  C CD1 . LEU A 1 128 ? -4.409  9.091   2.059   1.00 8.96  ?  922  LEU A CD1 1 
ATOM   976  C CD2 . LEU A 1 128 ? -2.396  9.622   0.663   1.00 12.56 ?  922  LEU A CD2 1 
ATOM   977  N N   . LEU A 1 129 ? -4.126  14.643  1.948   1.00 13.35 ?  923  LEU A N   1 
ATOM   978  C CA  . LEU A 1 129 ? -4.676  15.914  1.486   1.00 10.97 ?  923  LEU A CA  1 
ATOM   979  C C   . LEU A 1 129 ? -3.571  16.935  1.221   1.00 11.30 ?  923  LEU A C   1 
ATOM   980  O O   . LEU A 1 129 ? -3.655  17.709  0.259   1.00 14.38 ?  923  LEU A O   1 
ATOM   981  C CB  . LEU A 1 129 ? -5.673  16.464  2.506   1.00 12.52 ?  923  LEU A CB  1 
ATOM   982  C CG  . LEU A 1 129 ? -6.968  15.655  2.669   1.00 13.78 ?  923  LEU A CG  1 
ATOM   983  C CD1 . LEU A 1 129 ? -7.656  15.994  4.004   1.00 13.57 ?  923  LEU A CD1 1 
ATOM   984  C CD2 . LEU A 1 129 ? -7.883  15.914  1.498   1.00 14.35 ?  923  LEU A CD2 1 
ATOM   985  N N   . ALA A 1 130 ? -2.552  16.970  2.074   1.00 12.93 ?  924  ALA A N   1 
ATOM   986  C CA  . ALA A 1 130 ? -1.463  17.920  1.872   1.00 15.34 ?  924  ALA A CA  1 
ATOM   987  C C   . ALA A 1 130 ? -0.685  17.637  0.598   1.00 18.76 ?  924  ALA A C   1 
ATOM   988  O O   . ALA A 1 130 ? 0.024   18.523  0.106   1.00 19.14 ?  924  ALA A O   1 
ATOM   989  C CB  . ALA A 1 130 ? -0.523  17.896  3.070   1.00 12.39 ?  924  ALA A CB  1 
ATOM   990  N N   . HIS A 1 131 ? -0.785  16.420  0.061   1.00 15.28 ?  925  HIS A N   1 
ATOM   991  C CA  . HIS A 1 131 ? -0.107  16.047  -1.175  1.00 17.01 ?  925  HIS A CA  1 
ATOM   992  C C   . HIS A 1 131 ? -1.065  15.923  -2.354  1.00 13.19 ?  925  HIS A C   1 
ATOM   993  O O   . HIS A 1 131 ? -0.770  15.207  -3.317  1.00 19.41 ?  925  HIS A O   1 
ATOM   994  C CB  . HIS A 1 131 ? 0.667   14.743  -0.984  1.00 14.33 ?  925  HIS A CB  1 
ATOM   995  C CG  . HIS A 1 131 ? 1.910   14.900  -0.173  1.00 18.75 ?  925  HIS A CG  1 
ATOM   996  N ND1 . HIS A 1 131 ? 3.076   15.416  -0.695  1.00 19.60 ?  925  HIS A ND1 1 
ATOM   997  C CD2 . HIS A 1 131 ? 2.170   14.615  1.123   1.00 18.05 ?  925  HIS A CD2 1 
ATOM   998  C CE1 . HIS A 1 131 ? 4.002   15.442  0.244   1.00 17.00 ?  925  HIS A CE1 1 
ATOM   999  N NE2 . HIS A 1 131 ? 3.476   14.971  1.361   1.00 22.68 ?  925  HIS A NE2 1 
ATOM   1000 N N   . GLY A 1 132 ? -2.212  16.593  -2.300  1.00 13.97 ?  926  GLY A N   1 
ATOM   1001 C CA  . GLY A 1 132 ? -3.097  16.666  -3.436  1.00 15.41 ?  926  GLY A CA  1 
ATOM   1002 C C   . GLY A 1 132 ? -4.152  15.588  -3.539  1.00 14.78 ?  926  GLY A C   1 
ATOM   1003 O O   . GLY A 1 132 ? -4.771  15.455  -4.597  1.00 14.96 ?  926  GLY A O   1 
ATOM   1004 N N   . ALA A 1 133 ? -4.392  14.817  -2.485  1.00 12.61 ?  927  ALA A N   1 
ATOM   1005 C CA  . ALA A 1 133 ? -5.510  13.887  -2.549  1.00 13.07 ?  927  ALA A CA  1 
ATOM   1006 C C   . ALA A 1 133 ? -6.811  14.663  -2.706  1.00 14.43 ?  927  ALA A C   1 
ATOM   1007 O O   . ALA A 1 133 ? -7.007  15.705  -2.072  1.00 16.33 ?  927  ALA A O   1 
ATOM   1008 C CB  . ALA A 1 133 ? -5.558  13.004  -1.303  1.00 14.86 ?  927  ALA A CB  1 
ATOM   1009 N N   . ASP A 1 134 ? -7.700  14.145  -3.552  1.00 12.65 ?  928  ASP A N   1 
ATOM   1010 C CA  . ASP A 1 134 ? -8.911  14.837  -3.963  1.00 11.20 ?  928  ASP A CA  1 
ATOM   1011 C C   . ASP A 1 134 ? -10.082 14.293  -3.160  1.00 12.01 ?  928  ASP A C   1 
ATOM   1012 O O   . ASP A 1 134 ? -10.545 13.174  -3.439  1.00 12.69 ?  928  ASP A O   1 
ATOM   1013 C CB  . ASP A 1 134 ? -9.151  14.637  -5.457  1.00 14.36 ?  928  ASP A CB  1 
ATOM   1014 C CG  . ASP A 1 134 ? -10.345 15.397  -5.972  1.00 15.00 ?  928  ASP A CG  1 
ATOM   1015 O OD1 . ASP A 1 134 ? -11.166 15.871  -5.158  1.00 15.81 ?  928  ASP A OD1 1 
ATOM   1016 O OD2 . ASP A 1 134 ? -10.454 15.512  -7.212  1.00 19.02 -1 928  ASP A OD2 1 
ATOM   1017 N N   . PRO A 1 135 ? -10.607 15.032  -2.178  1.00 11.16 ?  929  PRO A N   1 
ATOM   1018 C CA  . PRO A 1 135 ? -11.694 14.494  -1.345  1.00 13.46 ?  929  PRO A CA  1 
ATOM   1019 C C   . PRO A 1 135 ? -13.047 14.435  -2.045  1.00 14.58 ?  929  PRO A C   1 
ATOM   1020 O O   . PRO A 1 135 ? -14.025 13.960  -1.436  1.00 12.89 ?  929  PRO A O   1 
ATOM   1021 C CB  . PRO A 1 135 ? -11.733 15.474  -0.160  1.00 14.31 ?  929  PRO A CB  1 
ATOM   1022 C CG  . PRO A 1 135 ? -11.313 16.785  -0.781  1.00 12.48 ?  929  PRO A CG  1 
ATOM   1023 C CD  . PRO A 1 135 ? -10.204 16.391  -1.758  1.00 13.07 ?  929  PRO A CD  1 
ATOM   1024 N N   . THR A 1 136 ? -13.152 14.900  -3.292  1.00 13.98 ?  930  THR A N   1 
ATOM   1025 C CA  . THR A 1 136 ? -14.415 14.833  -4.015  1.00 13.45 ?  930  THR A CA  1 
ATOM   1026 C C   . THR A 1 136 ? -14.544 13.565  -4.847  1.00 14.48 ?  930  THR A C   1 
ATOM   1027 O O   . THR A 1 136 ? -15.583 13.352  -5.473  1.00 14.57 ?  930  THR A O   1 
ATOM   1028 C CB  . THR A 1 136 ? -14.603 16.074  -4.921  1.00 15.61 ?  930  THR A CB  1 
ATOM   1029 O OG1 . THR A 1 136 ? -13.717 16.013  -6.048  1.00 16.46 ?  930  THR A OG1 1 
ATOM   1030 C CG2 . THR A 1 136 ? -14.330 17.348  -4.132  1.00 17.11 ?  930  THR A CG2 1 
ATOM   1031 N N   . MET A 1 137 ? -13.523 12.707  -4.859  1.00 11.51 ?  931  MET A N   1 
ATOM   1032 C CA  . MET A 1 137 ? -13.583 11.502  -5.679  1.00 10.18 ?  931  MET A CA  1 
ATOM   1033 C C   . MET A 1 137 ? -14.586 10.500  -5.111  1.00 11.64 ?  931  MET A C   1 
ATOM   1034 O O   . MET A 1 137 ? -14.574 10.198  -3.909  1.00 12.03 ?  931  MET A O   1 
ATOM   1035 C CB  . MET A 1 137 ? -12.194 10.883  -5.782  1.00 8.89  ?  931  MET A CB  1 
ATOM   1036 C CG  . MET A 1 137 ? -11.235 11.735  -6.618  1.00 12.34 ?  931  MET A CG  1 
ATOM   1037 S SD  . MET A 1 137 ? -9.548  11.090  -6.740  1.00 12.39 ?  931  MET A SD  1 
ATOM   1038 C CE  . MET A 1 137 ? -9.771  9.678   -7.829  1.00 11.00 ?  931  MET A CE  1 
ATOM   1039 N N   . LYS A 1 138 ? -15.475 10.005  -5.972  1.00 10.80 ?  932  LYS A N   1 
ATOM   1040 C CA  . LYS A 1 138 ? -16.447 8.984   -5.606  1.00 8.43  ?  932  LYS A CA  1 
ATOM   1041 C C   . LYS A 1 138 ? -15.962 7.619   -6.073  1.00 10.26 ?  932  LYS A C   1 
ATOM   1042 O O   . LYS A 1 138 ? -15.425 7.483   -7.174  1.00 11.28 ?  932  LYS A O   1 
ATOM   1043 C CB  . LYS A 1 138 ? -17.822 9.296   -6.207  1.00 9.92  ?  932  LYS A CB  1 
ATOM   1044 C CG  . LYS A 1 138 ? -18.393 10.554  -5.581  1.00 11.03 ?  932  LYS A CG  1 
ATOM   1045 C CD  . LYS A 1 138 ? -19.730 10.929  -6.159  1.00 14.21 ?  932  LYS A CD  1 
ATOM   1046 C CE  . LYS A 1 138 ? -20.391 11.936  -5.257  1.00 22.13 ?  932  LYS A CE  1 
ATOM   1047 N NZ  . LYS A 1 138 ? -21.678 12.359  -5.825  1.00 24.33 1  932  LYS A NZ  1 
ATOM   1048 N N   . ASN A 1 139 ? -16.142 6.605   -5.229  1.00 9.39  ?  933  ASN A N   1 
ATOM   1049 C CA  . ASN A 1 139 ? -15.828 5.244   -5.638  1.00 10.99 ?  933  ASN A CA  1 
ATOM   1050 C C   . ASN A 1 139 ? -16.933 4.720   -6.572  1.00 9.79  ?  933  ASN A C   1 
ATOM   1051 O O   . ASN A 1 139 ? -17.852 5.442   -6.988  1.00 8.97  ?  933  ASN A O   1 
ATOM   1052 C CB  . ASN A 1 139 ? -15.581 4.373   -4.396  1.00 9.92  ?  933  ASN A CB  1 
ATOM   1053 C CG  . ASN A 1 139 ? -16.828 4.202   -3.534  1.00 10.61 ?  933  ASN A CG  1 
ATOM   1054 O OD1 . ASN A 1 139 ? -17.933 4.527   -3.950  1.00 10.68 ?  933  ASN A OD1 1 
ATOM   1055 N ND2 . ASN A 1 139 ? -16.651 3.682   -2.311  1.00 12.59 ?  933  ASN A ND2 1 
ATOM   1056 N N   . GLN A 1 140 ? -16.846 3.442   -6.941  1.00 11.09 ?  934  GLN A N   1 
ATOM   1057 C CA  A GLN A 1 140 ? -17.787 2.878   -7.906  0.52 10.71 ?  934  GLN A CA  1 
ATOM   1058 C CA  B GLN A 1 140 ? -17.791 2.896   -7.912  0.48 10.72 ?  934  GLN A CA  1 
ATOM   1059 C C   . GLN A 1 140 ? -19.229 2.959   -7.408  1.00 16.02 ?  934  GLN A C   1 
ATOM   1060 O O   . GLN A 1 140 ? -20.166 3.028   -8.216  1.00 15.29 ?  934  GLN A O   1 
ATOM   1061 C CB  A GLN A 1 140 ? -17.373 1.434   -8.209  0.52 12.42 ?  934  GLN A CB  1 
ATOM   1062 C CB  B GLN A 1 140 ? -17.409 1.459   -8.250  0.48 12.45 ?  934  GLN A CB  1 
ATOM   1063 C CG  A GLN A 1 140 ? -18.227 0.711   -9.234  0.52 13.97 ?  934  GLN A CG  1 
ATOM   1064 C CG  B GLN A 1 140 ? -17.840 0.463   -7.193  0.48 12.70 ?  934  GLN A CG  1 
ATOM   1065 C CD  A GLN A 1 140 ? -17.605 -0.589  -9.702  0.52 16.05 ?  934  GLN A CD  1 
ATOM   1066 C CD  B GLN A 1 140 ? -17.694 -0.967  -7.659  0.48 15.28 ?  934  GLN A CD  1 
ATOM   1067 O OE1 A GLN A 1 140 ? -16.390 -0.793  -9.589  0.52 17.55 ?  934  GLN A OE1 1 
ATOM   1068 O OE1 B GLN A 1 140 ? -16.879 -1.262  -8.530  0.48 15.27 ?  934  GLN A OE1 1 
ATOM   1069 N NE2 A GLN A 1 140 ? -18.434 -1.479  -10.237 0.52 15.91 ?  934  GLN A NE2 1 
ATOM   1070 N NE2 B GLN A 1 140 ? -18.492 -1.864  -7.086  0.48 22.55 ?  934  GLN A NE2 1 
ATOM   1071 N N   . GLU A 1 141 ? -19.432 2.940   -6.088  1.00 11.61 ?  935  GLU A N   1 
ATOM   1072 C CA  . GLU A 1 141 ? -20.754 3.043   -5.468  1.00 13.68 ?  935  GLU A CA  1 
ATOM   1073 C C   . GLU A 1 141 ? -21.229 4.483   -5.277  1.00 12.41 ?  935  GLU A C   1 
ATOM   1074 O O   . GLU A 1 141 ? -22.325 4.696   -4.736  1.00 19.42 ?  935  GLU A O   1 
ATOM   1075 C CB  . GLU A 1 141 ? -20.754 2.321   -4.116  1.00 17.31 ?  935  GLU A CB  1 
ATOM   1076 C CG  . GLU A 1 141 ? -20.470 0.832   -4.238  1.00 25.25 ?  935  GLU A CG  1 
ATOM   1077 C CD  . GLU A 1 141 ? -21.537 0.101   -5.031  1.00 38.37 ?  935  GLU A CD  1 
ATOM   1078 O OE1 . GLU A 1 141 ? -22.725 0.479   -4.924  1.00 41.80 ?  935  GLU A OE1 1 
ATOM   1079 O OE2 . GLU A 1 141 ? -21.187 -0.845  -5.770  1.00 46.44 -1 935  GLU A OE2 1 
ATOM   1080 N N   . GLY A 1 142 ? -20.452 5.477   -5.693  1.00 10.22 ?  936  GLY A N   1 
ATOM   1081 C CA  . GLY A 1 142 ? -20.861 6.857   -5.545  1.00 10.92 ?  936  GLY A CA  1 
ATOM   1082 C C   . GLY A 1 142 ? -20.468 7.517   -4.245  1.00 11.87 ?  936  GLY A C   1 
ATOM   1083 O O   . GLY A 1 142 ? -20.998 8.588   -3.936  1.00 13.09 ?  936  GLY A O   1 
ATOM   1084 N N   . GLN A 1 143 ? -19.563 6.914   -3.472  1.00 10.90 ?  937  GLN A N   1 
ATOM   1085 C CA  . GLN A 1 143 ? -19.247 7.396   -2.128  1.00 9.06  ?  937  GLN A CA  1 
ATOM   1086 C C   . GLN A 1 143 ? -17.925 8.144   -2.136  1.00 10.42 ?  937  GLN A C   1 
ATOM   1087 O O   . GLN A 1 143 ? -16.933 7.645   -2.671  1.00 9.69  ?  937  GLN A O   1 
ATOM   1088 C CB  . GLN A 1 143 ? -19.159 6.237   -1.129  1.00 11.06 ?  937  GLN A CB  1 
ATOM   1089 C CG  . GLN A 1 143 ? -20.388 5.356   -1.055  1.00 14.32 ?  937  GLN A CG  1 
ATOM   1090 C CD  . GLN A 1 143 ? -20.091 4.043   -0.355  1.00 19.34 ?  937  GLN A CD  1 
ATOM   1091 O OE1 . GLN A 1 143 ? -19.211 3.271   -0.771  1.00 20.13 ?  937  GLN A OE1 1 
ATOM   1092 N NE2 . GLN A 1 143 ? -20.825 3.774   0.714   1.00 23.75 ?  937  GLN A NE2 1 
ATOM   1093 N N   . THR A 1 144 ? -17.915 9.340   -1.547  1.00 9.24  ?  938  THR A N   1 
ATOM   1094 C CA  . THR A 1 144 ? -16.686 10.077  -1.277  1.00 9.81  ?  938  THR A CA  1 
ATOM   1095 C C   . THR A 1 144 ? -16.001 9.491   -0.052  1.00 8.09  ?  938  THR A C   1 
ATOM   1096 O O   . THR A 1 144 ? -16.608 8.708   0.689   1.00 9.50  ?  938  THR A O   1 
ATOM   1097 C CB  . THR A 1 144 ? -16.984 11.544  -0.999  1.00 11.96 ?  938  THR A CB  1 
ATOM   1098 O OG1 . THR A 1 144 ? -17.869 11.623  0.129   1.00 11.98 ?  938  THR A OG1 1 
ATOM   1099 C CG2 . THR A 1 144 ? -17.609 12.233  -2.211  1.00 11.57 ?  938  THR A CG2 1 
ATOM   1100 N N   . PRO A 1 145 ? -14.734 9.864   0.208   1.00 9.32  ?  939  PRO A N   1 
ATOM   1101 C CA  . PRO A 1 145 ? -14.133 9.472   1.498   1.00 7.72  ?  939  PRO A CA  1 
ATOM   1102 C C   . PRO A 1 145 ? -14.976 9.923   2.693   1.00 8.62  ?  939  PRO A C   1 
ATOM   1103 O O   . PRO A 1 145 ? -15.131 9.152   3.652   1.00 9.20  ?  939  PRO A O   1 
ATOM   1104 C CB  . PRO A 1 145 ? -12.753 10.151  1.450   1.00 8.15  ?  939  PRO A CB  1 
ATOM   1105 C CG  . PRO A 1 145 ? -12.416 10.173  -0.043  1.00 10.01 ?  939  PRO A CG  1 
ATOM   1106 C CD  . PRO A 1 145 ? -13.745 10.515  -0.682  1.00 9.15  ?  939  PRO A CD  1 
ATOM   1107 N N   . LEU A 1 146 ? -15.558 11.130  2.642   1.00 9.12  ?  940  LEU A N   1 
ATOM   1108 C CA  . LEU A 1 146 ? -16.431 11.578  3.730   1.00 10.71 ?  940  LEU A CA  1 
ATOM   1109 C C   . LEU A 1 146 ? -17.611 10.630  3.933   1.00 11.55 ?  940  LEU A C   1 
ATOM   1110 O O   . LEU A 1 146 ? -17.972 10.310  5.076   1.00 11.17 ?  940  LEU A O   1 
ATOM   1111 C CB  . LEU A 1 146 ? -16.921 13.003  3.461   1.00 12.38 ?  940  LEU A CB  1 
ATOM   1112 C CG  . LEU A 1 146 ? -17.914 13.531  4.504   1.00 14.05 ?  940  LEU A CG  1 
ATOM   1113 C CD1 . LEU A 1 146 ? -17.254 13.730  5.867   1.00 12.57 ?  940  LEU A CD1 1 
ATOM   1114 C CD2 . LEU A 1 146 ? -18.517 14.844  4.020   1.00 13.97 ?  940  LEU A CD2 1 
ATOM   1115 N N   . ASP A 1 147 ? -18.215 10.150  2.841   1.00 9.58  ?  941  ASP A N   1 
ATOM   1116 C CA  . ASP A 1 147 ? -19.335 9.218   2.960   1.00 10.32 ?  941  ASP A CA  1 
ATOM   1117 C C   . ASP A 1 147 ? -18.944 7.949   3.721   1.00 11.18 ?  941  ASP A C   1 
ATOM   1118 O O   . ASP A 1 147 ? -19.790 7.323   4.371   1.00 12.77 ?  941  ASP A O   1 
ATOM   1119 C CB  . ASP A 1 147 ? -19.860 8.846   1.575   1.00 10.71 ?  941  ASP A CB  1 
ATOM   1120 C CG  . ASP A 1 147 ? -20.556 10.000  0.863   1.00 16.34 ?  941  ASP A CG  1 
ATOM   1121 O OD1 . ASP A 1 147 ? -21.133 10.869  1.546   1.00 19.85 ?  941  ASP A OD1 1 
ATOM   1122 O OD2 . ASP A 1 147 ? -20.546 10.015  -0.389  1.00 14.68 -1 941  ASP A OD2 1 
ATOM   1123 N N   . LEU A 1 148 ? -17.669 7.556   3.663   1.00 9.91  ?  942  LEU A N   1 
ATOM   1124 C CA  . LEU A 1 148 ? -17.194 6.356   4.349   1.00 10.05 ?  942  LEU A CA  1 
ATOM   1125 C C   . LEU A 1 148 ? -16.716 6.614   5.769   1.00 9.75  ?  942  LEU A C   1 
ATOM   1126 O O   . LEU A 1 148 ? -16.454 5.649   6.498   1.00 11.53 ?  942  LEU A O   1 
ATOM   1127 C CB  . LEU A 1 148 ? -16.030 5.721   3.581   1.00 10.08 ?  942  LEU A CB  1 
ATOM   1128 C CG  . LEU A 1 148 ? -16.289 5.383   2.119   1.00 9.83  ?  942  LEU A CG  1 
ATOM   1129 C CD1 . LEU A 1 148 ? -15.055 4.756   1.493   1.00 11.24 ?  942  LEU A CD1 1 
ATOM   1130 C CD2 . LEU A 1 148 ? -17.447 4.448   2.014   1.00 11.33 ?  942  LEU A CD2 1 
ATOM   1131 N N   . ALA A 1 149 ? -16.558 7.879   6.162   1.00 11.19 ?  943  ALA A N   1 
ATOM   1132 C CA  . ALA A 1 149 ? -15.986 8.229   7.453   1.00 9.91  ?  943  ALA A CA  1 
ATOM   1133 C C   . ALA A 1 149 ? -17.027 8.201   8.566   1.00 10.43 ?  943  ALA A C   1 
ATOM   1134 O O   . ALA A 1 149 ? -18.135 8.737   8.421   1.00 12.17 ?  943  ALA A O   1 
ATOM   1135 C CB  . ALA A 1 149 ? -15.351 9.616   7.382   1.00 10.57 ?  943  ALA A CB  1 
ATOM   1136 N N   . THR A 1 150 ? -16.652 7.597   9.687   1.00 9.54  ?  944  THR A N   1 
ATOM   1137 C CA  . THR A 1 150 ? -17.501 7.538   10.869  1.00 9.52  ?  944  THR A CA  1 
ATOM   1138 C C   . THR A 1 150 ? -16.928 8.270   12.077  1.00 9.69  ?  944  THR A C   1 
ATOM   1139 O O   . THR A 1 150 ? -17.668 8.503   13.043  1.00 11.67 ?  944  THR A O   1 
ATOM   1140 C CB  . THR A 1 150 ? -17.777 6.071   11.238  1.00 10.37 ?  944  THR A CB  1 
ATOM   1141 O OG1 . THR A 1 150 ? -16.522 5.367   11.363  1.00 12.17 ?  944  THR A OG1 1 
ATOM   1142 C CG2 . THR A 1 150 ? -18.600 5.406   10.150  1.00 11.77 ?  944  THR A CG2 1 
ATOM   1143 N N   . ALA A 1 151 ? -15.646 8.635   12.073  1.00 8.69  ?  945  ALA A N   1 
ATOM   1144 C CA  . ALA A 1 151 ? -15.038 9.304   13.216  1.00 8.83  ?  945  ALA A CA  1 
ATOM   1145 C C   . ALA A 1 151 ? -15.249 10.812  13.119  1.00 10.50 ?  945  ALA A C   1 
ATOM   1146 O O   . ALA A 1 151 ? -15.121 11.397  12.042  1.00 9.95  ?  945  ALA A O   1 
ATOM   1147 C CB  . ALA A 1 151 ? -13.541 8.982   13.286  1.00 11.12 ?  945  ALA A CB  1 
ATOM   1148 N N   . ASP A 1 152 ? -15.548 11.447  14.262  1.00 9.50  ?  946  ASP A N   1 
ATOM   1149 C CA  . ASP A 1 152 ? -15.781 12.894  14.250  1.00 10.96 ?  946  ASP A CA  1 
ATOM   1150 C C   . ASP A 1 152 ? -14.578 13.656  13.713  1.00 9.89  ?  946  ASP A C   1 
ATOM   1151 O O   . ASP A 1 152 ? -14.741 14.628  12.971  1.00 10.89 ?  946  ASP A O   1 
ATOM   1152 C CB  . ASP A 1 152 ? -16.095 13.419  15.651  1.00 12.67 ?  946  ASP A CB  1 
ATOM   1153 C CG  . ASP A 1 152 ? -17.493 13.094  16.102  1.00 18.00 ?  946  ASP A CG  1 
ATOM   1154 O OD1 . ASP A 1 152 ? -18.328 12.725  15.243  1.00 23.23 ?  946  ASP A OD1 1 
ATOM   1155 O OD2 . ASP A 1 152 ? -17.766 13.217  17.328  1.00 20.74 -1 946  ASP A OD2 1 
ATOM   1156 N N   . ASP A 1 153 ? -13.366 13.250  14.085  1.00 9.74  ?  947  ASP A N   1 
ATOM   1157 C CA  . ASP A 1 153 ? -12.208 14.045  13.681  1.00 8.19  ?  947  ASP A CA  1 
ATOM   1158 C C   . ASP A 1 153 ? -11.979 13.955  12.174  1.00 11.74 ?  947  ASP A C   1 
ATOM   1159 O O   . ASP A 1 153 ? -11.702 14.972  11.520  1.00 13.11 ?  947  ASP A O   1 
ATOM   1160 C CB  . ASP A 1 153 ? -10.960 13.656  14.496  1.00 11.78 ?  947  ASP A CB  1 
ATOM   1161 C CG  . ASP A 1 153 ? -10.484 12.218  14.283  1.00 12.45 ?  947  ASP A CG  1 
ATOM   1162 O OD1 . ASP A 1 153 ? -11.219 11.345  13.769  1.00 11.85 ?  947  ASP A OD1 1 
ATOM   1163 O OD2 . ASP A 1 153 ? -9.328  11.946  14.673  1.00 13.45 -1 947  ASP A OD2 1 
ATOM   1164 N N   . ILE A 1 154 ? -12.159 12.773  11.589  1.00 10.15 ?  948  ILE A N   1 
ATOM   1165 C CA  . ILE A 1 154 ? -11.965 12.644  10.143  1.00 10.94 ?  948  ILE A CA  1 
ATOM   1166 C C   . ILE A 1 154 ? -13.079 13.342  9.382   1.00 11.00 ?  948  ILE A C   1 
ATOM   1167 O O   . ILE A 1 154 ? -12.829 13.978  8.349   1.00 12.78 ?  948  ILE A O   1 
ATOM   1168 C CB  . ILE A 1 154 ? -11.848 11.161  9.753   1.00 11.92 ?  948  ILE A CB  1 
ATOM   1169 C CG1 . ILE A 1 154 ? -10.494 10.638  10.236  1.00 17.67 ?  948  ILE A CG1 1 
ATOM   1170 C CG2 . ILE A 1 154 ? -12.023 10.959  8.240   1.00 12.17 ?  948  ILE A CG2 1 
ATOM   1171 C CD1 . ILE A 1 154 ? -10.170 9.299   9.730   1.00 19.06 ?  948  ILE A CD1 1 
ATOM   1172 N N   . ARG A 1 155 ? -14.325 13.249  9.864   1.00 9.60  ?  949  ARG A N   1 
ATOM   1173 C CA  . ARG A 1 155 ? -15.402 13.967  9.181   1.00 10.29 ?  949  ARG A CA  1 
ATOM   1174 C C   . ARG A 1 155 ? -15.134 15.465  9.164   1.00 12.46 ?  949  ARG A C   1 
ATOM   1175 O O   . ARG A 1 155 ? -15.330 16.120  8.133   1.00 13.50 ?  949  ARG A O   1 
ATOM   1176 C CB  . ARG A 1 155 ? -16.757 13.655  9.832   1.00 10.42 ?  949  ARG A CB  1 
ATOM   1177 C CG  . ARG A 1 155 ? -17.222 12.202  9.616   1.00 11.42 ?  949  ARG A CG  1 
ATOM   1178 C CD  . ARG A 1 155 ? -18.686 11.992  9.984   1.00 11.96 ?  949  ARG A CD  1 
ATOM   1179 N NE  . ARG A 1 155 ? -19.563 12.732  9.086   1.00 17.45 ?  949  ARG A NE  1 
ATOM   1180 C CZ  . ARG A 1 155 ? -19.907 12.321  7.866   1.00 16.80 ?  949  ARG A CZ  1 
ATOM   1181 N NH1 . ARG A 1 155 ? -19.464 11.158  7.390   1.00 16.82 1  949  ARG A NH1 1 
ATOM   1182 N NH2 . ARG A 1 155 ? -20.700 13.073  7.119   1.00 18.72 ?  949  ARG A NH2 1 
ATOM   1183 N N   . ALA A 1 156 ? -14.670 16.021  10.290  1.00 11.93 ?  950  ALA A N   1 
ATOM   1184 C CA  . ALA A 1 156 ? -14.347 17.447  10.322  1.00 14.11 ?  950  ALA A CA  1 
ATOM   1185 C C   . ALA A 1 156 ? -13.228 17.781  9.337   1.00 17.36 ?  950  ALA A C   1 
ATOM   1186 O O   . ALA A 1 156 ? -13.302 18.780  8.614   1.00 16.02 ?  950  ALA A O   1 
ATOM   1187 C CB  . ALA A 1 156 ? -13.960 17.866  11.741  1.00 14.62 ?  950  ALA A CB  1 
ATOM   1188 N N   . LEU A 1 157 ? -12.191 16.936  9.293   1.00 13.00 ?  951  LEU A N   1 
ATOM   1189 C CA  . LEU A 1 157 ? -11.052 17.136  8.403   1.00 12.53 ?  951  LEU A CA  1 
ATOM   1190 C C   . LEU A 1 157 ? -11.481 17.165  6.941   1.00 12.53 ?  951  LEU A C   1 
ATOM   1191 O O   . LEU A 1 157 ? -11.038 18.022  6.161   1.00 13.84 ?  951  LEU A O   1 
ATOM   1192 C CB  . LEU A 1 157 ? -10.054 16.004  8.634   1.00 19.05 ?  951  LEU A CB  1 
ATOM   1193 C CG  . LEU A 1 157 ? -8.670  16.120  8.021   1.00 27.68 ?  951  LEU A CG  1 
ATOM   1194 C CD1 . LEU A 1 157 ? -7.981  17.287  8.691   1.00 27.33 ?  951  LEU A CD1 1 
ATOM   1195 C CD2 . LEU A 1 157 ? -7.906  14.831  8.260   1.00 26.57 ?  951  LEU A CD2 1 
ATOM   1196 N N   . LEU A 1 158 ? -12.333 16.219  6.545   1.00 12.71 ?  952  LEU A N   1 
ATOM   1197 C CA  . LEU A 1 158 ? -12.737 16.124  5.150   1.00 11.56 ?  952  LEU A CA  1 
ATOM   1198 C C   . LEU A 1 158 ? -13.725 17.218  4.784   1.00 16.54 ?  952  LEU A C   1 
ATOM   1199 O O   . LEU A 1 158 ? -13.652 17.770  3.682   1.00 17.18 ?  952  LEU A O   1 
ATOM   1200 C CB  . LEU A 1 158 ? -13.333 14.747  4.874   1.00 11.80 ?  952  LEU A CB  1 
ATOM   1201 C CG  . LEU A 1 158 ? -12.306 13.615  4.921   1.00 11.09 ?  952  LEU A CG  1 
ATOM   1202 C CD1 . LEU A 1 158 ? -13.047 12.271  4.906   1.00 9.82  ?  952  LEU A CD1 1 
ATOM   1203 C CD2 . LEU A 1 158 ? -11.317 13.723  3.747   1.00 13.60 ?  952  LEU A CD2 1 
ATOM   1204 N N   . ILE A 1 159 ? -14.628 17.570  5.703   1.00 12.59 ?  953  ILE A N   1 
ATOM   1205 C CA  . ILE A 1 159 ? -15.573 18.648  5.418   1.00 14.76 ?  953  ILE A CA  1 
ATOM   1206 C C   . ILE A 1 159 ? -14.823 19.946  5.158   1.00 17.68 ?  953  ILE A C   1 
ATOM   1207 O O   . ILE A 1 159 ? -15.192 20.727  4.268   1.00 19.35 ?  953  ILE A O   1 
ATOM   1208 C CB  . ILE A 1 159 ? -16.581 18.791  6.574   1.00 14.51 ?  953  ILE A CB  1 
ATOM   1209 C CG1 . ILE A 1 159 ? -17.594 17.652  6.514   1.00 16.37 ?  953  ILE A CG1 1 
ATOM   1210 C CG2 . ILE A 1 159 ? -17.276 20.164  6.525   1.00 22.16 ?  953  ILE A CG2 1 
ATOM   1211 C CD1 . ILE A 1 159 ? -18.397 17.474  7.798   1.00 19.78 ?  953  ILE A CD1 1 
ATOM   1212 N N   . ASP A 1 160 ? -13.748 20.180  5.914   1.00 16.89 ?  954  ASP A N   1 
ATOM   1213 C CA  . ASP A 1 160 ? -12.941 21.381  5.740   1.00 19.27 ?  954  ASP A CA  1 
ATOM   1214 C C   . ASP A 1 160 ? -12.240 21.378  4.390   1.00 22.04 ?  954  ASP A C   1 
ATOM   1215 O O   . ASP A 1 160 ? -12.123 22.425  3.742   1.00 24.43 ?  954  ASP A O   1 
ATOM   1216 C CB  . ASP A 1 160 ? -11.930 21.495  6.877   1.00 17.15 ?  954  ASP A CB  1 
ATOM   1217 C CG  . ASP A 1 160 ? -11.173 22.809  6.850   1.00 36.70 ?  954  ASP A CG  1 
ATOM   1218 O OD1 . ASP A 1 160 ? -11.803 23.839  6.539   1.00 32.45 ?  954  ASP A OD1 1 
ATOM   1219 O OD2 . ASP A 1 160 ? -9.956  22.812  7.133   1.00 39.24 -1 954  ASP A OD2 1 
ATOM   1220 N N   . ALA A 1 161 ? -11.782 20.211  3.938   1.00 17.71 ?  955  ALA A N   1 
ATOM   1221 C CA  . ALA A 1 161 ? -11.035 20.141  2.687   1.00 24.74 ?  955  ALA A CA  1 
ATOM   1222 C C   . ALA A 1 161 ? -11.931 20.150  1.458   1.00 21.51 ?  955  ALA A C   1 
ATOM   1223 O O   . ALA A 1 161 ? -11.430 20.345  0.344   1.00 22.88 ?  955  ALA A O   1 
ATOM   1224 C CB  . ALA A 1 161 ? -10.151 18.884  2.665   1.00 20.44 ?  955  ALA A CB  1 
ATOM   1225 N N   . MET A 1 162 ? -13.177 19.941  1.615   1.00 18.98 ?  956  MET A N   1 
ATOM   1226 C CA  . MET A 1 162 ? -14.046 19.832  0.456   1.00 21.49 ?  956  MET A CA  1 
ATOM   1227 C C   . MET A 1 162 ? -14.594 21.203  0.075   1.00 30.49 ?  956  MET A C   1 
ATOM   1228 O O   . MET A 1 162 ? -14.657 22.106  0.913   1.00 28.93 ?  956  MET A O   1 
ATOM   1229 C CB  . MET A 1 162 ? -15.188 18.862  0.747   1.00 23.44 ?  956  MET A CB  1 
ATOM   1230 C CG  . MET A 1 162 ? -14.701 17.419  0.852   1.00 19.48 ?  956  MET A CG  1 
ATOM   1231 S SD  . MET A 1 162 ? -15.920 16.303  1.560   1.00 21.91 ?  956  MET A SD  1 
ATOM   1232 C CE  . MET A 1 162 ? -17.010 16.106  0.154   1.00 24.36 ?  956  MET A CE  1 
ATOM   1233 N N   . PRO A 1 163 ? -14.971 21.401  -1.193  1.00 25.27 ?  957  PRO A N   1 
ATOM   1234 C CA  . PRO A 1 163 ? -15.490 22.718  -1.584  1.00 36.79 ?  957  PRO A CA  1 
ATOM   1235 C C   . PRO A 1 163 ? -16.845 23.021  -0.953  1.00 34.12 ?  957  PRO A C   1 
ATOM   1236 O O   . PRO A 1 163 ? -17.773 23.385  -1.675  1.00 52.59 ?  957  PRO A O   1 
ATOM   1237 C CB  . PRO A 1 163 ? -15.605 22.608  -3.105  1.00 31.24 ?  957  PRO A CB  1 
ATOM   1238 C CG  . PRO A 1 163 ? -15.776 21.150  -3.362  1.00 32.07 ?  957  PRO A CG  1 
ATOM   1239 C CD  . PRO A 1 163 ? -14.937 20.461  -2.327  1.00 25.20 ?  957  PRO A CD  1 
ATOM   1240 N N   . SER B 2 1   ? -17.674 -2.229  -2.307  1.00 42.21 ?  1046 SER B N   1 
ATOM   1241 C CA  . SER B 2 1   ? -18.713 -3.246  -2.468  1.00 48.14 ?  1046 SER B CA  1 
ATOM   1242 C C   . SER B 2 1   ? -18.468 -4.439  -1.548  1.00 53.04 ?  1046 SER B C   1 
ATOM   1243 O O   . SER B 2 1   ? -17.534 -4.433  -0.743  1.00 51.01 ?  1046 SER B O   1 
ATOM   1244 C CB  . SER B 2 1   ? -18.796 -3.713  -3.924  1.00 46.01 ?  1046 SER B CB  1 
ATOM   1245 N N   . LEU B 2 2   ? -19.312 -5.467  -1.687  1.00 53.98 ?  1047 LEU B N   1 
ATOM   1246 C CA  . LEU B 2 2   ? -19.299 -6.581  -0.743  1.00 49.82 ?  1047 LEU B CA  1 
ATOM   1247 C C   . LEU B 2 2   ? -18.084 -7.484  -0.930  1.00 46.37 ?  1047 LEU B C   1 
ATOM   1248 O O   . LEU B 2 2   ? -17.566 -8.029  0.052   1.00 45.38 ?  1047 LEU B O   1 
ATOM   1249 C CB  . LEU B 2 2   ? -20.587 -7.395  -0.879  1.00 53.62 ?  1047 LEU B CB  1 
ATOM   1250 N N   . SER B 2 3   ? -17.617 -7.665  -2.169  1.00 37.01 ?  1048 SER B N   1 
ATOM   1251 C CA  . SER B 2 3   ? -16.480 -8.553  -2.384  1.00 41.80 ?  1048 SER B CA  1 
ATOM   1252 C C   . SER B 2 3   ? -15.162 -7.957  -1.910  1.00 26.71 ?  1048 SER B C   1 
ATOM   1253 O O   . SER B 2 3   ? -14.166 -8.687  -1.847  1.00 30.82 ?  1048 SER B O   1 
ATOM   1254 C CB  . SER B 2 3   ? -16.363 -8.934  -3.866  1.00 35.47 ?  1048 SER B CB  1 
ATOM   1255 O OG  . SER B 2 3   ? -17.341 -9.892  -4.241  1.00 36.24 ?  1048 SER B OG  1 
ATOM   1256 N N   . ARG B 2 4   ? -15.127 -6.670  -1.567  1.00 29.52 ?  1049 ARG B N   1 
ATOM   1257 C CA  . ARG B 2 4   ? -13.867 -6.033  -1.197  1.00 31.37 ?  1049 ARG B CA  1 
ATOM   1258 C C   . ARG B 2 4   ? -13.362 -6.598  0.128   1.00 23.03 ?  1049 ARG B C   1 
ATOM   1259 O O   . ARG B 2 4   ? -14.091 -6.615  1.123   1.00 29.16 ?  1049 ARG B O   1 
ATOM   1260 C CB  . ARG B 2 4   ? -14.045 -4.516  -1.106  1.00 25.64 ?  1049 ARG B CB  1 
ATOM   1261 C CG  . ARG B 2 4   ? -12.732 -3.725  -1.139  1.00 21.13 ?  1049 ARG B CG  1 
ATOM   1262 C CD  . ARG B 2 4   ? -12.960 -2.228  -1.409  1.00 19.14 ?  1049 ARG B CD  1 
ATOM   1263 N NE  . ARG B 2 4   ? -11.693 -1.529  -1.609  1.00 14.41 ?  1049 ARG B NE  1 
ATOM   1264 C CZ  . ARG B 2 4   ? -10.956 -1.014  -0.632  1.00 12.80 ?  1049 ARG B CZ  1 
ATOM   1265 N NH1 . ARG B 2 4   ? -11.365 -1.082  0.621   1.00 16.78 1  1049 ARG B NH1 1 
ATOM   1266 N NH2 . ARG B 2 4   ? -9.810  -0.421  -0.913  1.00 14.20 ?  1049 ARG B NH2 1 
ATOM   1267 N N   . THR B 2 5   ? -12.119 -7.071  0.139   1.00 20.99 ?  1050 THR B N   1 
ATOM   1268 C CA  . THR B 2 5   ? -11.505 -7.685  1.307   1.00 21.73 ?  1050 THR B CA  1 
ATOM   1269 C C   . THR B 2 5   ? -10.294 -6.870  1.771   1.00 23.45 ?  1050 THR B C   1 
ATOM   1270 O O   . THR B 2 5   ? -9.796  -6.013  1.030   1.00 21.77 ?  1050 THR B O   1 
ATOM   1271 C CB  . THR B 2 5   ? -11.092 -9.132  0.997   1.00 29.71 ?  1050 THR B CB  1 
ATOM   1272 O OG1 . THR B 2 5   ? -10.258 -9.161  -0.164  1.00 34.20 ?  1050 THR B OG1 1 
ATOM   1273 C CG2 . THR B 2 5   ? -12.326 -10.000 0.760   1.00 28.10 ?  1050 THR B CG2 1 
ATOM   1274 N N   . PRO B 2 6   ? -9.817  -7.086  3.000   1.00 22.38 ?  1051 PRO B N   1 
ATOM   1275 C CA  . PRO B 2 6   ? -8.791  -6.191  3.560   1.00 20.69 ?  1051 PRO B CA  1 
ATOM   1276 C C   . PRO B 2 6   ? -7.446  -6.280  2.855   1.00 21.09 ?  1051 PRO B C   1 
ATOM   1277 O O   . PRO B 2 6   ? -7.020  -7.343  2.395   1.00 19.83 ?  1051 PRO B O   1 
ATOM   1278 C CB  . PRO B 2 6   ? -8.670  -6.661  5.013   1.00 22.33 ?  1051 PRO B CB  1 
ATOM   1279 C CG  . PRO B 2 6   ? -9.991  -7.285  5.311   1.00 23.49 ?  1051 PRO B CG  1 
ATOM   1280 C CD  . PRO B 2 6   ? -10.380 -7.966  4.041   1.00 25.00 ?  1051 PRO B CD  1 
ATOM   1281 N N   . ALA B 2 7   ? -6.778  -5.126  2.792   1.00 16.23 ?  1052 ALA B N   1 
ATOM   1282 C CA  . ALA B 2 7   ? -5.399  -5.050  2.329   1.00 12.82 ?  1052 ALA B CA  1 
ATOM   1283 C C   . ALA B 2 7   ? -4.477  -5.888  3.207   1.00 13.79 ?  1052 ALA B C   1 
ATOM   1284 O O   . ALA B 2 7   ? -4.706  -6.046  4.407   1.00 15.38 ?  1052 ALA B O   1 
ATOM   1285 C CB  . ALA B 2 7   ? -4.920  -3.604  2.357   1.00 11.35 ?  1052 ALA B CB  1 
ATOM   1286 N N   . ASP B 2 8   ? -3.401  -6.407  2.613   1.00 11.52 ?  1053 ASP B N   1 
ATOM   1287 C CA  . ASP B 2 8   ? -2.366  -7.041  3.424   1.00 10.37 ?  1053 ASP B CA  1 
ATOM   1288 C C   . ASP B 2 8   ? -1.718  -6.013  4.338   1.00 10.69 ?  1053 ASP B C   1 
ATOM   1289 O O   . ASP B 2 8   ? -1.340  -4.926  3.901   1.00 11.21 ?  1053 ASP B O   1 
ATOM   1290 C CB  . ASP B 2 8   ? -1.303  -7.691  2.540   1.00 13.99 ?  1053 ASP B CB  1 
ATOM   1291 C CG  . ASP B 2 8   ? -1.761  -9.024  1.965   1.00 18.54 ?  1053 ASP B CG  1 
ATOM   1292 O OD1 . ASP B 2 8   ? -2.703  -9.626  2.522   1.00 23.54 ?  1053 ASP B OD1 1 
ATOM   1293 O OD2 . ASP B 2 8   ? -1.193  -9.454  0.946   1.00 22.87 -1 1053 ASP B OD2 1 
ATOM   1294 N N   . GLY B 2 9   ? -1.609  -6.354  5.618   1.00 13.78 ?  1054 GLY B N   1 
ATOM   1295 C CA  . GLY B 2 9   ? -0.928  -5.501  6.564   1.00 12.44 ?  1054 GLY B CA  1 
ATOM   1296 C C   . GLY B 2 9   ? -1.494  -5.673  7.958   1.00 13.26 ?  1054 GLY B C   1 
ATOM   1297 O O   . GLY B 2 9   ? -2.276  -6.578  8.226   1.00 12.81 ?  1054 GLY B O   1 
ATOM   1298 N N   . ARG B 2 10  ? -1.075  -4.770  8.833   1.00 10.03 ?  1055 ARG B N   1 
ATOM   1299 C CA  . ARG B 2 10  ? -1.473  -4.783  10.240  1.00 16.80 ?  1055 ARG B CA  1 
ATOM   1300 C C   . ARG B 2 10  ? -1.277  -3.388  10.805  1.00 14.49 ?  1055 ARG B C   1 
ATOM   1301 O O   . ARG B 2 10  ? -0.319  -2.711  10.428  1.00 15.59 ?  1055 ARG B O   1 
ATOM   1302 C CB  . ARG B 2 10  ? -0.643  -5.818  11.020  1.00 21.04 ?  1055 ARG B CB  1 
ATOM   1303 C CG  . ARG B 2 10  ? -0.749  -5.748  12.526  1.00 29.81 ?  1055 ARG B CG  1 
ATOM   1304 C CD  . ARG B 2 10  ? 0.368   -6.563  13.178  1.00 34.53 ?  1055 ARG B CD  1 
ATOM   1305 N NE  . ARG B 2 10  ? 0.379   -7.961  12.743  1.00 35.00 ?  1055 ARG B NE  1 
ATOM   1306 C CZ  . ARG B 2 10  ? 1.412   -8.559  12.151  1.00 44.89 ?  1055 ARG B CZ  1 
ATOM   1307 N NH1 . ARG B 2 10  ? 2.536   -7.887  11.922  1.00 35.38 1  1055 ARG B NH1 1 
ATOM   1308 N NH2 . ARG B 2 10  ? 1.326   -9.838  11.793  1.00 41.08 ?  1055 ARG B NH2 1 
ATOM   1309 O OXT . ARG B 2 10  ? -2.056  -2.868  11.630  1.00 16.30 -1 1055 ARG B OXT 1 
HETATM 1310 C C1  . GOL C 3 .   ? -0.431  -15.402 2.119   1.00 39.49 ?  1001 GOL A C1  1 
HETATM 1311 O O1  . GOL C 3 .   ? -1.103  -14.322 1.508   1.00 33.35 ?  1001 GOL A O1  1 
HETATM 1312 C C2  . GOL C 3 .   ? -0.588  -16.659 1.268   1.00 40.42 ?  1001 GOL A C2  1 
HETATM 1313 O O2  . GOL C 3 .   ? -1.765  -17.343 1.653   1.00 46.62 ?  1001 GOL A O2  1 
HETATM 1314 C C3  . GOL C 3 .   ? 0.622   -17.569 1.467   1.00 47.94 ?  1001 GOL A C3  1 
HETATM 1315 O O3  . GOL C 3 .   ? 1.809   -16.900 1.098   1.00 45.62 ?  1001 GOL A O3  1 
HETATM 1316 C C1  . GOL D 3 .   ? 19.760  -3.883  -11.903 1.00 13.18 ?  1002 GOL A C1  1 
HETATM 1317 O O1  . GOL D 3 .   ? 18.917  -2.793  -12.180 1.00 41.02 ?  1002 GOL A O1  1 
HETATM 1318 C C2  . GOL D 3 .   ? 20.146  -4.575  -13.172 1.00 4.90  ?  1002 GOL A C2  1 
HETATM 1319 O O2  . GOL D 3 .   ? 21.457  -4.294  -13.585 1.00 17.13 ?  1002 GOL A O2  1 
HETATM 1320 C C3  . GOL D 3 .   ? 19.828  -6.036  -13.135 1.00 14.53 ?  1002 GOL A C3  1 
HETATM 1321 O O3  . GOL D 3 .   ? 18.627  -6.239  -13.846 1.00 46.29 ?  1002 GOL A O3  1 
HETATM 1322 O O   . HOH E 4 .   ? 23.376  -7.267  4.863   1.00 36.53 ?  1101 HOH A O   1 
HETATM 1323 O O   . HOH E 4 .   ? 7.241   11.001  8.128   1.00 32.49 ?  1102 HOH A O   1 
HETATM 1324 O O   . HOH E 4 .   ? -18.108 25.709  -1.353  1.00 37.49 ?  1103 HOH A O   1 
HETATM 1325 O O   . HOH E 4 .   ? 14.701  3.053   -7.409  1.00 28.72 ?  1104 HOH A O   1 
HETATM 1326 O O   . HOH E 4 .   ? 16.697  -4.877  -8.525  1.00 24.80 ?  1105 HOH A O   1 
HETATM 1327 O O   . HOH E 4 .   ? -23.127 9.846   -4.305  1.00 33.10 ?  1106 HOH A O   1 
HETATM 1328 O O   . HOH E 4 .   ? 5.731   -15.717 -5.834  1.00 35.88 ?  1107 HOH A O   1 
HETATM 1329 O O   . HOH E 4 .   ? 3.183   7.858   -10.275 1.00 31.20 ?  1108 HOH A O   1 
HETATM 1330 O O   . HOH E 4 .   ? -21.161 13.224  2.430   1.00 33.81 ?  1109 HOH A O   1 
HETATM 1331 O O   . HOH E 4 .   ? 17.091  -27.179 -6.552  1.00 35.07 ?  1110 HOH A O   1 
HETATM 1332 O O   . HOH E 4 .   ? 13.858  -5.215  -11.768 1.00 33.38 ?  1111 HOH A O   1 
HETATM 1333 O O   . HOH E 4 .   ? -21.676 11.839  -1.774  1.00 29.25 ?  1112 HOH A O   1 
HETATM 1334 O O   . HOH E 4 .   ? 17.803  -3.352  -9.949  1.00 20.05 ?  1113 HOH A O   1 
HETATM 1335 O O   . HOH E 4 .   ? -5.206  -4.216  -11.791 1.00 35.93 ?  1114 HOH A O   1 
HETATM 1336 O O   . HOH E 4 .   ? 8.362   15.446  0.599   1.00 37.76 ?  1115 HOH A O   1 
HETATM 1337 O O   . HOH E 4 .   ? -20.994 13.910  -7.757  1.00 19.33 ?  1116 HOH A O   1 
HETATM 1338 O O   . HOH E 4 .   ? 5.003   -8.467  -10.779 1.00 26.85 ?  1117 HOH A O   1 
HETATM 1339 O O   . HOH E 4 .   ? -9.286  -13.070 -1.635  1.00 37.76 ?  1118 HOH A O   1 
HETATM 1340 O O   . HOH E 4 .   ? -11.152 17.760  -8.319  1.00 32.21 ?  1119 HOH A O   1 
HETATM 1341 O O   . HOH E 4 .   ? 20.040  -6.928  -2.503  1.00 14.98 ?  1120 HOH A O   1 
HETATM 1342 O O   . HOH E 4 .   ? -8.860  -2.587  2.678   1.00 24.74 ?  1121 HOH A O   1 
HETATM 1343 O O   . HOH E 4 .   ? -20.164 7.130   6.948   1.00 27.38 ?  1122 HOH A O   1 
HETATM 1344 O O   . HOH E 4 .   ? -5.745  17.909  -1.302  1.00 21.29 ?  1123 HOH A O   1 
HETATM 1345 O O   . HOH E 4 .   ? -23.170 10.366  -6.629  1.00 31.72 ?  1124 HOH A O   1 
HETATM 1346 O O   . HOH E 4 .   ? 2.459   3.081   -3.738  1.00 12.13 ?  1125 HOH A O   1 
HETATM 1347 O O   . HOH E 4 .   ? 5.055   -15.335 5.618   1.00 29.78 ?  1126 HOH A O   1 
HETATM 1348 O O   . HOH E 4 .   ? -17.411 21.076  2.859   1.00 29.68 ?  1127 HOH A O   1 
HETATM 1349 O O   . HOH E 4 .   ? -6.799  7.893   -10.328 1.00 35.45 ?  1128 HOH A O   1 
HETATM 1350 O O   . HOH E 4 .   ? -18.517 0.784   -0.102  1.00 32.72 ?  1129 HOH A O   1 
HETATM 1351 O O   . HOH E 4 .   ? -18.956 11.034  13.276  1.00 17.09 ?  1130 HOH A O   1 
HETATM 1352 O O   . HOH E 4 .   ? -13.046 2.971   11.015  1.00 14.82 ?  1131 HOH A O   1 
HETATM 1353 O O   . HOH E 4 .   ? -7.614  -2.379  7.191   1.00 32.20 ?  1132 HOH A O   1 
HETATM 1354 O O   . HOH E 4 .   ? -13.618 0.647   -10.664 1.00 24.41 ?  1133 HOH A O   1 
HETATM 1355 O O   . HOH E 4 .   ? 2.827   -1.180  -12.971 1.00 38.66 ?  1134 HOH A O   1 
HETATM 1356 O O   . HOH E 4 .   ? 10.051  -16.896 8.355   1.00 26.72 ?  1135 HOH A O   1 
HETATM 1357 O O   . HOH E 4 .   ? -7.826  6.414   -11.683 1.00 22.29 ?  1136 HOH A O   1 
HETATM 1358 O O   . HOH E 4 .   ? 7.416   -8.172  11.893  1.00 33.09 ?  1137 HOH A O   1 
HETATM 1359 O O   . HOH E 4 .   ? -0.475  -10.477 4.404   1.00 30.59 ?  1138 HOH A O   1 
HETATM 1360 O O   . HOH E 4 .   ? -4.353  -6.315  -10.395 1.00 33.12 ?  1139 HOH A O   1 
HETATM 1361 O O   . HOH E 4 .   ? 16.323  -20.308 -3.768  1.00 32.66 ?  1140 HOH A O   1 
HETATM 1362 O O   . HOH E 4 .   ? 11.060  -20.229 0.883   1.00 26.90 ?  1141 HOH A O   1 
HETATM 1363 O O   . HOH E 4 .   ? -20.148 14.884  10.590  1.00 32.27 ?  1142 HOH A O   1 
HETATM 1364 O O   . HOH E 4 .   ? 6.234   -5.308  11.071  1.00 26.45 ?  1143 HOH A O   1 
HETATM 1365 O O   . HOH E 4 .   ? -19.529 13.727  0.450   1.00 19.53 ?  1144 HOH A O   1 
HETATM 1366 O O   . HOH E 4 .   ? -15.921 -3.765  -8.876  1.00 35.55 ?  1145 HOH A O   1 
HETATM 1367 O O   . HOH E 4 .   ? -7.640  -3.303  4.830   1.00 27.05 ?  1146 HOH A O   1 
HETATM 1368 O O   . HOH E 4 .   ? 4.005   11.361  -5.472  1.00 19.37 ?  1147 HOH A O   1 
HETATM 1369 O O   . HOH E 4 .   ? -13.781 -1.311  2.104   1.00 26.52 ?  1148 HOH A O   1 
HETATM 1370 O O   . HOH E 4 .   ? -9.539  2.090   -10.904 1.00 27.06 ?  1149 HOH A O   1 
HETATM 1371 O O   . HOH E 4 .   ? -17.993 14.610  -5.566  1.00 20.19 ?  1150 HOH A O   1 
HETATM 1372 O O   . HOH E 4 .   ? 15.165  -14.365 -8.777  1.00 19.36 ?  1151 HOH A O   1 
HETATM 1373 O O   . HOH E 4 .   ? 3.232   -15.160 7.427   1.00 31.71 ?  1152 HOH A O   1 
HETATM 1374 O O   . HOH E 4 .   ? -12.898 -2.528  -11.779 1.00 32.12 ?  1153 HOH A O   1 
HETATM 1375 O O   . HOH E 4 .   ? 10.900  -11.166 -13.451 1.00 30.72 ?  1154 HOH A O   1 
HETATM 1376 O O   . HOH E 4 .   ? 0.508   14.427  -5.614  1.00 38.20 ?  1155 HOH A O   1 
HETATM 1377 O O   . HOH E 4 .   ? -2.289  -6.143  -0.456  1.00 11.91 ?  1156 HOH A O   1 
HETATM 1378 O O   . HOH E 4 .   ? 13.512  -15.542 -6.733  1.00 21.01 ?  1157 HOH A O   1 
HETATM 1379 O O   . HOH E 4 .   ? -6.192  9.521   -2.185  1.00 12.11 ?  1158 HOH A O   1 
HETATM 1380 O O   . HOH E 4 .   ? 5.003   4.308   8.874   1.00 21.85 ?  1159 HOH A O   1 
HETATM 1381 O O   . HOH E 4 .   ? -14.491 13.389  1.219   1.00 13.26 ?  1160 HOH A O   1 
HETATM 1382 O O   . HOH E 4 .   ? 13.330  4.098   10.464  1.00 35.48 ?  1161 HOH A O   1 
HETATM 1383 O O   . HOH E 4 .   ? 12.041  -1.868  7.666   1.00 16.89 ?  1162 HOH A O   1 
HETATM 1384 O O   . HOH E 4 .   ? -0.995  1.228   -11.079 1.00 21.26 ?  1163 HOH A O   1 
HETATM 1385 O O   . HOH E 4 .   ? 19.646  -12.726 -10.644 1.00 20.14 ?  1164 HOH A O   1 
HETATM 1386 O O   . HOH E 4 .   ? 19.995  -12.437 -4.486  1.00 12.18 ?  1165 HOH A O   1 
HETATM 1387 O O   . HOH E 4 .   ? -8.651  19.423  6.142   1.00 18.98 ?  1166 HOH A O   1 
HETATM 1388 O O   . HOH E 4 .   ? -15.560 4.462   8.873   1.00 11.69 ?  1167 HOH A O   1 
HETATM 1389 O O   . HOH E 4 .   ? -3.632  -14.236 -5.722  1.00 17.04 ?  1168 HOH A O   1 
HETATM 1390 O O   . HOH E 4 .   ? -10.159 8.785   13.596  1.00 17.99 ?  1169 HOH A O   1 
HETATM 1391 O O   . HOH E 4 .   ? -8.646  5.636   14.575  1.00 27.04 ?  1170 HOH A O   1 
HETATM 1392 O O   . HOH E 4 .   ? -10.343 -9.269  -7.477  1.00 36.95 ?  1171 HOH A O   1 
HETATM 1393 O O   . HOH E 4 .   ? -16.989 16.256  13.231  1.00 20.77 ?  1172 HOH A O   1 
HETATM 1394 O O   . HOH E 4 .   ? 5.210   -8.342  10.487  1.00 25.66 ?  1173 HOH A O   1 
HETATM 1395 O O   . HOH E 4 .   ? 6.444   12.771  1.191   1.00 24.07 ?  1174 HOH A O   1 
HETATM 1396 O O   . HOH E 4 .   ? 11.927  -15.295 4.795   1.00 18.29 ?  1175 HOH A O   1 
HETATM 1397 O O   . HOH E 4 .   ? -4.541  1.584   -7.904  1.00 14.06 ?  1176 HOH A O   1 
HETATM 1398 O O   . HOH E 4 .   ? -13.797 5.623   11.927  1.00 16.42 ?  1177 HOH A O   1 
HETATM 1399 O O   . HOH E 4 .   ? -23.588 11.846  0.626   1.00 36.31 ?  1178 HOH A O   1 
HETATM 1400 O O   . HOH E 4 .   ? -10.292 16.950  12.907  1.00 21.55 ?  1179 HOH A O   1 
HETATM 1401 O O   . HOH E 4 .   ? 9.753   -8.972  -10.325 1.00 18.54 ?  1180 HOH A O   1 
HETATM 1402 O O   . HOH E 4 .   ? -6.245  -17.525 -0.864  1.00 33.10 ?  1181 HOH A O   1 
HETATM 1403 O O   . HOH E 4 .   ? 13.007  -3.561  9.572   1.00 22.28 ?  1182 HOH A O   1 
HETATM 1404 O O   . HOH E 4 .   ? 7.946   -4.967  -4.560  1.00 10.50 ?  1183 HOH A O   1 
HETATM 1405 O O   . HOH E 4 .   ? 11.752  -3.202  -11.596 1.00 39.33 ?  1184 HOH A O   1 
HETATM 1406 O O   . HOH E 4 .   ? 1.804   3.225   12.050  1.00 18.77 ?  1185 HOH A O   1 
HETATM 1407 O O   . HOH E 4 .   ? 20.285  -1.501  3.921   1.00 33.42 ?  1186 HOH A O   1 
HETATM 1408 O O   . HOH E 4 .   ? 16.775  -20.479 -10.062 1.00 31.01 ?  1187 HOH A O   1 
HETATM 1409 O O   . HOH E 4 .   ? 11.903  1.793   -7.702  1.00 22.41 ?  1188 HOH A O   1 
HETATM 1410 O O   . HOH E 4 .   ? 10.602  13.266  -3.872  1.00 35.81 ?  1189 HOH A O   1 
HETATM 1411 O O   . HOH E 4 .   ? 0.781   -13.112 10.042  1.00 43.87 ?  1190 HOH A O   1 
HETATM 1412 O O   . HOH E 4 .   ? 12.039  16.430  2.347   1.00 32.33 ?  1191 HOH A O   1 
HETATM 1413 O O   . HOH E 4 .   ? -9.071  0.606   11.121  1.00 13.62 ?  1192 HOH A O   1 
HETATM 1414 O O   . HOH E 4 .   ? -13.762 7.372   10.022  1.00 9.63  ?  1193 HOH A O   1 
HETATM 1415 O O   . HOH E 4 .   ? -8.013  24.774  7.838   1.00 32.65 ?  1194 HOH A O   1 
HETATM 1416 O O   . HOH E 4 .   ? 8.669   1.401   10.025  1.00 30.29 ?  1195 HOH A O   1 
HETATM 1417 O O   . HOH E 4 .   ? -20.416 7.771   13.261  1.00 18.33 ?  1196 HOH A O   1 
HETATM 1418 O O   . HOH E 4 .   ? 12.049  0.585   9.295   1.00 18.50 ?  1197 HOH A O   1 
HETATM 1419 O O   . HOH E 4 .   ? -17.549 3.096   5.816   1.00 20.37 ?  1198 HOH A O   1 
HETATM 1420 O O   . HOH E 4 .   ? -2.306  -8.296  -9.454  1.00 31.87 ?  1199 HOH A O   1 
HETATM 1421 O O   . HOH E 4 .   ? 6.122   -3.361  -5.924  1.00 14.21 ?  1200 HOH A O   1 
HETATM 1422 O O   . HOH E 4 .   ? 3.176   15.934  -3.517  1.00 30.95 ?  1201 HOH A O   1 
HETATM 1423 O O   . HOH E 4 .   ? -19.646 3.301   -11.026 1.00 15.73 ?  1202 HOH A O   1 
HETATM 1424 O O   . HOH E 4 .   ? 18.338  -7.224  9.304   1.00 14.69 ?  1203 HOH A O   1 
HETATM 1425 O O   . HOH E 4 .   ? 5.762   -16.342 1.441   1.00 24.15 ?  1204 HOH A O   1 
HETATM 1426 O O   . HOH E 4 .   ? 19.644  0.348   -0.471  1.00 21.83 ?  1205 HOH A O   1 
HETATM 1427 O O   . HOH E 4 .   ? -12.541 7.510   -7.144  1.00 11.32 ?  1206 HOH A O   1 
HETATM 1428 O O   . HOH E 4 .   ? 18.875  -22.000 -9.541  1.00 34.83 ?  1207 HOH A O   1 
HETATM 1429 O O   . HOH E 4 .   ? 0.561   -4.307  -11.300 1.00 24.33 ?  1208 HOH A O   1 
HETATM 1430 O O   . HOH E 4 .   ? -5.514  0.419   -13.319 1.00 36.53 ?  1209 HOH A O   1 
HETATM 1431 O O   . HOH E 4 .   ? -7.320  -9.401  -10.235 1.00 32.95 ?  1210 HOH A O   1 
HETATM 1432 O O   . HOH E 4 .   ? 5.221   6.583   -10.702 1.00 41.19 ?  1211 HOH A O   1 
HETATM 1433 O O   . HOH E 4 .   ? 16.579  -15.450 -4.279  1.00 25.20 ?  1212 HOH A O   1 
HETATM 1434 O O   . HOH E 4 .   ? -7.302  -0.662  -10.216 1.00 20.73 ?  1213 HOH A O   1 
HETATM 1435 O O   . HOH E 4 .   ? 2.453   -17.368 -2.789  1.00 33.20 ?  1214 HOH A O   1 
HETATM 1436 O O   . HOH E 4 .   ? 18.828  5.705   -3.456  1.00 31.61 ?  1215 HOH A O   1 
HETATM 1437 O O   . HOH E 4 .   ? 8.467   2.758   -8.881  1.00 17.87 ?  1216 HOH A O   1 
HETATM 1438 O O   . HOH E 4 .   ? -3.978  18.452  5.140   1.00 18.10 ?  1217 HOH A O   1 
HETATM 1439 O O   . HOH E 4 .   ? -15.550 13.246  -8.392  1.00 25.10 ?  1218 HOH A O   1 
HETATM 1440 O O   . HOH E 4 .   ? 10.307  -13.974 -9.372  1.00 21.47 ?  1219 HOH A O   1 
HETATM 1441 O O   . HOH E 4 .   ? -24.616 2.891   -4.967  1.00 29.28 ?  1220 HOH A O   1 
HETATM 1442 O O   . HOH E 4 .   ? 4.627   6.647   10.828  1.00 29.52 ?  1221 HOH A O   1 
HETATM 1443 O O   . HOH E 4 .   ? 22.264  -9.317  4.343   1.00 20.30 ?  1222 HOH A O   1 
HETATM 1444 O O   . HOH E 4 .   ? 9.735   4.946   -7.563  1.00 27.33 ?  1223 HOH A O   1 
HETATM 1445 O O   . HOH E 4 .   ? -23.276 6.596   -2.701  1.00 33.66 ?  1224 HOH A O   1 
HETATM 1446 O O   . HOH E 4 .   ? 5.809   -13.911 -8.805  1.00 24.82 ?  1225 HOH A O   1 
HETATM 1447 O O   . HOH E 4 .   ? -7.905  -15.167 -5.859  1.00 23.01 ?  1226 HOH A O   1 
HETATM 1448 O O   . HOH E 4 .   ? -17.369 0.207   1.916   1.00 30.97 ?  1227 HOH A O   1 
HETATM 1449 O O   . HOH E 4 .   ? -8.670  10.788  -3.162  1.00 18.03 ?  1228 HOH A O   1 
HETATM 1450 O O   . HOH E 4 .   ? 6.963   -2.495  12.359  1.00 31.02 ?  1229 HOH A O   1 
HETATM 1451 O O   . HOH E 4 .   ? 15.992  -5.790  9.726   1.00 13.37 ?  1230 HOH A O   1 
HETATM 1452 O O   . HOH E 4 .   ? -21.173 11.676  4.552   1.00 26.23 ?  1231 HOH A O   1 
HETATM 1453 O O   . HOH E 4 .   ? -2.531  11.299  -8.102  1.00 31.79 ?  1232 HOH A O   1 
HETATM 1454 O O   . HOH E 4 .   ? -7.426  -1.111  9.536   1.00 18.91 ?  1233 HOH A O   1 
HETATM 1455 O O   . HOH E 4 .   ? 0.086   12.111  -7.022  1.00 22.15 ?  1234 HOH A O   1 
HETATM 1456 O O   . HOH E 4 .   ? 6.665   -19.495 -4.142  1.00 28.82 ?  1235 HOH A O   1 
HETATM 1457 O O   . HOH E 4 .   ? -23.156 9.856   3.503   1.00 35.71 ?  1236 HOH A O   1 
HETATM 1458 O O   . HOH E 4 .   ? 10.761  -26.315 -1.295  1.00 36.66 ?  1237 HOH A O   1 
HETATM 1459 O O   . HOH E 4 .   ? 1.239   -13.732 -10.082 1.00 30.38 ?  1238 HOH A O   1 
HETATM 1460 O O   . HOH E 4 .   ? 17.262  -0.394  -12.904 1.00 27.28 ?  1239 HOH A O   1 
HETATM 1461 O O   . HOH E 4 .   ? -4.992  4.133   -10.488 1.00 19.11 ?  1240 HOH A O   1 
HETATM 1462 O O   . HOH E 4 .   ? 20.524  -11.490 -13.869 1.00 36.69 ?  1241 HOH A O   1 
HETATM 1463 O O   . HOH E 4 .   ? 9.760   -6.546  -12.244 1.00 28.62 ?  1242 HOH A O   1 
HETATM 1464 O O   . HOH E 4 .   ? 24.705  -14.304 6.657   1.00 30.79 ?  1243 HOH A O   1 
HETATM 1465 O O   . HOH E 4 .   ? 4.031   -16.697 -0.960  1.00 32.49 ?  1244 HOH A O   1 
HETATM 1466 O O   . HOH E 4 .   ? 6.637   -17.947 -7.062  1.00 36.99 ?  1245 HOH A O   1 
HETATM 1467 O O   . HOH E 4 .   ? -19.319 14.440  12.926  1.00 30.98 ?  1246 HOH A O   1 
HETATM 1468 O O   . HOH E 4 .   ? -4.269  -0.366  13.897  1.00 18.68 ?  1247 HOH A O   1 
HETATM 1469 O O   . HOH E 4 .   ? 2.895   -0.764  13.223  1.00 31.21 ?  1248 HOH A O   1 
HETATM 1470 O O   . HOH E 4 .   ? -9.282  20.743  9.363   1.00 36.27 ?  1249 HOH A O   1 
HETATM 1471 O O   . HOH E 4 .   ? 16.578  -6.219  -6.724  1.00 27.71 ?  1250 HOH A O   1 
HETATM 1472 O O   . HOH E 4 .   ? 16.864  -22.782 -3.098  1.00 37.37 ?  1251 HOH A O   1 
HETATM 1473 O O   . HOH E 4 .   ? 2.485   5.924   11.666  1.00 24.51 ?  1252 HOH A O   1 
HETATM 1474 O O   . HOH E 4 .   ? -22.911 7.944   -0.430  1.00 33.67 ?  1253 HOH A O   1 
HETATM 1475 O O   . HOH E 4 .   ? 0.243   -12.449 -11.423 1.00 37.94 ?  1254 HOH A O   1 
HETATM 1476 O O   . HOH E 4 .   ? -11.701 -3.222  3.667   1.00 30.38 ?  1255 HOH A O   1 
HETATM 1477 O O   . HOH E 4 .   ? 19.502  -7.234  -5.015  1.00 21.67 ?  1256 HOH A O   1 
HETATM 1478 O O   . HOH E 4 .   ? 12.556  13.650  -1.491  1.00 29.42 ?  1257 HOH A O   1 
HETATM 1479 O O   . HOH E 4 .   ? -9.094  -3.930  -2.723  1.00 20.50 ?  1258 HOH A O   1 
HETATM 1480 O O   . HOH E 4 .   ? 10.012  -0.016  10.988  1.00 28.55 ?  1259 HOH A O   1 
HETATM 1481 O O   . HOH E 4 .   ? -13.324 0.261   8.574   1.00 32.56 ?  1260 HOH A O   1 
HETATM 1482 O O   . HOH E 4 .   ? -6.877  -7.512  8.255   1.00 38.86 ?  1261 HOH A O   1 
HETATM 1483 O O   . HOH E 4 .   ? 24.486  -3.201  3.709   1.00 36.04 ?  1262 HOH A O   1 
HETATM 1484 O O   . HOH E 4 .   ? 0.694   -12.851 4.132   1.00 40.10 ?  1263 HOH A O   1 
HETATM 1485 O O   . HOH E 4 .   ? 18.409  4.018   -5.559  1.00 23.88 ?  1264 HOH A O   1 
HETATM 1486 O O   . HOH E 4 .   ? 4.090   -16.737 9.511   1.00 45.13 ?  1265 HOH A O   1 
HETATM 1487 O O   . HOH E 4 .   ? 11.011  7.162   -8.276  1.00 34.90 ?  1266 HOH A O   1 
HETATM 1488 O O   . HOH E 4 .   ? -13.580 16.037  16.033  1.00 26.93 ?  1267 HOH A O   1 
HETATM 1489 O O   . HOH E 4 .   ? 15.552  -2.336  -11.540 1.00 34.67 ?  1268 HOH A O   1 
HETATM 1490 O O   . HOH E 4 .   ? 15.566  -17.323 -5.827  1.00 23.46 ?  1269 HOH A O   1 
HETATM 1491 O O   . HOH E 4 .   ? -8.195  -2.770  -10.610 1.00 39.71 ?  1270 HOH A O   1 
HETATM 1492 O O   . HOH E 4 .   ? -2.717  2.605   -9.792  1.00 18.84 ?  1271 HOH A O   1 
HETATM 1493 O O   . HOH E 4 .   ? 4.242   -19.768 -6.149  1.00 40.00 ?  1272 HOH A O   1 
HETATM 1494 O O   . HOH E 4 .   ? -14.093 -1.045  6.793   1.00 33.60 ?  1273 HOH A O   1 
HETATM 1495 O O   . HOH E 4 .   ? 7.414   -11.005 -11.352 1.00 32.96 ?  1274 HOH A O   1 
HETATM 1496 O O   . HOH E 4 .   ? 24.981  -5.686  5.175   1.00 37.49 ?  1275 HOH A O   1 
HETATM 1497 O O   . HOH E 4 .   ? 6.319   14.035  3.556   1.00 35.64 ?  1276 HOH A O   1 
HETATM 1498 O O   . HOH E 4 .   ? -10.660 19.893  10.984  1.00 29.78 ?  1277 HOH A O   1 
HETATM 1499 O O   . HOH E 4 .   ? -17.863 17.688  11.220  1.00 25.72 ?  1278 HOH A O   1 
HETATM 1500 O O   . HOH E 4 .   ? -4.596  20.209  2.920   1.00 26.21 ?  1279 HOH A O   1 
HETATM 1501 O O   . HOH E 4 .   ? 16.873  -18.717 -7.808  1.00 29.19 ?  1280 HOH A O   1 
HETATM 1502 O O   . HOH E 4 .   ? 4.442   -14.221 3.085   1.00 29.11 ?  1281 HOH A O   1 
HETATM 1503 O O   . HOH E 4 .   ? 22.815  -1.988  0.239   1.00 27.17 ?  1282 HOH A O   1 
HETATM 1504 O O   . HOH E 4 .   ? 12.771  -22.196 -14.221 1.00 39.19 ?  1283 HOH A O   1 
HETATM 1505 O O   . HOH E 4 .   ? -17.118 16.819  -7.623  1.00 27.82 ?  1284 HOH A O   1 
HETATM 1506 O O   . HOH E 4 .   ? -13.012 13.679  17.881  1.00 17.55 ?  1285 HOH A O   1 
HETATM 1507 O O   . HOH E 4 .   ? -1.921  -6.936  -12.059 1.00 41.79 ?  1286 HOH A O   1 
HETATM 1508 O O   . HOH E 4 .   ? -7.951  21.355  4.197   1.00 30.82 ?  1287 HOH A O   1 
HETATM 1509 O O   . HOH E 4 .   ? 1.994   1.293   14.302  1.00 38.50 ?  1288 HOH A O   1 
HETATM 1510 O O   . HOH E 4 .   ? 21.244  0.861   -2.494  1.00 21.59 ?  1289 HOH A O   1 
HETATM 1511 O O   . HOH E 4 .   ? 19.813  -5.095  8.335   1.00 23.84 ?  1290 HOH A O   1 
HETATM 1512 O O   . HOH E 4 .   ? 5.428   -17.388 -3.262  1.00 34.23 ?  1291 HOH A O   1 
HETATM 1513 O O   . HOH E 4 .   ? -7.656  19.396  0.230   1.00 32.94 ?  1292 HOH A O   1 
HETATM 1514 O O   . HOH E 4 .   ? 21.812  3.866   -2.281  1.00 38.57 ?  1293 HOH A O   1 
HETATM 1515 O O   . HOH E 4 .   ? 9.710   -18.933 3.441   1.00 36.47 ?  1294 HOH A O   1 
HETATM 1516 O O   . HOH E 4 .   ? 16.702  -19.834 -12.353 1.00 41.54 ?  1295 HOH A O   1 
HETATM 1517 O O   . HOH E 4 .   ? 8.181   -13.247 -10.208 1.00 32.25 ?  1296 HOH A O   1 
HETATM 1518 O O   . HOH E 4 .   ? 6.029   15.442  -3.447  1.00 40.75 ?  1297 HOH A O   1 
HETATM 1519 O O   . HOH E 4 .   ? -18.670 22.766  3.989   1.00 41.68 ?  1298 HOH A O   1 
HETATM 1520 O O   . HOH E 4 .   ? -16.692 1.858   8.420   1.00 30.54 ?  1299 HOH A O   1 
HETATM 1521 O O   . HOH E 4 .   ? 6.976   14.367  -1.498  1.00 34.53 ?  1300 HOH A O   1 
HETATM 1522 O O   . HOH E 4 .   ? 6.139   17.952  2.310   1.00 35.96 ?  1301 HOH A O   1 
HETATM 1523 O O   . HOH E 4 .   ? 2.658   13.794  -5.092  1.00 40.14 ?  1302 HOH A O   1 
HETATM 1524 O O   . HOH E 4 .   ? 13.029  -1.276  9.945   1.00 31.31 ?  1303 HOH A O   1 
HETATM 1525 O O   . HOH E 4 .   ? -16.279 -6.663  -9.960  1.00 43.49 ?  1304 HOH A O   1 
HETATM 1526 O O   . HOH E 4 .   ? -17.950 16.075  -3.348  1.00 32.88 ?  1305 HOH A O   1 
HETATM 1527 O O   . HOH E 4 .   ? 0.244   0.123   13.744  1.00 33.81 ?  1306 HOH A O   1 
HETATM 1528 O O   . HOH E 4 .   ? 15.998  7.304   -6.027  1.00 29.42 ?  1307 HOH A O   1 
HETATM 1529 O O   . HOH E 4 .   ? 20.872  -1.033  6.545   1.00 41.21 ?  1308 HOH A O   1 
HETATM 1530 O O   . HOH E 4 .   ? 7.811   -18.906 4.949   1.00 38.07 ?  1309 HOH A O   1 
HETATM 1531 O O   . HOH E 4 .   ? -24.809 8.891   0.766   1.00 48.94 ?  1310 HOH A O   1 
HETATM 1532 O O   . HOH E 4 .   ? -9.342  -3.922  6.865   1.00 28.77 ?  1311 HOH A O   1 
HETATM 1533 O O   . HOH E 4 .   ? -9.016  -1.137  -12.266 1.00 35.94 ?  1312 HOH A O   1 
HETATM 1534 O O   . HOH E 4 .   ? -13.005 16.749  -10.462 1.00 37.26 ?  1313 HOH A O   1 
HETATM 1535 O O   . HOH E 4 .   ? 17.033  -17.710 -2.887  1.00 29.91 ?  1314 HOH A O   1 
HETATM 1536 O O   . HOH E 4 .   ? -11.752 17.524  15.089  1.00 30.74 ?  1315 HOH A O   1 
HETATM 1537 O O   . HOH E 4 .   ? -20.724 14.457  -2.080  1.00 36.57 ?  1316 HOH A O   1 
HETATM 1538 O O   . HOH E 4 .   ? 26.541  -9.657  3.791   1.00 32.22 ?  1317 HOH A O   1 
HETATM 1539 O O   . HOH E 4 .   ? 17.034  10.033  -3.223  1.00 43.75 ?  1318 HOH A O   1 
HETATM 1540 O O   . HOH E 4 .   ? 21.243  -0.127  1.515   1.00 29.10 ?  1319 HOH A O   1 
HETATM 1541 O O   . HOH E 4 .   ? -7.729  17.102  12.848  1.00 37.27 ?  1320 HOH A O   1 
HETATM 1542 O O   . HOH E 4 .   ? 20.244  -22.688 -11.689 1.00 33.07 ?  1321 HOH A O   1 
HETATM 1543 O O   . HOH E 4 .   ? 14.548  -20.407 -14.381 1.00 39.42 ?  1322 HOH A O   1 
HETATM 1544 O O   . HOH E 4 .   ? 7.864   -10.869 -13.785 1.00 42.37 ?  1323 HOH A O   1 
HETATM 1545 O O   . HOH E 4 .   ? -6.645  21.050  2.270   1.00 35.14 ?  1324 HOH A O   1 
HETATM 1546 O O   . HOH F 4 .   ? -0.911  -11.386 -0.839  1.00 18.88 ?  1101 HOH B O   1 
HETATM 1547 O O   . HOH F 4 .   ? -4.484  -3.791  12.265  1.00 27.55 ?  1102 HOH B O   1 
HETATM 1548 O O   . HOH F 4 .   ? -1.317  -9.662  11.272  1.00 38.58 ?  1103 HOH B O   1 
HETATM 1549 O O   . HOH F 4 .   ? -1.858  -0.245  12.281  1.00 18.01 ?  1104 HOH B O   1 
HETATM 1550 O O   . HOH F 4 .   ? 2.063   -2.790  11.757  1.00 31.63 ?  1105 HOH B O   1 
HETATM 1551 O O   . HOH F 4 .   ? -9.019  -3.570  -0.044  1.00 23.13 ?  1106 HOH B O   1 
HETATM 1552 O O   . HOH F 4 .   ? -16.635 -12.250 -2.946  1.00 20.91 ?  1107 HOH B O   1 
HETATM 1553 O O   . HOH F 4 .   ? -5.372  -9.309  3.564   1.00 30.76 ?  1108 HOH B O   1 
HETATM 1554 O O   . HOH F 4 .   ? -3.321  -12.261 1.661   1.00 28.58 ?  1109 HOH B O   1 
HETATM 1555 O O   . HOH F 4 .   ? -7.510  -10.141 2.590   1.00 42.26 ?  1110 HOH B O   1 
HETATM 1556 O O   . HOH F 4 .   ? -14.661 -11.513 -1.400  1.00 28.25 ?  1111 HOH B O   1 
HETATM 1557 O O   . HOH F 4 .   ? -14.775 -8.881  2.876   1.00 38.61 ?  1112 HOH B O   1 
HETATM 1558 O O   . HOH F 4 .   ? -7.921  -10.845 0.462   1.00 37.64 ?  1113 HOH B O   1 
HETATM 1559 O O   . HOH F 4 .   ? 3.971   -10.715 10.613  1.00 37.98 ?  1114 HOH B O   1 
HETATM 1560 O O   . HOH F 4 .   ? -10.072 -6.401  -2.047  1.00 24.85 ?  1115 HOH B O   1 
HETATM 1561 O O   . HOH F 4 .   ? -3.545  -8.643  6.343   1.00 28.46 ?  1116 HOH B O   1 
HETATM 1562 O O   . HOH F 4 .   ? -0.004  -2.893  14.863  1.00 41.77 ?  1117 HOH B O   1 
HETATM 1563 O O   . HOH F 4 .   ? -21.027 -11.495 -2.988  1.00 40.70 ?  1118 HOH B O   1 
HETATM 1564 O O   . HOH F 4 .   ? -18.911 -12.998 -1.721  1.00 30.65 ?  1119 HOH B O   1 
HETATM 1565 O O   . HOH F 4 .   ? -15.253 -11.742 1.129   1.00 36.15 ?  1120 HOH B O   1 
HETATM 1566 O O   . HOH F 4 .   ? -17.930 -12.635 1.039   1.00 30.25 ?  1121 HOH B O   1 
# 
loop_
_pdbx_poly_seq_scheme.asym_id 
_pdbx_poly_seq_scheme.entity_id 
_pdbx_poly_seq_scheme.seq_id 
_pdbx_poly_seq_scheme.mon_id 
_pdbx_poly_seq_scheme.ndb_seq_num 
_pdbx_poly_seq_scheme.pdb_seq_num 
_pdbx_poly_seq_scheme.auth_seq_num 
_pdbx_poly_seq_scheme.pdb_mon_id 
_pdbx_poly_seq_scheme.auth_mon_id 
_pdbx_poly_seq_scheme.pdb_strand_id 
_pdbx_poly_seq_scheme.pdb_ins_code 
_pdbx_poly_seq_scheme.hetero 
A 1 1   GLY 1   795  795  GLY GLY A . n 
A 1 2   PRO 2   796  796  PRO PRO A . n 
A 1 3   GLY 3   797  797  GLY GLY A . n 
A 1 4   SER 4   798  798  SER SER A . n 
A 1 5   ASP 5   799  799  ASP ASP A . n 
A 1 6   LEU 6   800  800  LEU LEU A . n 
A 1 7   LEU 7   801  801  LEU LEU A . n 
A 1 8   ARG 8   802  802  ARG ARG A . n 
A 1 9   GLY 9   803  803  GLY GLY A . n 
A 1 10  ASP 10  804  804  ASP ASP A . n 
A 1 11  ALA 11  805  805  ALA ALA A . n 
A 1 12  ALA 12  806  806  ALA ALA A . n 
A 1 13  LEU 13  807  807  LEU LEU A . n 
A 1 14  LEU 14  808  808  LEU LEU A . n 
A 1 15  ASP 15  809  809  ASP ASP A . n 
A 1 16  ALA 16  810  810  ALA ALA A . n 
A 1 17  ALA 17  811  811  ALA ALA A . n 
A 1 18  LYS 18  812  812  LYS LYS A . n 
A 1 19  LYS 19  813  813  LYS LYS A . n 
A 1 20  GLY 20  814  814  GLY GLY A . n 
A 1 21  CYS 21  815  815  CYS CYS A . n 
A 1 22  LEU 22  816  816  LEU LEU A . n 
A 1 23  ALA 23  817  817  ALA ALA A . n 
A 1 24  ARG 24  818  818  ARG ARG A . n 
A 1 25  VAL 25  819  819  VAL VAL A . n 
A 1 26  GLN 26  820  820  GLN GLN A . n 
A 1 27  LYS 27  821  821  LYS LYS A . n 
A 1 28  LEU 28  822  822  LEU LEU A . n 
A 1 29  CYS 29  823  823  CYS CYS A . n 
A 1 30  THR 30  824  824  THR THR A . n 
A 1 31  PRO 31  825  825  PRO PRO A . n 
A 1 32  GLU 32  826  826  GLU GLU A . n 
A 1 33  ASN 33  827  827  ASN ASN A . n 
A 1 34  ILE 34  828  828  ILE ILE A . n 
A 1 35  ASN 35  829  829  ASN ASN A . n 
A 1 36  CYS 36  830  830  CYS CYS A . n 
A 1 37  ARG 37  831  831  ARG ARG A . n 
A 1 38  ASP 38  832  832  ASP ASP A . n 
A 1 39  THR 39  833  833  THR THR A . n 
A 1 40  GLN 40  834  834  GLN GLN A . n 
A 1 41  GLY 41  835  835  GLY GLY A . n 
A 1 42  ARG 42  836  836  ARG ARG A . n 
A 1 43  ASN 43  837  837  ASN ASN A . n 
A 1 44  SER 44  838  838  SER SER A . n 
A 1 45  THR 45  839  839  THR THR A . n 
A 1 46  PRO 46  840  840  PRO PRO A . n 
A 1 47  LEU 47  841  841  LEU LEU A . n 
A 1 48  HIS 48  842  842  HIS HIS A . n 
A 1 49  LEU 49  843  843  LEU LEU A . n 
A 1 50  ALA 50  844  844  ALA ALA A . n 
A 1 51  ALA 51  845  845  ALA ALA A . n 
A 1 52  GLY 52  846  846  GLY GLY A . n 
A 1 53  TYR 53  847  847  TYR TYR A . n 
A 1 54  ASN 54  848  848  ASN ASN A . n 
A 1 55  ASN 55  849  849  ASN ASN A . n 
A 1 56  LEU 56  850  850  LEU LEU A . n 
A 1 57  GLU 57  851  851  GLU GLU A . n 
A 1 58  VAL 58  852  852  VAL VAL A . n 
A 1 59  ALA 59  853  853  ALA ALA A . n 
A 1 60  GLU 60  854  854  GLU GLU A . n 
A 1 61  TYR 61  855  855  TYR TYR A . n 
A 1 62  LEU 62  856  856  LEU LEU A . n 
A 1 63  LEU 63  857  857  LEU LEU A . n 
A 1 64  GLU 64  858  858  GLU GLU A . n 
A 1 65  HIS 65  859  859  HIS HIS A . n 
A 1 66  GLY 66  860  860  GLY GLY A . n 
A 1 67  ALA 67  861  861  ALA ALA A . n 
A 1 68  ASP 68  862  862  ASP ASP A . n 
A 1 69  VAL 69  863  863  VAL VAL A . n 
A 1 70  ASN 70  864  864  ASN ASN A . n 
A 1 71  ALA 71  865  865  ALA ALA A . n 
A 1 72  GLN 72  866  866  GLN GLN A . n 
A 1 73  ASP 73  867  867  ASP ASP A . n 
A 1 74  LYS 74  868  868  LYS LYS A . n 
A 1 75  GLY 75  869  869  GLY GLY A . n 
A 1 76  GLY 76  870  870  GLY GLY A . n 
A 1 77  LEU 77  871  871  LEU LEU A . n 
A 1 78  ILE 78  872  872  ILE ILE A . n 
A 1 79  PRO 79  873  873  PRO PRO A . n 
A 1 80  LEU 80  874  874  LEU LEU A . n 
A 1 81  HIS 81  875  875  HIS HIS A . n 
A 1 82  ASN 82  876  876  ASN ASN A . n 
A 1 83  ALA 83  877  877  ALA ALA A . n 
A 1 84  ALA 84  878  878  ALA ALA A . n 
A 1 85  SER 85  879  879  SER SER A . n 
A 1 86  TYR 86  880  880  TYR TYR A . n 
A 1 87  GLY 87  881  881  GLY GLY A . n 
A 1 88  HIS 88  882  882  HIS HIS A . n 
A 1 89  VAL 89  883  883  VAL VAL A . n 
A 1 90  ASP 90  884  884  ASP ASP A . n 
A 1 91  ILE 91  885  885  ILE ILE A . n 
A 1 92  ALA 92  886  886  ALA ALA A . n 
A 1 93  ALA 93  887  887  ALA ALA A . n 
A 1 94  LEU 94  888  888  LEU LEU A . n 
A 1 95  LEU 95  889  889  LEU LEU A . n 
A 1 96  ILE 96  890  890  ILE ILE A . n 
A 1 97  LYS 97  891  891  LYS LYS A . n 
A 1 98  TYR 98  892  892  TYR TYR A . n 
A 1 99  ASN 99  893  893  ASN ASN A . n 
A 1 100 THR 100 894  894  THR THR A . n 
A 1 101 CYS 101 895  895  CYS CYS A . n 
A 1 102 VAL 102 896  896  VAL VAL A . n 
A 1 103 ASN 103 897  897  ASN ASN A . n 
A 1 104 ALA 104 898  898  ALA ALA A . n 
A 1 105 THR 105 899  899  THR THR A . n 
A 1 106 ASP 106 900  900  ASP ASP A . n 
A 1 107 LYS 107 901  901  LYS LYS A . n 
A 1 108 TRP 108 902  902  TRP TRP A . n 
A 1 109 ALA 109 903  903  ALA ALA A . n 
A 1 110 PHE 110 904  904  PHE PHE A . n 
A 1 111 THR 111 905  905  THR THR A . n 
A 1 112 PRO 112 906  906  PRO PRO A . n 
A 1 113 LEU 113 907  907  LEU LEU A . n 
A 1 114 HIS 114 908  908  HIS HIS A . n 
A 1 115 GLU 115 909  909  GLU GLU A . n 
A 1 116 ALA 116 910  910  ALA ALA A . n 
A 1 117 ALA 117 911  911  ALA ALA A . n 
A 1 118 GLN 118 912  912  GLN GLN A . n 
A 1 119 LYS 119 913  913  LYS LYS A . n 
A 1 120 GLY 120 914  914  GLY GLY A . n 
A 1 121 ARG 121 915  915  ARG ARG A . n 
A 1 122 THR 122 916  916  THR THR A . n 
A 1 123 GLN 123 917  917  GLN GLN A . n 
A 1 124 LEU 124 918  918  LEU LEU A . n 
A 1 125 CYS 125 919  919  CYS CYS A . n 
A 1 126 ALA 126 920  920  ALA ALA A . n 
A 1 127 LEU 127 921  921  LEU LEU A . n 
A 1 128 LEU 128 922  922  LEU LEU A . n 
A 1 129 LEU 129 923  923  LEU LEU A . n 
A 1 130 ALA 130 924  924  ALA ALA A . n 
A 1 131 HIS 131 925  925  HIS HIS A . n 
A 1 132 GLY 132 926  926  GLY GLY A . n 
A 1 133 ALA 133 927  927  ALA ALA A . n 
A 1 134 ASP 134 928  928  ASP ASP A . n 
A 1 135 PRO 135 929  929  PRO PRO A . n 
A 1 136 THR 136 930  930  THR THR A . n 
A 1 137 MET 137 931  931  MET MET A . n 
A 1 138 LYS 138 932  932  LYS LYS A . n 
A 1 139 ASN 139 933  933  ASN ASN A . n 
A 1 140 GLN 140 934  934  GLN GLN A . n 
A 1 141 GLU 141 935  935  GLU GLU A . n 
A 1 142 GLY 142 936  936  GLY GLY A . n 
A 1 143 GLN 143 937  937  GLN GLN A . n 
A 1 144 THR 144 938  938  THR THR A . n 
A 1 145 PRO 145 939  939  PRO PRO A . n 
A 1 146 LEU 146 940  940  LEU LEU A . n 
A 1 147 ASP 147 941  941  ASP ASP A . n 
A 1 148 LEU 148 942  942  LEU LEU A . n 
A 1 149 ALA 149 943  943  ALA ALA A . n 
A 1 150 THR 150 944  944  THR THR A . n 
A 1 151 ALA 151 945  945  ALA ALA A . n 
A 1 152 ASP 152 946  946  ASP ASP A . n 
A 1 153 ASP 153 947  947  ASP ASP A . n 
A 1 154 ILE 154 948  948  ILE ILE A . n 
A 1 155 ARG 155 949  949  ARG ARG A . n 
A 1 156 ALA 156 950  950  ALA ALA A . n 
A 1 157 LEU 157 951  951  LEU LEU A . n 
A 1 158 LEU 158 952  952  LEU LEU A . n 
A 1 159 ILE 159 953  953  ILE ILE A . n 
A 1 160 ASP 160 954  954  ASP ASP A . n 
A 1 161 ALA 161 955  955  ALA ALA A . n 
A 1 162 MET 162 956  956  MET MET A . n 
A 1 163 PRO 163 957  957  PRO PRO A . n 
A 1 164 GLU 164 958  ?    ?   ?   A . n 
A 1 165 ASN 165 959  ?    ?   ?   A . n 
A 1 166 LEU 166 960  ?    ?   ?   A . n 
A 1 167 TYR 167 961  ?    ?   ?   A . n 
A 1 168 PHE 168 962  ?    ?   ?   A . n 
A 1 169 GLN 169 963  ?    ?   ?   A . n 
B 2 1   SER 1   1046 1046 SER SER B . n 
B 2 2   LEU 2   1047 1047 LEU LEU B . n 
B 2 3   SER 3   1048 1048 SER SER B . n 
B 2 4   ARG 4   1049 1049 ARG ARG B . n 
B 2 5   THR 5   1050 1050 THR THR B . n 
B 2 6   PRO 6   1051 1051 PRO PRO B . n 
B 2 7   ALA 7   1052 1052 ALA ALA B . n 
B 2 8   ASP 8   1053 1053 ASP ASP B . n 
B 2 9   GLY 9   1054 1054 GLY GLY B . n 
B 2 10  ARG 10  1055 1055 ARG ARG B . n 
# 
loop_
_pdbx_nonpoly_scheme.asym_id 
_pdbx_nonpoly_scheme.entity_id 
_pdbx_nonpoly_scheme.mon_id 
_pdbx_nonpoly_scheme.ndb_seq_num 
_pdbx_nonpoly_scheme.pdb_seq_num 
_pdbx_nonpoly_scheme.auth_seq_num 
_pdbx_nonpoly_scheme.pdb_mon_id 
_pdbx_nonpoly_scheme.auth_mon_id 
_pdbx_nonpoly_scheme.pdb_strand_id 
_pdbx_nonpoly_scheme.pdb_ins_code 
C 3 GOL 1   1001 2   GOL GOL A . 
D 3 GOL 1   1002 3   GOL GOL A . 
E 4 HOH 1   1101 161 HOH HOH A . 
E 4 HOH 2   1102 217 HOH HOH A . 
E 4 HOH 3   1103 211 HOH HOH A . 
E 4 HOH 4   1104 86  HOH HOH A . 
E 4 HOH 5   1105 124 HOH HOH A . 
E 4 HOH 6   1106 207 HOH HOH A . 
E 4 HOH 7   1107 188 HOH HOH A . 
E 4 HOH 8   1108 238 HOH HOH A . 
E 4 HOH 9   1109 183 HOH HOH A . 
E 4 HOH 10  1110 111 HOH HOH A . 
E 4 HOH 11  1111 139 HOH HOH A . 
E 4 HOH 12  1112 88  HOH HOH A . 
E 4 HOH 13  1113 35  HOH HOH A . 
E 4 HOH 14  1114 187 HOH HOH A . 
E 4 HOH 15  1115 212 HOH HOH A . 
E 4 HOH 16  1116 64  HOH HOH A . 
E 4 HOH 17  1117 135 HOH HOH A . 
E 4 HOH 18  1118 160 HOH HOH A . 
E 4 HOH 19  1119 159 HOH HOH A . 
E 4 HOH 20  1120 24  HOH HOH A . 
E 4 HOH 21  1121 72  HOH HOH A . 
E 4 HOH 22  1122 221 HOH HOH A . 
E 4 HOH 23  1123 28  HOH HOH A . 
E 4 HOH 24  1124 176 HOH HOH A . 
E 4 HOH 25  1125 4   HOH HOH A . 
E 4 HOH 26  1126 97  HOH HOH A . 
E 4 HOH 27  1127 105 HOH HOH A . 
E 4 HOH 28  1128 224 HOH HOH A . 
E 4 HOH 29  1129 192 HOH HOH A . 
E 4 HOH 30  1130 51  HOH HOH A . 
E 4 HOH 31  1131 12  HOH HOH A . 
E 4 HOH 32  1132 177 HOH HOH A . 
E 4 HOH 33  1133 145 HOH HOH A . 
E 4 HOH 34  1134 215 HOH HOH A . 
E 4 HOH 35  1135 94  HOH HOH A . 
E 4 HOH 36  1136 118 HOH HOH A . 
E 4 HOH 37  1137 167 HOH HOH A . 
E 4 HOH 38  1138 138 HOH HOH A . 
E 4 HOH 39  1139 156 HOH HOH A . 
E 4 HOH 40  1140 98  HOH HOH A . 
E 4 HOH 41  1141 106 HOH HOH A . 
E 4 HOH 42  1142 136 HOH HOH A . 
E 4 HOH 43  1143 84  HOH HOH A . 
E 4 HOH 44  1144 56  HOH HOH A . 
E 4 HOH 45  1145 195 HOH HOH A . 
E 4 HOH 46  1146 117 HOH HOH A . 
E 4 HOH 47  1147 68  HOH HOH A . 
E 4 HOH 48  1148 83  HOH HOH A . 
E 4 HOH 49  1149 113 HOH HOH A . 
E 4 HOH 50  1150 53  HOH HOH A . 
E 4 HOH 51  1151 58  HOH HOH A . 
E 4 HOH 52  1152 85  HOH HOH A . 
E 4 HOH 53  1153 67  HOH HOH A . 
E 4 HOH 54  1154 158 HOH HOH A . 
E 4 HOH 55  1155 191 HOH HOH A . 
E 4 HOH 56  1156 2   HOH HOH A . 
E 4 HOH 57  1157 52  HOH HOH A . 
E 4 HOH 58  1158 9   HOH HOH A . 
E 4 HOH 59  1159 47  HOH HOH A . 
E 4 HOH 60  1160 8   HOH HOH A . 
E 4 HOH 61  1161 204 HOH HOH A . 
E 4 HOH 62  1162 197 HOH HOH A . 
E 4 HOH 63  1163 38  HOH HOH A . 
E 4 HOH 64  1164 59  HOH HOH A . 
E 4 HOH 65  1165 6   HOH HOH A . 
E 4 HOH 66  1166 34  HOH HOH A . 
E 4 HOH 67  1167 7   HOH HOH A . 
E 4 HOH 68  1168 32  HOH HOH A . 
E 4 HOH 69  1169 16  HOH HOH A . 
E 4 HOH 70  1170 100 HOH HOH A . 
E 4 HOH 71  1171 152 HOH HOH A . 
E 4 HOH 72  1172 63  HOH HOH A . 
E 4 HOH 73  1173 60  HOH HOH A . 
E 4 HOH 74  1174 66  HOH HOH A . 
E 4 HOH 75  1175 17  HOH HOH A . 
E 4 HOH 76  1176 10  HOH HOH A . 
E 4 HOH 77  1177 30  HOH HOH A . 
E 4 HOH 78  1178 172 HOH HOH A . 
E 4 HOH 79  1179 57  HOH HOH A . 
E 4 HOH 80  1180 45  HOH HOH A . 
E 4 HOH 81  1181 218 HOH HOH A . 
E 4 HOH 82  1182 227 HOH HOH A . 
E 4 HOH 83  1183 1   HOH HOH A . 
E 4 HOH 84  1184 163 HOH HOH A . 
E 4 HOH 85  1185 42  HOH HOH A . 
E 4 HOH 86  1186 170 HOH HOH A . 
E 4 HOH 87  1187 114 HOH HOH A . 
E 4 HOH 88  1188 44  HOH HOH A . 
E 4 HOH 89  1189 194 HOH HOH A . 
E 4 HOH 90  1190 239 HOH HOH A . 
E 4 HOH 91  1191 122 HOH HOH A . 
E 4 HOH 92  1192 14  HOH HOH A . 
E 4 HOH 93  1193 3   HOH HOH A . 
E 4 HOH 94  1194 102 HOH HOH A . 
E 4 HOH 95  1195 147 HOH HOH A . 
E 4 HOH 96  1196 26  HOH HOH A . 
E 4 HOH 97  1197 40  HOH HOH A . 
E 4 HOH 98  1198 19  HOH HOH A . 
E 4 HOH 99  1199 230 HOH HOH A . 
E 4 HOH 100 1200 5   HOH HOH A . 
E 4 HOH 101 1201 125 HOH HOH A . 
E 4 HOH 102 1202 33  HOH HOH A . 
E 4 HOH 103 1203 23  HOH HOH A . 
E 4 HOH 104 1204 61  HOH HOH A . 
E 4 HOH 105 1205 41  HOH HOH A . 
E 4 HOH 106 1206 11  HOH HOH A . 
E 4 HOH 107 1207 185 HOH HOH A . 
E 4 HOH 108 1208 77  HOH HOH A . 
E 4 HOH 109 1209 205 HOH HOH A . 
E 4 HOH 110 1210 155 HOH HOH A . 
E 4 HOH 111 1211 220 HOH HOH A . 
E 4 HOH 112 1212 74  HOH HOH A . 
E 4 HOH 113 1213 37  HOH HOH A . 
E 4 HOH 114 1214 116 HOH HOH A . 
E 4 HOH 115 1215 132 HOH HOH A . 
E 4 HOH 116 1216 18  HOH HOH A . 
E 4 HOH 117 1217 21  HOH HOH A . 
E 4 HOH 118 1218 78  HOH HOH A . 
E 4 HOH 119 1219 48  HOH HOH A . 
E 4 HOH 120 1220 130 HOH HOH A . 
E 4 HOH 121 1221 104 HOH HOH A . 
E 4 HOH 122 1222 22  HOH HOH A . 
E 4 HOH 123 1223 75  HOH HOH A . 
E 4 HOH 124 1224 178 HOH HOH A . 
E 4 HOH 125 1225 50  HOH HOH A . 
E 4 HOH 126 1226 69  HOH HOH A . 
E 4 HOH 127 1227 149 HOH HOH A . 
E 4 HOH 128 1228 36  HOH HOH A . 
E 4 HOH 129 1229 190 HOH HOH A . 
E 4 HOH 130 1230 13  HOH HOH A . 
E 4 HOH 131 1231 110 HOH HOH A . 
E 4 HOH 132 1232 150 HOH HOH A . 
E 4 HOH 133 1233 29  HOH HOH A . 
E 4 HOH 134 1234 54  HOH HOH A . 
E 4 HOH 135 1235 73  HOH HOH A . 
E 4 HOH 136 1236 225 HOH HOH A . 
E 4 HOH 137 1237 134 HOH HOH A . 
E 4 HOH 138 1238 166 HOH HOH A . 
E 4 HOH 139 1239 93  HOH HOH A . 
E 4 HOH 140 1240 20  HOH HOH A . 
E 4 HOH 141 1241 222 HOH HOH A . 
E 4 HOH 142 1242 95  HOH HOH A . 
E 4 HOH 143 1243 65  HOH HOH A . 
E 4 HOH 144 1244 202 HOH HOH A . 
E 4 HOH 145 1245 175 HOH HOH A . 
E 4 HOH 146 1246 131 HOH HOH A . 
E 4 HOH 147 1247 55  HOH HOH A . 
E 4 HOH 148 1248 128 HOH HOH A . 
E 4 HOH 149 1249 182 HOH HOH A . 
E 4 HOH 150 1250 109 HOH HOH A . 
E 4 HOH 151 1251 201 HOH HOH A . 
E 4 HOH 152 1252 71  HOH HOH A . 
E 4 HOH 153 1253 123 HOH HOH A . 
E 4 HOH 154 1254 181 HOH HOH A . 
E 4 HOH 155 1255 146 HOH HOH A . 
E 4 HOH 156 1256 43  HOH HOH A . 
E 4 HOH 157 1257 119 HOH HOH A . 
E 4 HOH 158 1258 39  HOH HOH A . 
E 4 HOH 159 1259 76  HOH HOH A . 
E 4 HOH 160 1260 203 HOH HOH A . 
E 4 HOH 161 1261 242 HOH HOH A . 
E 4 HOH 162 1262 173 HOH HOH A . 
E 4 HOH 163 1263 243 HOH HOH A . 
E 4 HOH 164 1264 115 HOH HOH A . 
E 4 HOH 165 1265 245 HOH HOH A . 
E 4 HOH 166 1266 219 HOH HOH A . 
E 4 HOH 167 1267 228 HOH HOH A . 
E 4 HOH 168 1268 233 HOH HOH A . 
E 4 HOH 169 1269 179 HOH HOH A . 
E 4 HOH 170 1270 206 HOH HOH A . 
E 4 HOH 171 1271 25  HOH HOH A . 
E 4 HOH 172 1272 154 HOH HOH A . 
E 4 HOH 173 1273 198 HOH HOH A . 
E 4 HOH 174 1274 127 HOH HOH A . 
E 4 HOH 175 1275 151 HOH HOH A . 
E 4 HOH 176 1276 186 HOH HOH A . 
E 4 HOH 177 1277 89  HOH HOH A . 
E 4 HOH 178 1278 82  HOH HOH A . 
E 4 HOH 179 1279 91  HOH HOH A . 
E 4 HOH 180 1280 103 HOH HOH A . 
E 4 HOH 181 1281 70  HOH HOH A . 
E 4 HOH 182 1282 112 HOH HOH A . 
E 4 HOH 183 1283 196 HOH HOH A . 
E 4 HOH 184 1284 180 HOH HOH A . 
E 4 HOH 185 1285 31  HOH HOH A . 
E 4 HOH 186 1286 193 HOH HOH A . 
E 4 HOH 187 1287 126 HOH HOH A . 
E 4 HOH 188 1288 208 HOH HOH A . 
E 4 HOH 189 1289 62  HOH HOH A . 
E 4 HOH 190 1290 120 HOH HOH A . 
E 4 HOH 191 1291 92  HOH HOH A . 
E 4 HOH 192 1292 133 HOH HOH A . 
E 4 HOH 193 1293 143 HOH HOH A . 
E 4 HOH 194 1294 157 HOH HOH A . 
E 4 HOH 195 1295 235 HOH HOH A . 
E 4 HOH 196 1296 121 HOH HOH A . 
E 4 HOH 197 1297 226 HOH HOH A . 
E 4 HOH 198 1298 210 HOH HOH A . 
E 4 HOH 199 1299 108 HOH HOH A . 
E 4 HOH 200 1300 165 HOH HOH A . 
E 4 HOH 201 1301 162 HOH HOH A . 
E 4 HOH 202 1302 142 HOH HOH A . 
E 4 HOH 203 1303 216 HOH HOH A . 
E 4 HOH 204 1304 234 HOH HOH A . 
E 4 HOH 205 1305 129 HOH HOH A . 
E 4 HOH 206 1306 144 HOH HOH A . 
E 4 HOH 207 1307 107 HOH HOH A . 
E 4 HOH 208 1308 199 HOH HOH A . 
E 4 HOH 209 1309 171 HOH HOH A . 
E 4 HOH 210 1310 244 HOH HOH A . 
E 4 HOH 211 1311 148 HOH HOH A . 
E 4 HOH 212 1312 153 HOH HOH A . 
E 4 HOH 213 1313 168 HOH HOH A . 
E 4 HOH 214 1314 209 HOH HOH A . 
E 4 HOH 215 1315 169 HOH HOH A . 
E 4 HOH 216 1316 96  HOH HOH A . 
E 4 HOH 217 1317 184 HOH HOH A . 
E 4 HOH 218 1318 189 HOH HOH A . 
E 4 HOH 219 1319 81  HOH HOH A . 
E 4 HOH 220 1320 241 HOH HOH A . 
E 4 HOH 221 1321 213 HOH HOH A . 
E 4 HOH 222 1322 200 HOH HOH A . 
E 4 HOH 223 1323 214 HOH HOH A . 
E 4 HOH 224 1324 164 HOH HOH A . 
F 4 HOH 1   1101 15  HOH HOH B . 
F 4 HOH 2   1102 87  HOH HOH B . 
F 4 HOH 3   1103 236 HOH HOH B . 
F 4 HOH 4   1104 27  HOH HOH B . 
F 4 HOH 5   1105 141 HOH HOH B . 
F 4 HOH 6   1106 99  HOH HOH B . 
F 4 HOH 7   1107 46  HOH HOH B . 
F 4 HOH 8   1108 229 HOH HOH B . 
F 4 HOH 9   1109 101 HOH HOH B . 
F 4 HOH 10  1110 237 HOH HOH B . 
F 4 HOH 11  1111 49  HOH HOH B . 
F 4 HOH 12  1112 174 HOH HOH B . 
F 4 HOH 13  1113 223 HOH HOH B . 
F 4 HOH 14  1114 137 HOH HOH B . 
F 4 HOH 15  1115 240 HOH HOH B . 
F 4 HOH 16  1116 80  HOH HOH B . 
F 4 HOH 17  1117 231 HOH HOH B . 
F 4 HOH 18  1118 232 HOH HOH B . 
F 4 HOH 19  1119 79  HOH HOH B . 
F 4 HOH 20  1120 140 HOH HOH B . 
F 4 HOH 21  1121 90  HOH HOH B . 
# 
_pdbx_struct_assembly.id                   1 
_pdbx_struct_assembly.details              author_and_software_defined_assembly 
_pdbx_struct_assembly.method_details       PISA 
_pdbx_struct_assembly.oligomeric_details   dimeric 
_pdbx_struct_assembly.oligomeric_count     2 
# 
_pdbx_struct_assembly_gen.assembly_id       1 
_pdbx_struct_assembly_gen.oper_expression   1 
_pdbx_struct_assembly_gen.asym_id_list      A,B,C,D,E,F 
# 
loop_
_pdbx_struct_assembly_prop.biol_id 
_pdbx_struct_assembly_prop.type 
_pdbx_struct_assembly_prop.value 
_pdbx_struct_assembly_prop.details 
1 'ABSA (A^2)' 1500 ? 
1 MORE         -1   ? 
1 'SSA (A^2)'  8430 ? 
# 
_pdbx_struct_oper_list.id                   1 
_pdbx_struct_oper_list.type                 'identity operation' 
_pdbx_struct_oper_list.name                 1_555 
_pdbx_struct_oper_list.symmetry_operation   x,y,z 
_pdbx_struct_oper_list.matrix[1][1]         1.0000000000 
_pdbx_struct_oper_list.matrix[1][2]         0.0000000000 
_pdbx_struct_oper_list.matrix[1][3]         0.0000000000 
_pdbx_struct_oper_list.vector[1]            0.0000000000 
_pdbx_struct_oper_list.matrix[2][1]         0.0000000000 
_pdbx_struct_oper_list.matrix[2][2]         1.0000000000 
_pdbx_struct_oper_list.matrix[2][3]         0.0000000000 
_pdbx_struct_oper_list.vector[2]            0.0000000000 
_pdbx_struct_oper_list.matrix[3][1]         0.0000000000 
_pdbx_struct_oper_list.matrix[3][2]         0.0000000000 
_pdbx_struct_oper_list.matrix[3][3]         1.0000000000 
_pdbx_struct_oper_list.vector[3]            0.0000000000 
# 
loop_
_pdbx_audit_revision_history.ordinal 
_pdbx_audit_revision_history.data_content_type 
_pdbx_audit_revision_history.major_revision 
_pdbx_audit_revision_history.minor_revision 
_pdbx_audit_revision_history.revision_date 
1 'Structure model' 1 0 2017-07-12 
2 'Structure model' 1 1 2017-09-27 
3 'Structure model' 1 2 2023-11-08 
# 
_pdbx_audit_revision_details.ordinal             1 
_pdbx_audit_revision_details.revision_ordinal    1 
_pdbx_audit_revision_details.data_content_type   'Structure model' 
_pdbx_audit_revision_details.provider            repository 
_pdbx_audit_revision_details.type                'Initial release' 
_pdbx_audit_revision_details.description         ? 
_pdbx_audit_revision_details.details             ? 
# 
loop_
_pdbx_audit_revision_group.ordinal 
_pdbx_audit_revision_group.revision_ordinal 
_pdbx_audit_revision_group.data_content_type 
_pdbx_audit_revision_group.group 
1 2 'Structure model' 'Data collection'        
2 3 'Structure model' 'Data collection'        
3 3 'Structure model' 'Database references'    
4 3 'Structure model' 'Refinement description' 
# 
loop_
_pdbx_audit_revision_category.ordinal 
_pdbx_audit_revision_category.revision_ordinal 
_pdbx_audit_revision_category.data_content_type 
_pdbx_audit_revision_category.category 
1 2 'Structure model' diffrn_detector               
2 3 'Structure model' chem_comp_atom                
3 3 'Structure model' chem_comp_bond                
4 3 'Structure model' database_2                    
5 3 'Structure model' pdbx_initial_refinement_model 
# 
loop_
_pdbx_audit_revision_item.ordinal 
_pdbx_audit_revision_item.revision_ordinal 
_pdbx_audit_revision_item.data_content_type 
_pdbx_audit_revision_item.item 
1 2 'Structure model' '_diffrn_detector.detector'           
2 3 'Structure model' '_database_2.pdbx_DOI'                
3 3 'Structure model' '_database_2.pdbx_database_accession' 
# 
loop_
_software.citation_id 
_software.classification 
_software.compiler_name 
_software.compiler_version 
_software.contact_author 
_software.contact_author_email 
_software.date 
_software.description 
_software.dependencies 
_software.hardware 
_software.language 
_software.location 
_software.mods 
_software.name 
_software.os 
_software.os_version 
_software.type 
_software.version 
_software.pdbx_ordinal 
? refinement       ? ? ? ? ? ? ? ? ? ? ? PHENIX   ? ? ? '(1.10.1_2155: ???)' 1 
? 'data reduction' ? ? ? ? ? ? ? ? ? ? ? HKL-3000 ? ? ? .                    2 
? 'data scaling'   ? ? ? ? ? ? ? ? ? ? ? HKL-3000 ? ? ? .                    3 
? phasing          ? ? ? ? ? ? ? ? ? ? ? HKL-3000 ? ? ? .                    4 
# 
loop_
_pdbx_validate_close_contact.id 
_pdbx_validate_close_contact.PDB_model_num 
_pdbx_validate_close_contact.auth_atom_id_1 
_pdbx_validate_close_contact.auth_asym_id_1 
_pdbx_validate_close_contact.auth_comp_id_1 
_pdbx_validate_close_contact.auth_seq_id_1 
_pdbx_validate_close_contact.PDB_ins_code_1 
_pdbx_validate_close_contact.label_alt_id_1 
_pdbx_validate_close_contact.auth_atom_id_2 
_pdbx_validate_close_contact.auth_asym_id_2 
_pdbx_validate_close_contact.auth_comp_id_2 
_pdbx_validate_close_contact.auth_seq_id_2 
_pdbx_validate_close_contact.PDB_ins_code_2 
_pdbx_validate_close_contact.label_alt_id_2 
_pdbx_validate_close_contact.dist 
1 1 O A HOH 1238 ? ? O A HOH 1254 ? ? 2.11 
2 1 O A HOH 1195 ? ? O A HOH 1259 ? ? 2.18 
3 1 O A HOH 1288 ? ? O A HOH 1306 ? ? 2.18 
# 
loop_
_pdbx_validate_symm_contact.id 
_pdbx_validate_symm_contact.PDB_model_num 
_pdbx_validate_symm_contact.auth_atom_id_1 
_pdbx_validate_symm_contact.auth_asym_id_1 
_pdbx_validate_symm_contact.auth_comp_id_1 
_pdbx_validate_symm_contact.auth_seq_id_1 
_pdbx_validate_symm_contact.PDB_ins_code_1 
_pdbx_validate_symm_contact.label_alt_id_1 
_pdbx_validate_symm_contact.site_symmetry_1 
_pdbx_validate_symm_contact.auth_atom_id_2 
_pdbx_validate_symm_contact.auth_asym_id_2 
_pdbx_validate_symm_contact.auth_comp_id_2 
_pdbx_validate_symm_contact.auth_seq_id_2 
_pdbx_validate_symm_contact.PDB_ins_code_2 
_pdbx_validate_symm_contact.label_alt_id_2 
_pdbx_validate_symm_contact.site_symmetry_2 
_pdbx_validate_symm_contact.dist 
1 1 O A HOH 1124 ? ? 1_555 O A HOH 1137 ? ? 1_554 2.09 
2 1 O A HOH 1284 ? ? 1_555 O A HOH 1303 ? ? 1_554 2.15 
# 
loop_
_pdbx_unobs_or_zero_occ_atoms.id 
_pdbx_unobs_or_zero_occ_atoms.PDB_model_num 
_pdbx_unobs_or_zero_occ_atoms.polymer_flag 
_pdbx_unobs_or_zero_occ_atoms.occupancy_flag 
_pdbx_unobs_or_zero_occ_atoms.auth_asym_id 
_pdbx_unobs_or_zero_occ_atoms.auth_comp_id 
_pdbx_unobs_or_zero_occ_atoms.auth_seq_id 
_pdbx_unobs_or_zero_occ_atoms.PDB_ins_code 
_pdbx_unobs_or_zero_occ_atoms.auth_atom_id 
_pdbx_unobs_or_zero_occ_atoms.label_alt_id 
_pdbx_unobs_or_zero_occ_atoms.label_asym_id 
_pdbx_unobs_or_zero_occ_atoms.label_comp_id 
_pdbx_unobs_or_zero_occ_atoms.label_seq_id 
_pdbx_unobs_or_zero_occ_atoms.label_atom_id 
1 1 Y 1 A GLN 834  ? OE1 ? A GLN 40 OE1 
2 1 Y 1 A GLN 834  ? NE2 ? A GLN 40 NE2 
3 1 Y 1 B SER 1046 ? OG  ? B SER 1  OG  
4 1 Y 1 B LEU 1047 ? CG  ? B LEU 2  CG  
5 1 Y 1 B LEU 1047 ? CD1 ? B LEU 2  CD1 
6 1 Y 1 B LEU 1047 ? CD2 ? B LEU 2  CD2 
# 
loop_
_pdbx_unobs_or_zero_occ_residues.id 
_pdbx_unobs_or_zero_occ_residues.PDB_model_num 
_pdbx_unobs_or_zero_occ_residues.polymer_flag 
_pdbx_unobs_or_zero_occ_residues.occupancy_flag 
_pdbx_unobs_or_zero_occ_residues.auth_asym_id 
_pdbx_unobs_or_zero_occ_residues.auth_comp_id 
_pdbx_unobs_or_zero_occ_residues.auth_seq_id 
_pdbx_unobs_or_zero_occ_residues.PDB_ins_code 
_pdbx_unobs_or_zero_occ_residues.label_asym_id 
_pdbx_unobs_or_zero_occ_residues.label_comp_id 
_pdbx_unobs_or_zero_occ_residues.label_seq_id 
1 1 Y 1 A GLU 958 ? A GLU 164 
2 1 Y 1 A ASN 959 ? A ASN 165 
3 1 Y 1 A LEU 960 ? A LEU 166 
4 1 Y 1 A TYR 961 ? A TYR 167 
5 1 Y 1 A PHE 962 ? A PHE 168 
6 1 Y 1 A GLN 963 ? A GLN 169 
# 
loop_
_chem_comp_atom.comp_id 
_chem_comp_atom.atom_id 
_chem_comp_atom.type_symbol 
_chem_comp_atom.pdbx_aromatic_flag 
_chem_comp_atom.pdbx_stereo_config 
_chem_comp_atom.pdbx_ordinal 
ALA N    N N N 1   
ALA CA   C N S 2   
ALA C    C N N 3   
ALA O    O N N 4   
ALA CB   C N N 5   
ALA OXT  O N N 6   
ALA H    H N N 7   
ALA H2   H N N 8   
ALA HA   H N N 9   
ALA HB1  H N N 10  
ALA HB2  H N N 11  
ALA HB3  H N N 12  
ALA HXT  H N N 13  
ARG N    N N N 14  
ARG CA   C N S 15  
ARG C    C N N 16  
ARG O    O N N 17  
ARG CB   C N N 18  
ARG CG   C N N 19  
ARG CD   C N N 20  
ARG NE   N N N 21  
ARG CZ   C N N 22  
ARG NH1  N N N 23  
ARG NH2  N N N 24  
ARG OXT  O N N 25  
ARG H    H N N 26  
ARG H2   H N N 27  
ARG HA   H N N 28  
ARG HB2  H N N 29  
ARG HB3  H N N 30  
ARG HG2  H N N 31  
ARG HG3  H N N 32  
ARG HD2  H N N 33  
ARG HD3  H N N 34  
ARG HE   H N N 35  
ARG HH11 H N N 36  
ARG HH12 H N N 37  
ARG HH21 H N N 38  
ARG HH22 H N N 39  
ARG HXT  H N N 40  
ASN N    N N N 41  
ASN CA   C N S 42  
ASN C    C N N 43  
ASN O    O N N 44  
ASN CB   C N N 45  
ASN CG   C N N 46  
ASN OD1  O N N 47  
ASN ND2  N N N 48  
ASN OXT  O N N 49  
ASN H    H N N 50  
ASN H2   H N N 51  
ASN HA   H N N 52  
ASN HB2  H N N 53  
ASN HB3  H N N 54  
ASN HD21 H N N 55  
ASN HD22 H N N 56  
ASN HXT  H N N 57  
ASP N    N N N 58  
ASP CA   C N S 59  
ASP C    C N N 60  
ASP O    O N N 61  
ASP CB   C N N 62  
ASP CG   C N N 63  
ASP OD1  O N N 64  
ASP OD2  O N N 65  
ASP OXT  O N N 66  
ASP H    H N N 67  
ASP H2   H N N 68  
ASP HA   H N N 69  
ASP HB2  H N N 70  
ASP HB3  H N N 71  
ASP HD2  H N N 72  
ASP HXT  H N N 73  
CYS N    N N N 74  
CYS CA   C N R 75  
CYS C    C N N 76  
CYS O    O N N 77  
CYS CB   C N N 78  
CYS SG   S N N 79  
CYS OXT  O N N 80  
CYS H    H N N 81  
CYS H2   H N N 82  
CYS HA   H N N 83  
CYS HB2  H N N 84  
CYS HB3  H N N 85  
CYS HG   H N N 86  
CYS HXT  H N N 87  
GLN N    N N N 88  
GLN CA   C N S 89  
GLN C    C N N 90  
GLN O    O N N 91  
GLN CB   C N N 92  
GLN CG   C N N 93  
GLN CD   C N N 94  
GLN OE1  O N N 95  
GLN NE2  N N N 96  
GLN OXT  O N N 97  
GLN H    H N N 98  
GLN H2   H N N 99  
GLN HA   H N N 100 
GLN HB2  H N N 101 
GLN HB3  H N N 102 
GLN HG2  H N N 103 
GLN HG3  H N N 104 
GLN HE21 H N N 105 
GLN HE22 H N N 106 
GLN HXT  H N N 107 
GLU N    N N N 108 
GLU CA   C N S 109 
GLU C    C N N 110 
GLU O    O N N 111 
GLU CB   C N N 112 
GLU CG   C N N 113 
GLU CD   C N N 114 
GLU OE1  O N N 115 
GLU OE2  O N N 116 
GLU OXT  O N N 117 
GLU H    H N N 118 
GLU H2   H N N 119 
GLU HA   H N N 120 
GLU HB2  H N N 121 
GLU HB3  H N N 122 
GLU HG2  H N N 123 
GLU HG3  H N N 124 
GLU HE2  H N N 125 
GLU HXT  H N N 126 
GLY N    N N N 127 
GLY CA   C N N 128 
GLY C    C N N 129 
GLY O    O N N 130 
GLY OXT  O N N 131 
GLY H    H N N 132 
GLY H2   H N N 133 
GLY HA2  H N N 134 
GLY HA3  H N N 135 
GLY HXT  H N N 136 
GOL C1   C N N 137 
GOL O1   O N N 138 
GOL C2   C N N 139 
GOL O2   O N N 140 
GOL C3   C N N 141 
GOL O3   O N N 142 
GOL H11  H N N 143 
GOL H12  H N N 144 
GOL HO1  H N N 145 
GOL H2   H N N 146 
GOL HO2  H N N 147 
GOL H31  H N N 148 
GOL H32  H N N 149 
GOL HO3  H N N 150 
HIS N    N N N 151 
HIS CA   C N S 152 
HIS C    C N N 153 
HIS O    O N N 154 
HIS CB   C N N 155 
HIS CG   C Y N 156 
HIS ND1  N Y N 157 
HIS CD2  C Y N 158 
HIS CE1  C Y N 159 
HIS NE2  N Y N 160 
HIS OXT  O N N 161 
HIS H    H N N 162 
HIS H2   H N N 163 
HIS HA   H N N 164 
HIS HB2  H N N 165 
HIS HB3  H N N 166 
HIS HD1  H N N 167 
HIS HD2  H N N 168 
HIS HE1  H N N 169 
HIS HE2  H N N 170 
HIS HXT  H N N 171 
HOH O    O N N 172 
HOH H1   H N N 173 
HOH H2   H N N 174 
ILE N    N N N 175 
ILE CA   C N S 176 
ILE C    C N N 177 
ILE O    O N N 178 
ILE CB   C N S 179 
ILE CG1  C N N 180 
ILE CG2  C N N 181 
ILE CD1  C N N 182 
ILE OXT  O N N 183 
ILE H    H N N 184 
ILE H2   H N N 185 
ILE HA   H N N 186 
ILE HB   H N N 187 
ILE HG12 H N N 188 
ILE HG13 H N N 189 
ILE HG21 H N N 190 
ILE HG22 H N N 191 
ILE HG23 H N N 192 
ILE HD11 H N N 193 
ILE HD12 H N N 194 
ILE HD13 H N N 195 
ILE HXT  H N N 196 
LEU N    N N N 197 
LEU CA   C N S 198 
LEU C    C N N 199 
LEU O    O N N 200 
LEU CB   C N N 201 
LEU CG   C N N 202 
LEU CD1  C N N 203 
LEU CD2  C N N 204 
LEU OXT  O N N 205 
LEU H    H N N 206 
LEU H2   H N N 207 
LEU HA   H N N 208 
LEU HB2  H N N 209 
LEU HB3  H N N 210 
LEU HG   H N N 211 
LEU HD11 H N N 212 
LEU HD12 H N N 213 
LEU HD13 H N N 214 
LEU HD21 H N N 215 
LEU HD22 H N N 216 
LEU HD23 H N N 217 
LEU HXT  H N N 218 
LYS N    N N N 219 
LYS CA   C N S 220 
LYS C    C N N 221 
LYS O    O N N 222 
LYS CB   C N N 223 
LYS CG   C N N 224 
LYS CD   C N N 225 
LYS CE   C N N 226 
LYS NZ   N N N 227 
LYS OXT  O N N 228 
LYS H    H N N 229 
LYS H2   H N N 230 
LYS HA   H N N 231 
LYS HB2  H N N 232 
LYS HB3  H N N 233 
LYS HG2  H N N 234 
LYS HG3  H N N 235 
LYS HD2  H N N 236 
LYS HD3  H N N 237 
LYS HE2  H N N 238 
LYS HE3  H N N 239 
LYS HZ1  H N N 240 
LYS HZ2  H N N 241 
LYS HZ3  H N N 242 
LYS HXT  H N N 243 
MET N    N N N 244 
MET CA   C N S 245 
MET C    C N N 246 
MET O    O N N 247 
MET CB   C N N 248 
MET CG   C N N 249 
MET SD   S N N 250 
MET CE   C N N 251 
MET OXT  O N N 252 
MET H    H N N 253 
MET H2   H N N 254 
MET HA   H N N 255 
MET HB2  H N N 256 
MET HB3  H N N 257 
MET HG2  H N N 258 
MET HG3  H N N 259 
MET HE1  H N N 260 
MET HE2  H N N 261 
MET HE3  H N N 262 
MET HXT  H N N 263 
PHE N    N N N 264 
PHE CA   C N S 265 
PHE C    C N N 266 
PHE O    O N N 267 
PHE CB   C N N 268 
PHE CG   C Y N 269 
PHE CD1  C Y N 270 
PHE CD2  C Y N 271 
PHE CE1  C Y N 272 
PHE CE2  C Y N 273 
PHE CZ   C Y N 274 
PHE OXT  O N N 275 
PHE H    H N N 276 
PHE H2   H N N 277 
PHE HA   H N N 278 
PHE HB2  H N N 279 
PHE HB3  H N N 280 
PHE HD1  H N N 281 
PHE HD2  H N N 282 
PHE HE1  H N N 283 
PHE HE2  H N N 284 
PHE HZ   H N N 285 
PHE HXT  H N N 286 
PRO N    N N N 287 
PRO CA   C N S 288 
PRO C    C N N 289 
PRO O    O N N 290 
PRO CB   C N N 291 
PRO CG   C N N 292 
PRO CD   C N N 293 
PRO OXT  O N N 294 
PRO H    H N N 295 
PRO HA   H N N 296 
PRO HB2  H N N 297 
PRO HB3  H N N 298 
PRO HG2  H N N 299 
PRO HG3  H N N 300 
PRO HD2  H N N 301 
PRO HD3  H N N 302 
PRO HXT  H N N 303 
SER N    N N N 304 
SER CA   C N S 305 
SER C    C N N 306 
SER O    O N N 307 
SER CB   C N N 308 
SER OG   O N N 309 
SER OXT  O N N 310 
SER H    H N N 311 
SER H2   H N N 312 
SER HA   H N N 313 
SER HB2  H N N 314 
SER HB3  H N N 315 
SER HG   H N N 316 
SER HXT  H N N 317 
THR N    N N N 318 
THR CA   C N S 319 
THR C    C N N 320 
THR O    O N N 321 
THR CB   C N R 322 
THR OG1  O N N 323 
THR CG2  C N N 324 
THR OXT  O N N 325 
THR H    H N N 326 
THR H2   H N N 327 
THR HA   H N N 328 
THR HB   H N N 329 
THR HG1  H N N 330 
THR HG21 H N N 331 
THR HG22 H N N 332 
THR HG23 H N N 333 
THR HXT  H N N 334 
TRP N    N N N 335 
TRP CA   C N S 336 
TRP C    C N N 337 
TRP O    O N N 338 
TRP CB   C N N 339 
TRP CG   C Y N 340 
TRP CD1  C Y N 341 
TRP CD2  C Y N 342 
TRP NE1  N Y N 343 
TRP CE2  C Y N 344 
TRP CE3  C Y N 345 
TRP CZ2  C Y N 346 
TRP CZ3  C Y N 347 
TRP CH2  C Y N 348 
TRP OXT  O N N 349 
TRP H    H N N 350 
TRP H2   H N N 351 
TRP HA   H N N 352 
TRP HB2  H N N 353 
TRP HB3  H N N 354 
TRP HD1  H N N 355 
TRP HE1  H N N 356 
TRP HE3  H N N 357 
TRP HZ2  H N N 358 
TRP HZ3  H N N 359 
TRP HH2  H N N 360 
TRP HXT  H N N 361 
TYR N    N N N 362 
TYR CA   C N S 363 
TYR C    C N N 364 
TYR O    O N N 365 
TYR CB   C N N 366 
TYR CG   C Y N 367 
TYR CD1  C Y N 368 
TYR CD2  C Y N 369 
TYR CE1  C Y N 370 
TYR CE2  C Y N 371 
TYR CZ   C Y N 372 
TYR OH   O N N 373 
TYR OXT  O N N 374 
TYR H    H N N 375 
TYR H2   H N N 376 
TYR HA   H N N 377 
TYR HB2  H N N 378 
TYR HB3  H N N 379 
TYR HD1  H N N 380 
TYR HD2  H N N 381 
TYR HE1  H N N 382 
TYR HE2  H N N 383 
TYR HH   H N N 384 
TYR HXT  H N N 385 
VAL N    N N N 386 
VAL CA   C N S 387 
VAL C    C N N 388 
VAL O    O N N 389 
VAL CB   C N N 390 
VAL CG1  C N N 391 
VAL CG2  C N N 392 
VAL OXT  O N N 393 
VAL H    H N N 394 
VAL H2   H N N 395 
VAL HA   H N N 396 
VAL HB   H N N 397 
VAL HG11 H N N 398 
VAL HG12 H N N 399 
VAL HG13 H N N 400 
VAL HG21 H N N 401 
VAL HG22 H N N 402 
VAL HG23 H N N 403 
VAL HXT  H N N 404 
# 
loop_
_chem_comp_bond.comp_id 
_chem_comp_bond.atom_id_1 
_chem_comp_bond.atom_id_2 
_chem_comp_bond.value_order 
_chem_comp_bond.pdbx_aromatic_flag 
_chem_comp_bond.pdbx_stereo_config 
_chem_comp_bond.pdbx_ordinal 
ALA N   CA   sing N N 1   
ALA N   H    sing N N 2   
ALA N   H2   sing N N 3   
ALA CA  C    sing N N 4   
ALA CA  CB   sing N N 5   
ALA CA  HA   sing N N 6   
ALA C   O    doub N N 7   
ALA C   OXT  sing N N 8   
ALA CB  HB1  sing N N 9   
ALA CB  HB2  sing N N 10  
ALA CB  HB3  sing N N 11  
ALA OXT HXT  sing N N 12  
ARG N   CA   sing N N 13  
ARG N   H    sing N N 14  
ARG N   H2   sing N N 15  
ARG CA  C    sing N N 16  
ARG CA  CB   sing N N 17  
ARG CA  HA   sing N N 18  
ARG C   O    doub N N 19  
ARG C   OXT  sing N N 20  
ARG CB  CG   sing N N 21  
ARG CB  HB2  sing N N 22  
ARG CB  HB3  sing N N 23  
ARG CG  CD   sing N N 24  
ARG CG  HG2  sing N N 25  
ARG CG  HG3  sing N N 26  
ARG CD  NE   sing N N 27  
ARG CD  HD2  sing N N 28  
ARG CD  HD3  sing N N 29  
ARG NE  CZ   sing N N 30  
ARG NE  HE   sing N N 31  
ARG CZ  NH1  sing N N 32  
ARG CZ  NH2  doub N N 33  
ARG NH1 HH11 sing N N 34  
ARG NH1 HH12 sing N N 35  
ARG NH2 HH21 sing N N 36  
ARG NH2 HH22 sing N N 37  
ARG OXT HXT  sing N N 38  
ASN N   CA   sing N N 39  
ASN N   H    sing N N 40  
ASN N   H2   sing N N 41  
ASN CA  C    sing N N 42  
ASN CA  CB   sing N N 43  
ASN CA  HA   sing N N 44  
ASN C   O    doub N N 45  
ASN C   OXT  sing N N 46  
ASN CB  CG   sing N N 47  
ASN CB  HB2  sing N N 48  
ASN CB  HB3  sing N N 49  
ASN CG  OD1  doub N N 50  
ASN CG  ND2  sing N N 51  
ASN ND2 HD21 sing N N 52  
ASN ND2 HD22 sing N N 53  
ASN OXT HXT  sing N N 54  
ASP N   CA   sing N N 55  
ASP N   H    sing N N 56  
ASP N   H2   sing N N 57  
ASP CA  C    sing N N 58  
ASP CA  CB   sing N N 59  
ASP CA  HA   sing N N 60  
ASP C   O    doub N N 61  
ASP C   OXT  sing N N 62  
ASP CB  CG   sing N N 63  
ASP CB  HB2  sing N N 64  
ASP CB  HB3  sing N N 65  
ASP CG  OD1  doub N N 66  
ASP CG  OD2  sing N N 67  
ASP OD2 HD2  sing N N 68  
ASP OXT HXT  sing N N 69  
CYS N   CA   sing N N 70  
CYS N   H    sing N N 71  
CYS N   H2   sing N N 72  
CYS CA  C    sing N N 73  
CYS CA  CB   sing N N 74  
CYS CA  HA   sing N N 75  
CYS C   O    doub N N 76  
CYS C   OXT  sing N N 77  
CYS CB  SG   sing N N 78  
CYS CB  HB2  sing N N 79  
CYS CB  HB3  sing N N 80  
CYS SG  HG   sing N N 81  
CYS OXT HXT  sing N N 82  
GLN N   CA   sing N N 83  
GLN N   H    sing N N 84  
GLN N   H2   sing N N 85  
GLN CA  C    sing N N 86  
GLN CA  CB   sing N N 87  
GLN CA  HA   sing N N 88  
GLN C   O    doub N N 89  
GLN C   OXT  sing N N 90  
GLN CB  CG   sing N N 91  
GLN CB  HB2  sing N N 92  
GLN CB  HB3  sing N N 93  
GLN CG  CD   sing N N 94  
GLN CG  HG2  sing N N 95  
GLN CG  HG3  sing N N 96  
GLN CD  OE1  doub N N 97  
GLN CD  NE2  sing N N 98  
GLN NE2 HE21 sing N N 99  
GLN NE2 HE22 sing N N 100 
GLN OXT HXT  sing N N 101 
GLU N   CA   sing N N 102 
GLU N   H    sing N N 103 
GLU N   H2   sing N N 104 
GLU CA  C    sing N N 105 
GLU CA  CB   sing N N 106 
GLU CA  HA   sing N N 107 
GLU C   O    doub N N 108 
GLU C   OXT  sing N N 109 
GLU CB  CG   sing N N 110 
GLU CB  HB2  sing N N 111 
GLU CB  HB3  sing N N 112 
GLU CG  CD   sing N N 113 
GLU CG  HG2  sing N N 114 
GLU CG  HG3  sing N N 115 
GLU CD  OE1  doub N N 116 
GLU CD  OE2  sing N N 117 
GLU OE2 HE2  sing N N 118 
GLU OXT HXT  sing N N 119 
GLY N   CA   sing N N 120 
GLY N   H    sing N N 121 
GLY N   H2   sing N N 122 
GLY CA  C    sing N N 123 
GLY CA  HA2  sing N N 124 
GLY CA  HA3  sing N N 125 
GLY C   O    doub N N 126 
GLY C   OXT  sing N N 127 
GLY OXT HXT  sing N N 128 
GOL C1  O1   sing N N 129 
GOL C1  C2   sing N N 130 
GOL C1  H11  sing N N 131 
GOL C1  H12  sing N N 132 
GOL O1  HO1  sing N N 133 
GOL C2  O2   sing N N 134 
GOL C2  C3   sing N N 135 
GOL C2  H2   sing N N 136 
GOL O2  HO2  sing N N 137 
GOL C3  O3   sing N N 138 
GOL C3  H31  sing N N 139 
GOL C3  H32  sing N N 140 
GOL O3  HO3  sing N N 141 
HIS N   CA   sing N N 142 
HIS N   H    sing N N 143 
HIS N   H2   sing N N 144 
HIS CA  C    sing N N 145 
HIS CA  CB   sing N N 146 
HIS CA  HA   sing N N 147 
HIS C   O    doub N N 148 
HIS C   OXT  sing N N 149 
HIS CB  CG   sing N N 150 
HIS CB  HB2  sing N N 151 
HIS CB  HB3  sing N N 152 
HIS CG  ND1  sing Y N 153 
HIS CG  CD2  doub Y N 154 
HIS ND1 CE1  doub Y N 155 
HIS ND1 HD1  sing N N 156 
HIS CD2 NE2  sing Y N 157 
HIS CD2 HD2  sing N N 158 
HIS CE1 NE2  sing Y N 159 
HIS CE1 HE1  sing N N 160 
HIS NE2 HE2  sing N N 161 
HIS OXT HXT  sing N N 162 
HOH O   H1   sing N N 163 
HOH O   H2   sing N N 164 
ILE N   CA   sing N N 165 
ILE N   H    sing N N 166 
ILE N   H2   sing N N 167 
ILE CA  C    sing N N 168 
ILE CA  CB   sing N N 169 
ILE CA  HA   sing N N 170 
ILE C   O    doub N N 171 
ILE C   OXT  sing N N 172 
ILE CB  CG1  sing N N 173 
ILE CB  CG2  sing N N 174 
ILE CB  HB   sing N N 175 
ILE CG1 CD1  sing N N 176 
ILE CG1 HG12 sing N N 177 
ILE CG1 HG13 sing N N 178 
ILE CG2 HG21 sing N N 179 
ILE CG2 HG22 sing N N 180 
ILE CG2 HG23 sing N N 181 
ILE CD1 HD11 sing N N 182 
ILE CD1 HD12 sing N N 183 
ILE CD1 HD13 sing N N 184 
ILE OXT HXT  sing N N 185 
LEU N   CA   sing N N 186 
LEU N   H    sing N N 187 
LEU N   H2   sing N N 188 
LEU CA  C    sing N N 189 
LEU CA  CB   sing N N 190 
LEU CA  HA   sing N N 191 
LEU C   O    doub N N 192 
LEU C   OXT  sing N N 193 
LEU CB  CG   sing N N 194 
LEU CB  HB2  sing N N 195 
LEU CB  HB3  sing N N 196 
LEU CG  CD1  sing N N 197 
LEU CG  CD2  sing N N 198 
LEU CG  HG   sing N N 199 
LEU CD1 HD11 sing N N 200 
LEU CD1 HD12 sing N N 201 
LEU CD1 HD13 sing N N 202 
LEU CD2 HD21 sing N N 203 
LEU CD2 HD22 sing N N 204 
LEU CD2 HD23 sing N N 205 
LEU OXT HXT  sing N N 206 
LYS N   CA   sing N N 207 
LYS N   H    sing N N 208 
LYS N   H2   sing N N 209 
LYS CA  C    sing N N 210 
LYS CA  CB   sing N N 211 
LYS CA  HA   sing N N 212 
LYS C   O    doub N N 213 
LYS C   OXT  sing N N 214 
LYS CB  CG   sing N N 215 
LYS CB  HB2  sing N N 216 
LYS CB  HB3  sing N N 217 
LYS CG  CD   sing N N 218 
LYS CG  HG2  sing N N 219 
LYS CG  HG3  sing N N 220 
LYS CD  CE   sing N N 221 
LYS CD  HD2  sing N N 222 
LYS CD  HD3  sing N N 223 
LYS CE  NZ   sing N N 224 
LYS CE  HE2  sing N N 225 
LYS CE  HE3  sing N N 226 
LYS NZ  HZ1  sing N N 227 
LYS NZ  HZ2  sing N N 228 
LYS NZ  HZ3  sing N N 229 
LYS OXT HXT  sing N N 230 
MET N   CA   sing N N 231 
MET N   H    sing N N 232 
MET N   H2   sing N N 233 
MET CA  C    sing N N 234 
MET CA  CB   sing N N 235 
MET CA  HA   sing N N 236 
MET C   O    doub N N 237 
MET C   OXT  sing N N 238 
MET CB  CG   sing N N 239 
MET CB  HB2  sing N N 240 
MET CB  HB3  sing N N 241 
MET CG  SD   sing N N 242 
MET CG  HG2  sing N N 243 
MET CG  HG3  sing N N 244 
MET SD  CE   sing N N 245 
MET CE  HE1  sing N N 246 
MET CE  HE2  sing N N 247 
MET CE  HE3  sing N N 248 
MET OXT HXT  sing N N 249 
PHE N   CA   sing N N 250 
PHE N   H    sing N N 251 
PHE N   H2   sing N N 252 
PHE CA  C    sing N N 253 
PHE CA  CB   sing N N 254 
PHE CA  HA   sing N N 255 
PHE C   O    doub N N 256 
PHE C   OXT  sing N N 257 
PHE CB  CG   sing N N 258 
PHE CB  HB2  sing N N 259 
PHE CB  HB3  sing N N 260 
PHE CG  CD1  doub Y N 261 
PHE CG  CD2  sing Y N 262 
PHE CD1 CE1  sing Y N 263 
PHE CD1 HD1  sing N N 264 
PHE CD2 CE2  doub Y N 265 
PHE CD2 HD2  sing N N 266 
PHE CE1 CZ   doub Y N 267 
PHE CE1 HE1  sing N N 268 
PHE CE2 CZ   sing Y N 269 
PHE CE2 HE2  sing N N 270 
PHE CZ  HZ   sing N N 271 
PHE OXT HXT  sing N N 272 
PRO N   CA   sing N N 273 
PRO N   CD   sing N N 274 
PRO N   H    sing N N 275 
PRO CA  C    sing N N 276 
PRO CA  CB   sing N N 277 
PRO CA  HA   sing N N 278 
PRO C   O    doub N N 279 
PRO C   OXT  sing N N 280 
PRO CB  CG   sing N N 281 
PRO CB  HB2  sing N N 282 
PRO CB  HB3  sing N N 283 
PRO CG  CD   sing N N 284 
PRO CG  HG2  sing N N 285 
PRO CG  HG3  sing N N 286 
PRO CD  HD2  sing N N 287 
PRO CD  HD3  sing N N 288 
PRO OXT HXT  sing N N 289 
SER N   CA   sing N N 290 
SER N   H    sing N N 291 
SER N   H2   sing N N 292 
SER CA  C    sing N N 293 
SER CA  CB   sing N N 294 
SER CA  HA   sing N N 295 
SER C   O    doub N N 296 
SER C   OXT  sing N N 297 
SER CB  OG   sing N N 298 
SER CB  HB2  sing N N 299 
SER CB  HB3  sing N N 300 
SER OG  HG   sing N N 301 
SER OXT HXT  sing N N 302 
THR N   CA   sing N N 303 
THR N   H    sing N N 304 
THR N   H2   sing N N 305 
THR CA  C    sing N N 306 
THR CA  CB   sing N N 307 
THR CA  HA   sing N N 308 
THR C   O    doub N N 309 
THR C   OXT  sing N N 310 
THR CB  OG1  sing N N 311 
THR CB  CG2  sing N N 312 
THR CB  HB   sing N N 313 
THR OG1 HG1  sing N N 314 
THR CG2 HG21 sing N N 315 
THR CG2 HG22 sing N N 316 
THR CG2 HG23 sing N N 317 
THR OXT HXT  sing N N 318 
TRP N   CA   sing N N 319 
TRP N   H    sing N N 320 
TRP N   H2   sing N N 321 
TRP CA  C    sing N N 322 
TRP CA  CB   sing N N 323 
TRP CA  HA   sing N N 324 
TRP C   O    doub N N 325 
TRP C   OXT  sing N N 326 
TRP CB  CG   sing N N 327 
TRP CB  HB2  sing N N 328 
TRP CB  HB3  sing N N 329 
TRP CG  CD1  doub Y N 330 
TRP CG  CD2  sing Y N 331 
TRP CD1 NE1  sing Y N 332 
TRP CD1 HD1  sing N N 333 
TRP CD2 CE2  doub Y N 334 
TRP CD2 CE3  sing Y N 335 
TRP NE1 CE2  sing Y N 336 
TRP NE1 HE1  sing N N 337 
TRP CE2 CZ2  sing Y N 338 
TRP CE3 CZ3  doub Y N 339 
TRP CE3 HE3  sing N N 340 
TRP CZ2 CH2  doub Y N 341 
TRP CZ2 HZ2  sing N N 342 
TRP CZ3 CH2  sing Y N 343 
TRP CZ3 HZ3  sing N N 344 
TRP CH2 HH2  sing N N 345 
TRP OXT HXT  sing N N 346 
TYR N   CA   sing N N 347 
TYR N   H    sing N N 348 
TYR N   H2   sing N N 349 
TYR CA  C    sing N N 350 
TYR CA  CB   sing N N 351 
TYR CA  HA   sing N N 352 
TYR C   O    doub N N 353 
TYR C   OXT  sing N N 354 
TYR CB  CG   sing N N 355 
TYR CB  HB2  sing N N 356 
TYR CB  HB3  sing N N 357 
TYR CG  CD1  doub Y N 358 
TYR CG  CD2  sing Y N 359 
TYR CD1 CE1  sing Y N 360 
TYR CD1 HD1  sing N N 361 
TYR CD2 CE2  doub Y N 362 
TYR CD2 HD2  sing N N 363 
TYR CE1 CZ   doub Y N 364 
TYR CE1 HE1  sing N N 365 
TYR CE2 CZ   sing Y N 366 
TYR CE2 HE2  sing N N 367 
TYR CZ  OH   sing N N 368 
TYR OH  HH   sing N N 369 
TYR OXT HXT  sing N N 370 
VAL N   CA   sing N N 371 
VAL N   H    sing N N 372 
VAL N   H2   sing N N 373 
VAL CA  C    sing N N 374 
VAL CA  CB   sing N N 375 
VAL CA  HA   sing N N 376 
VAL C   O    doub N N 377 
VAL C   OXT  sing N N 378 
VAL CB  CG1  sing N N 379 
VAL CB  CG2  sing N N 380 
VAL CB  HB   sing N N 381 
VAL CG1 HG11 sing N N 382 
VAL CG1 HG12 sing N N 383 
VAL CG1 HG13 sing N N 384 
VAL CG2 HG21 sing N N 385 
VAL CG2 HG22 sing N N 386 
VAL CG2 HG23 sing N N 387 
VAL OXT HXT  sing N N 388 
# 
loop_
_pdbx_entity_nonpoly.entity_id 
_pdbx_entity_nonpoly.name 
_pdbx_entity_nonpoly.comp_id 
3 GLYCEROL GOL 
4 water    HOH 
# 
_pdbx_initial_refinement_model.id               1 
_pdbx_initial_refinement_model.entity_id_list   ? 
_pdbx_initial_refinement_model.type             'experimental model' 
_pdbx_initial_refinement_model.source_name      PDB 
_pdbx_initial_refinement_model.accession_code   3TWU 
_pdbx_initial_refinement_model.details          ? 
# 
